data_4NAS
#
_entry.id   4NAS
#
_cell.length_a   56.763
_cell.length_b   175.671
_cell.length_c   83.653
_cell.angle_alpha   90.00
_cell.angle_beta   107.67
_cell.angle_gamma   90.00
#
_symmetry.space_group_name_H-M   'P 1 21 1'
#
loop_
_entity.id
_entity.type
_entity.pdbx_description
1 polymer 'Ribulose-bisphosphate carboxylase'
2 non-polymer GLYCEROL
3 non-polymer 'FORMIC ACID'
4 non-polymer 'CALCIUM ION'
5 non-polymer 'CHLORIDE ION'
6 water water
#
_entity_poly.entity_id   1
_entity_poly.type   'polypeptide(L)'
_entity_poly.pdbx_seq_one_letter_code
;SNANQDSSPRDAVVATYRLRDRKDKLEARAEGIAVGLTIGTWTDLPAARKSEVAKHCGRVEGIRVLDERPDGDVVAEIDI
AYPVANLNGTFASLLVTVFGKLS(MSE)DGEIRLERLQ(MSE)PDELVRQFPGPKFGVEGVRRRLGAYNRPLV(MSE)SI
FKACAGLTLDELVEAFGEQAEGGVDLV(KCX)DDEIFFTEAYATPEDRVRAYAAKADEIAQRTGRRTAYAVNLTGPVHSL
RERARRLAELGAGALLVNVVAYGYDVVADLARDPDVDVPILAHPAVSGALYGSPNYGIAADIVLGQL(MSE)RLAGADIG
IFPS(MSE)YGSVTLGREATDRLLQHLRAEGPHKPVLPAPSAGIYPGLVPRLYQDFGVDLVLNAGGGIHGHPGGAR
(MSE)GGRAFFDAIWAVEHGVPLEEAAKDRPALRQALEKWG
;
_entity_poly.pdbx_strand_id   A,B,C,D
#
# COMPACT_ATOMS: atom_id res chain seq x y z
N SER A 8 20.06 -7.64 -6.22
CA SER A 8 18.99 -6.65 -6.30
C SER A 8 17.97 -6.86 -5.18
N PRO A 9 17.90 -5.89 -4.24
CA PRO A 9 17.03 -5.91 -3.06
C PRO A 9 15.56 -6.15 -3.37
N ARG A 10 14.89 -6.93 -2.54
CA ARG A 10 13.48 -7.24 -2.72
C ARG A 10 12.58 -6.01 -2.57
N ASP A 11 13.09 -4.95 -1.93
CA ASP A 11 12.23 -3.81 -1.58
C ASP A 11 12.47 -2.57 -2.44
N ALA A 12 13.32 -2.69 -3.47
CA ALA A 12 13.72 -1.51 -4.23
C ALA A 12 14.00 -1.75 -5.72
N VAL A 13 13.79 -0.73 -6.53
CA VAL A 13 14.30 -0.75 -7.90
C VAL A 13 15.74 -0.21 -7.86
N VAL A 14 16.66 -0.97 -8.45
CA VAL A 14 18.06 -0.56 -8.51
C VAL A 14 18.35 -0.12 -9.93
N ALA A 15 18.71 1.15 -10.07
CA ALA A 15 19.05 1.72 -11.36
C ALA A 15 20.56 1.87 -11.44
N THR A 16 21.10 1.57 -12.60
CA THR A 16 22.52 1.74 -12.86
C THR A 16 22.68 2.91 -13.81
N TYR A 17 23.59 3.82 -13.48
CA TYR A 17 23.82 4.99 -14.31
C TYR A 17 25.27 4.95 -14.76
N ARG A 18 25.50 5.24 -16.04
CA ARG A 18 26.85 5.55 -16.51
C ARG A 18 26.98 7.07 -16.54
N LEU A 19 28.05 7.58 -15.96
CA LEU A 19 28.20 9.03 -15.85
C LEU A 19 29.67 9.43 -15.82
N ARG A 20 29.91 10.72 -16.06
CA ARG A 20 31.25 11.26 -16.00
C ARG A 20 31.32 12.27 -14.87
N ASP A 21 32.34 12.14 -14.02
CA ASP A 21 32.55 13.10 -12.94
C ASP A 21 34.00 13.04 -12.46
N ARG A 22 34.38 13.94 -11.57
CA ARG A 22 35.67 13.86 -10.91
C ARG A 22 35.67 12.66 -9.99
N LYS A 23 36.82 11.99 -9.93
CA LYS A 23 37.00 10.75 -9.15
C LYS A 23 36.54 10.91 -7.72
N ASP A 24 37.07 11.92 -7.07
CA ASP A 24 36.85 12.15 -5.64
C ASP A 24 35.45 12.67 -5.34
N LYS A 25 34.65 12.86 -6.38
CA LYS A 25 33.32 13.43 -6.22
C LYS A 25 32.24 12.36 -6.23
N LEU A 26 32.60 11.14 -6.61
CA LEU A 26 31.63 10.07 -6.84
C LEU A 26 30.81 9.70 -5.62
N GLU A 27 31.45 9.51 -4.48
CA GLU A 27 30.71 9.11 -3.28
C GLU A 27 29.71 10.17 -2.87
N ALA A 28 30.15 11.43 -2.88
CA ALA A 28 29.29 12.55 -2.51
C ALA A 28 28.12 12.67 -3.45
N ARG A 29 28.39 12.50 -4.74
CA ARG A 29 27.32 12.63 -5.71
C ARG A 29 26.33 11.49 -5.60
N ALA A 30 26.84 10.27 -5.42
CA ALA A 30 25.99 9.10 -5.26
C ALA A 30 25.10 9.22 -4.02
N GLU A 31 25.71 9.57 -2.89
CA GLU A 31 24.96 9.71 -1.64
C GLU A 31 23.86 10.77 -1.76
N GLY A 32 24.16 11.88 -2.43
CA GLY A 32 23.22 12.98 -2.60
C GLY A 32 22.05 12.60 -3.48
N ILE A 33 22.33 11.78 -4.49
CA ILE A 33 21.29 11.24 -5.34
C ILE A 33 20.37 10.33 -4.53
N ALA A 34 20.99 9.43 -3.77
CA ALA A 34 20.24 8.44 -3.02
C ALA A 34 19.26 9.12 -2.08
N VAL A 35 19.72 10.18 -1.42
CA VAL A 35 18.86 10.92 -0.48
C VAL A 35 17.92 11.86 -1.25
N GLY A 36 18.49 12.68 -2.12
CA GLY A 36 17.77 13.76 -2.78
C GLY A 36 16.58 13.31 -3.60
N LEU A 37 16.66 12.11 -4.16
CA LEU A 37 15.59 11.60 -5.01
CA LEU A 37 15.60 11.59 -5.02
C LEU A 37 14.68 10.60 -4.31
N THR A 38 14.75 10.53 -2.99
CA THR A 38 13.83 9.68 -2.24
C THR A 38 13.10 10.49 -1.18
N ILE A 39 13.81 10.90 -0.13
CA ILE A 39 13.20 11.72 0.92
C ILE A 39 13.43 13.23 0.76
N GLY A 40 14.35 13.60 -0.12
CA GLY A 40 14.73 15.00 -0.27
C GLY A 40 15.87 15.38 0.66
N THR A 41 15.57 15.40 1.96
CA THR A 41 16.57 15.65 2.97
C THR A 41 16.07 15.15 4.32
N TRP A 42 16.98 14.99 5.27
CA TRP A 42 16.63 14.54 6.60
C TRP A 42 16.02 15.68 7.41
N ALA A 48 12.55 10.14 17.31
CA ALA A 48 12.75 8.74 16.91
C ALA A 48 11.99 8.46 15.64
N ARG A 49 11.63 9.54 14.94
CA ARG A 49 10.93 9.46 13.67
C ARG A 49 11.82 8.98 12.52
N LYS A 50 13.13 8.84 12.77
CA LYS A 50 14.07 8.54 11.70
C LYS A 50 13.83 7.17 11.10
N SER A 51 13.80 6.14 11.96
CA SER A 51 13.61 4.76 11.51
C SER A 51 12.29 4.56 10.76
N GLU A 52 11.34 5.46 10.99
CA GLU A 52 10.07 5.44 10.29
C GLU A 52 10.25 5.90 8.84
N VAL A 53 10.92 7.03 8.67
CA VAL A 53 11.08 7.60 7.33
C VAL A 53 12.26 6.95 6.61
N ALA A 54 13.14 6.30 7.38
CA ALA A 54 14.31 5.63 6.81
C ALA A 54 13.90 4.57 5.79
N LYS A 55 12.66 4.07 5.93
CA LYS A 55 12.09 3.08 5.04
C LYS A 55 11.88 3.65 3.62
N HIS A 56 11.88 4.97 3.50
CA HIS A 56 11.67 5.62 2.21
C HIS A 56 12.97 6.13 1.61
N CYS A 57 14.05 6.04 2.37
CA CYS A 57 15.32 6.57 1.90
C CYS A 57 16.02 5.59 0.94
N GLY A 58 16.63 6.13 -0.10
CA GLY A 58 17.38 5.31 -1.04
C GLY A 58 18.76 5.03 -0.52
N ARG A 59 19.53 4.27 -1.29
CA ARG A 59 20.88 3.96 -0.87
C ARG A 59 21.74 3.64 -2.08
N VAL A 60 23.05 3.84 -1.91
CA VAL A 60 24.02 3.56 -2.94
C VAL A 60 24.39 2.09 -2.83
N GLU A 61 24.27 1.37 -3.93
CA GLU A 61 24.52 -0.06 -3.94
C GLU A 61 25.70 -0.48 -4.79
N GLY A 62 26.35 0.48 -5.44
CA GLY A 62 27.56 0.17 -6.18
C GLY A 62 28.17 1.44 -6.74
N ILE A 63 29.49 1.53 -6.70
CA ILE A 63 30.20 2.55 -7.46
C ILE A 63 31.36 1.88 -8.17
N ARG A 64 31.35 1.92 -9.50
CA ARG A 64 32.39 1.23 -10.27
C ARG A 64 33.08 2.18 -11.24
N VAL A 65 34.40 2.30 -11.14
CA VAL A 65 35.13 3.10 -12.12
C VAL A 65 35.45 2.34 -13.40
N LEU A 66 35.04 2.90 -14.54
CA LEU A 66 35.24 2.26 -15.83
C LEU A 66 36.50 2.76 -16.55
N ASP A 67 36.74 4.07 -16.53
CA ASP A 67 37.88 4.64 -17.25
C ASP A 67 38.38 5.96 -16.65
N GLU A 68 39.70 6.04 -16.49
CA GLU A 68 40.32 7.22 -15.90
C GLU A 68 40.84 8.16 -17.00
N ARG A 69 40.48 9.43 -16.90
CA ARG A 69 40.91 10.41 -17.89
C ARG A 69 42.08 11.23 -17.36
N PRO A 70 42.92 11.73 -18.27
CA PRO A 70 44.03 12.59 -17.85
C PRO A 70 43.54 13.97 -17.38
N ASP A 71 42.29 14.31 -17.65
CA ASP A 71 41.70 15.55 -17.14
C ASP A 71 41.17 15.38 -15.72
N GLY A 72 41.50 14.23 -15.11
CA GLY A 72 41.11 13.96 -13.75
C GLY A 72 39.71 13.42 -13.61
N ASP A 73 38.98 13.37 -14.74
CA ASP A 73 37.63 12.81 -14.78
C ASP A 73 37.64 11.29 -14.82
N VAL A 74 36.52 10.71 -14.42
CA VAL A 74 36.34 9.28 -14.57
C VAL A 74 35.00 9.02 -15.25
N VAL A 75 34.93 7.96 -16.06
CA VAL A 75 33.63 7.42 -16.45
C VAL A 75 33.35 6.31 -15.44
N ALA A 76 32.15 6.30 -14.88
CA ALA A 76 31.81 5.37 -13.82
C ALA A 76 30.36 4.92 -13.93
N GLU A 77 30.08 3.78 -13.31
CA GLU A 77 28.71 3.36 -13.03
C GLU A 77 28.40 3.48 -11.54
N ILE A 78 27.18 3.92 -11.22
CA ILE A 78 26.70 3.99 -9.86
C ILE A 78 25.34 3.33 -9.83
N ASP A 79 25.09 2.50 -8.80
CA ASP A 79 23.81 1.80 -8.64
C ASP A 79 23.08 2.47 -7.48
N ILE A 80 21.82 2.83 -7.68
CA ILE A 80 21.05 3.44 -6.60
C ILE A 80 19.80 2.62 -6.40
N ALA A 81 19.49 2.33 -5.14
CA ALA A 81 18.31 1.58 -4.78
C ALA A 81 17.19 2.53 -4.38
N TYR A 82 16.06 2.48 -5.10
CA TYR A 82 14.92 3.36 -4.87
C TYR A 82 13.79 2.53 -4.26
N PRO A 83 13.41 2.82 -2.99
CA PRO A 83 12.35 1.99 -2.38
C PRO A 83 11.06 2.00 -3.19
N VAL A 84 10.52 0.81 -3.41
CA VAL A 84 9.27 0.67 -4.17
C VAL A 84 8.12 1.41 -3.48
N ALA A 85 8.21 1.55 -2.16
CA ALA A 85 7.20 2.25 -1.39
C ALA A 85 7.00 3.71 -1.83
N ASN A 86 8.01 4.31 -2.44
CA ASN A 86 7.88 5.68 -2.91
C ASN A 86 7.19 5.80 -4.28
N LEU A 87 6.96 4.68 -4.95
CA LEU A 87 6.30 4.69 -6.28
C LEU A 87 4.79 4.45 -6.19
N ASN A 88 4.06 4.72 -7.26
CA ASN A 88 2.59 4.57 -7.22
C ASN A 88 2.01 3.65 -8.29
N GLY A 89 2.83 2.79 -8.88
CA GLY A 89 2.35 1.87 -9.93
C GLY A 89 2.24 2.39 -11.36
N THR A 90 2.74 3.59 -11.61
CA THR A 90 2.70 4.17 -12.96
C THR A 90 4.12 4.32 -13.52
N PHE A 91 4.25 4.29 -14.84
CA PHE A 91 5.51 4.62 -15.49
C PHE A 91 5.98 6.03 -15.17
N ALA A 92 5.04 6.91 -14.89
CA ALA A 92 5.42 8.28 -14.62
C ALA A 92 6.19 8.33 -13.30
N SER A 93 5.75 7.55 -12.32
CA SER A 93 6.43 7.54 -11.02
C SER A 93 7.80 6.88 -11.12
N LEU A 94 7.87 5.84 -11.94
CA LEU A 94 9.13 5.18 -12.16
C LEU A 94 10.14 6.07 -12.89
N LEU A 95 9.74 6.62 -14.03
CA LEU A 95 10.68 7.40 -14.84
C LEU A 95 11.12 8.69 -14.15
N VAL A 96 10.17 9.44 -13.62
CA VAL A 96 10.50 10.68 -12.88
C VAL A 96 11.42 10.41 -11.69
N THR A 97 11.25 9.26 -11.04
CA THR A 97 12.09 8.91 -9.89
C THR A 97 13.53 8.56 -10.31
N VAL A 98 13.67 7.57 -11.18
CA VAL A 98 15.02 7.12 -11.57
C VAL A 98 15.71 7.99 -12.61
N PHE A 99 14.97 8.84 -13.30
CA PHE A 99 15.59 9.63 -14.37
C PHE A 99 14.79 10.86 -14.76
N GLY A 100 14.30 11.58 -13.76
CA GLY A 100 13.57 12.82 -13.96
C GLY A 100 14.53 14.00 -13.91
N LYS A 101 14.76 14.54 -12.71
CA LYS A 101 15.73 15.61 -12.53
C LYS A 101 17.14 15.13 -12.88
N LEU A 102 17.41 13.86 -12.63
CA LEU A 102 18.72 13.29 -12.89
C LEU A 102 19.09 13.30 -14.39
N SER A 103 18.10 13.17 -15.27
CA SER A 103 18.32 13.12 -16.71
C SER A 103 19.01 14.39 -17.22
N ASP A 105 21.35 16.15 -15.52
CA ASP A 105 22.59 16.48 -14.80
C ASP A 105 23.85 16.18 -15.64
N GLY A 106 23.92 16.73 -16.86
CA GLY A 106 25.11 16.54 -17.69
C GLY A 106 25.23 15.17 -18.33
N GLU A 107 26.46 14.67 -18.45
CA GLU A 107 26.72 13.37 -19.07
C GLU A 107 26.33 12.24 -18.11
N ILE A 108 25.14 11.69 -18.30
CA ILE A 108 24.66 10.58 -17.49
C ILE A 108 23.63 9.83 -18.30
N ARG A 109 23.62 8.51 -18.16
CA ARG A 109 22.76 7.68 -18.98
C ARG A 109 22.22 6.54 -18.13
N LEU A 110 20.92 6.28 -18.25
CA LEU A 110 20.31 5.14 -17.55
C LEU A 110 20.54 3.82 -18.28
N GLU A 111 21.33 2.93 -17.66
CA GLU A 111 21.81 1.71 -18.31
C GLU A 111 21.05 0.46 -17.94
N ARG A 112 20.44 0.45 -16.75
CA ARG A 112 19.82 -0.78 -16.29
C ARG A 112 18.84 -0.47 -15.19
N LEU A 113 17.76 -1.23 -15.15
CA LEU A 113 16.82 -1.20 -14.02
C LEU A 113 16.58 -2.62 -13.56
N GLN A 114 16.90 -2.90 -12.31
CA GLN A 114 16.56 -4.20 -11.76
C GLN A 114 15.34 -4.03 -10.87
N PRO A 116 12.01 -5.51 -8.77
CA PRO A 116 11.49 -6.70 -8.10
C PRO A 116 10.14 -7.13 -8.68
N ASP A 117 9.75 -8.38 -8.48
CA ASP A 117 8.48 -8.89 -8.98
C ASP A 117 7.30 -8.11 -8.42
N GLU A 118 7.45 -7.66 -7.19
CA GLU A 118 6.40 -6.89 -6.53
C GLU A 118 6.13 -5.59 -7.28
N LEU A 119 7.15 -5.03 -7.91
CA LEU A 119 6.95 -3.83 -8.72
C LEU A 119 6.40 -4.19 -10.10
N VAL A 120 7.00 -5.21 -10.71
CA VAL A 120 6.61 -5.65 -12.06
C VAL A 120 5.11 -5.95 -12.10
N ARG A 121 4.60 -6.58 -11.04
CA ARG A 121 3.19 -6.94 -10.98
C ARG A 121 2.25 -5.75 -10.80
N GLN A 122 2.80 -4.56 -10.59
CA GLN A 122 1.99 -3.35 -10.52
C GLN A 122 1.62 -2.87 -11.94
N PHE A 123 2.34 -3.39 -12.94
CA PHE A 123 2.11 -3.09 -14.36
C PHE A 123 1.30 -4.21 -15.05
N PRO A 124 0.66 -3.89 -16.20
CA PRO A 124 -0.27 -4.89 -16.74
C PRO A 124 0.39 -6.08 -17.41
N GLY A 125 1.48 -5.87 -18.14
CA GLY A 125 2.04 -6.94 -18.95
C GLY A 125 1.19 -7.20 -20.18
N PRO A 126 1.69 -8.05 -21.09
CA PRO A 126 0.91 -8.40 -22.28
C PRO A 126 -0.38 -9.13 -21.92
N LYS A 127 -1.45 -8.83 -22.62
CA LYS A 127 -2.72 -9.50 -22.45
C LYS A 127 -2.64 -10.84 -23.16
N PHE A 128 -1.98 -10.87 -24.32
CA PHE A 128 -1.89 -12.09 -25.14
C PHE A 128 -0.52 -12.76 -25.04
N GLY A 129 0.53 -11.99 -25.34
CA GLY A 129 1.87 -12.53 -25.38
C GLY A 129 2.08 -13.45 -26.56
N VAL A 130 3.24 -14.11 -26.61
CA VAL A 130 3.59 -15.00 -27.70
C VAL A 130 2.49 -16.02 -27.91
N GLU A 131 2.13 -16.70 -26.83
CA GLU A 131 1.23 -17.83 -26.95
C GLU A 131 -0.18 -17.38 -27.31
N GLY A 132 -0.60 -16.25 -26.77
CA GLY A 132 -1.91 -15.70 -27.08
C GLY A 132 -2.05 -15.24 -28.53
N VAL A 133 -0.99 -14.65 -29.08
CA VAL A 133 -1.05 -14.21 -30.46
C VAL A 133 -1.12 -15.44 -31.41
N ARG A 134 -0.34 -16.47 -31.13
CA ARG A 134 -0.38 -17.71 -31.96
C ARG A 134 -1.75 -18.38 -31.98
N ARG A 135 -2.42 -18.44 -30.83
CA ARG A 135 -3.74 -19.06 -30.76
C ARG A 135 -4.78 -18.22 -31.49
N ARG A 136 -4.64 -16.91 -31.40
CA ARG A 136 -5.61 -16.01 -32.02
C ARG A 136 -5.53 -16.09 -33.54
N LEU A 137 -4.32 -16.26 -34.05
CA LEU A 137 -4.10 -16.36 -35.48
C LEU A 137 -4.13 -17.81 -35.95
N GLY A 138 -4.04 -18.74 -34.99
CA GLY A 138 -3.92 -20.16 -35.31
C GLY A 138 -2.65 -20.49 -36.08
N ALA A 139 -1.55 -19.83 -35.73
CA ALA A 139 -0.28 -20.03 -36.42
C ALA A 139 0.81 -20.53 -35.48
N TYR A 140 1.14 -21.81 -35.59
CA TYR A 140 2.05 -22.43 -34.65
C TYR A 140 3.27 -23.00 -35.32
N ASN A 141 4.33 -23.14 -34.52
CA ASN A 141 5.52 -23.89 -34.91
C ASN A 141 6.28 -23.24 -36.07
N ARG A 142 5.96 -21.98 -36.35
CA ARG A 142 6.68 -21.25 -37.39
C ARG A 142 6.71 -19.75 -37.11
N PRO A 143 7.65 -19.04 -37.76
CA PRO A 143 7.62 -17.59 -37.66
C PRO A 143 6.34 -17.06 -38.28
N LEU A 144 5.88 -15.91 -37.81
CA LEU A 144 4.76 -15.20 -38.43
C LEU A 144 5.29 -14.29 -39.54
N VAL A 145 4.50 -14.05 -40.57
CA VAL A 145 4.90 -13.16 -41.65
C VAL A 145 3.97 -11.94 -41.67
N SER A 147 3.32 -7.94 -43.27
CA SER A 147 3.61 -6.98 -44.32
C SER A 147 3.15 -5.60 -43.87
N ILE A 148 3.81 -4.57 -44.37
CA ILE A 148 3.47 -3.18 -44.06
C ILE A 148 2.96 -2.50 -45.31
N PHE A 149 1.88 -1.73 -45.18
CA PHE A 149 1.43 -0.88 -46.28
C PHE A 149 2.56 0.00 -46.77
N LYS A 150 2.69 0.10 -48.08
CA LYS A 150 3.76 0.91 -48.65
C LYS A 150 3.30 2.36 -48.83
N ALA A 151 2.00 2.58 -48.96
CA ALA A 151 1.49 3.94 -49.12
C ALA A 151 0.09 4.04 -48.55
N CYS A 152 -0.18 5.12 -47.81
CA CYS A 152 -1.45 5.29 -47.12
C CYS A 152 -2.06 6.68 -47.30
N ALA A 153 -1.32 7.71 -46.89
CA ALA A 153 -1.85 9.07 -46.88
C ALA A 153 -2.25 9.49 -48.30
N GLY A 154 -3.50 9.89 -48.45
CA GLY A 154 -3.97 10.39 -49.74
C GLY A 154 -4.63 9.39 -50.68
N LEU A 155 -4.52 8.10 -50.38
CA LEU A 155 -5.24 7.13 -51.21
C LEU A 155 -6.67 6.95 -50.69
N THR A 156 -7.56 6.56 -51.58
CA THR A 156 -8.96 6.39 -51.24
C THR A 156 -9.16 5.05 -50.56
N LEU A 157 -10.31 4.90 -49.90
CA LEU A 157 -10.65 3.64 -49.25
C LEU A 157 -10.58 2.44 -50.22
N ASP A 158 -11.11 2.62 -51.42
CA ASP A 158 -11.08 1.54 -52.39
C ASP A 158 -9.64 1.17 -52.79
N GLU A 159 -8.80 2.20 -52.99
CA GLU A 159 -7.40 1.98 -53.36
C GLU A 159 -6.67 1.29 -52.21
N LEU A 160 -7.08 1.62 -50.99
CA LEU A 160 -6.50 1.02 -49.80
C LEU A 160 -6.93 -0.44 -49.64
N VAL A 161 -8.18 -0.74 -50.00
CA VAL A 161 -8.71 -2.11 -49.94
C VAL A 161 -7.99 -3.02 -50.92
N GLU A 162 -7.80 -2.53 -52.14
CA GLU A 162 -7.03 -3.25 -53.15
C GLU A 162 -5.59 -3.52 -52.67
N ALA A 163 -4.96 -2.51 -52.08
CA ALA A 163 -3.61 -2.67 -51.53
C ALA A 163 -3.55 -3.76 -50.47
N PHE A 164 -4.47 -3.70 -49.51
CA PHE A 164 -4.53 -4.69 -48.46
C PHE A 164 -4.73 -6.09 -49.07
N GLY A 165 -5.57 -6.15 -50.10
CA GLY A 165 -5.81 -7.41 -50.79
C GLY A 165 -4.54 -8.04 -51.35
N GLU A 166 -3.72 -7.23 -51.98
CA GLU A 166 -2.50 -7.73 -52.63
C GLU A 166 -1.57 -8.38 -51.64
N GLN A 167 -1.40 -7.74 -50.49
CA GLN A 167 -0.62 -8.32 -49.42
C GLN A 167 -1.24 -9.58 -48.85
N ALA A 168 -2.56 -9.58 -48.67
CA ALA A 168 -3.22 -10.76 -48.13
C ALA A 168 -3.18 -11.94 -49.11
N GLU A 169 -3.24 -11.65 -50.41
CA GLU A 169 -3.15 -12.68 -51.44
C GLU A 169 -1.83 -13.46 -51.35
N GLY A 170 -0.83 -12.86 -50.72
CA GLY A 170 0.44 -13.53 -50.50
C GLY A 170 0.38 -14.48 -49.32
N GLY A 171 -0.77 -14.49 -48.63
CA GLY A 171 -1.01 -15.44 -47.56
C GLY A 171 -0.41 -15.07 -46.19
N VAL A 172 -0.02 -13.82 -46.02
CA VAL A 172 0.63 -13.36 -44.80
C VAL A 172 -0.30 -13.37 -43.59
N ASP A 173 0.31 -13.51 -42.42
CA ASP A 173 -0.47 -13.61 -41.19
C ASP A 173 -1.07 -12.26 -40.83
N LEU A 174 -0.32 -11.20 -41.11
CA LEU A 174 -0.61 -9.87 -40.56
C LEU A 174 -0.20 -8.75 -41.50
N VAL A 175 -1.07 -7.76 -41.68
CA VAL A 175 -0.73 -6.55 -42.43
C VAL A 175 -0.91 -5.36 -41.51
N ASP A 177 -0.84 -1.05 -40.84
CA ASP A 177 -0.74 0.33 -41.32
C ASP A 177 0.72 0.79 -41.22
N ASP A 178 1.12 1.71 -42.10
CA ASP A 178 2.37 2.44 -41.91
C ASP A 178 2.17 3.28 -40.62
N GLU A 179 3.19 3.40 -39.77
CA GLU A 179 2.93 4.06 -38.47
C GLU A 179 2.72 5.55 -38.61
N ILE A 180 2.95 6.07 -39.82
CA ILE A 180 2.77 7.50 -40.06
C ILE A 180 1.37 7.84 -40.55
N PHE A 181 0.48 6.86 -40.60
CA PHE A 181 -0.88 7.06 -41.14
C PHE A 181 -1.78 7.70 -40.07
N PHE A 182 -1.97 9.01 -40.20
CA PHE A 182 -2.81 9.76 -39.28
C PHE A 182 -4.06 10.34 -39.94
N THR A 183 -3.93 10.83 -41.17
CA THR A 183 -5.07 11.55 -41.76
C THR A 183 -6.29 10.65 -41.95
N GLU A 184 -7.45 11.11 -41.50
CA GLU A 184 -8.69 10.32 -41.65
C GLU A 184 -9.57 10.83 -42.75
N ALA A 185 -9.10 11.85 -43.47
CA ALA A 185 -9.87 12.49 -44.53
C ALA A 185 -10.36 11.57 -45.67
N TYR A 186 -9.65 10.49 -45.95
CA TYR A 186 -10.05 9.60 -47.06
C TYR A 186 -10.69 8.32 -46.56
N ALA A 187 -10.10 7.71 -45.54
CA ALA A 187 -10.62 6.46 -45.00
C ALA A 187 -10.40 6.40 -43.52
N THR A 188 -11.46 6.44 -42.73
CA THR A 188 -11.30 6.41 -41.28
C THR A 188 -10.78 5.04 -40.81
N PRO A 189 -10.15 5.01 -39.63
CA PRO A 189 -9.68 3.75 -39.06
C PRO A 189 -10.82 2.76 -38.92
N GLU A 190 -11.98 3.21 -38.42
CA GLU A 190 -13.17 2.37 -38.39
C GLU A 190 -13.52 1.80 -39.77
N ASP A 191 -13.52 2.64 -40.79
CA ASP A 191 -13.87 2.23 -42.16
C ASP A 191 -12.89 1.24 -42.78
N ARG A 192 -11.61 1.38 -42.42
CA ARG A 192 -10.56 0.53 -42.97
C ARG A 192 -10.70 -0.86 -42.37
N VAL A 193 -10.96 -0.90 -41.07
CA VAL A 193 -11.07 -2.17 -40.37
C VAL A 193 -12.27 -2.96 -40.92
N ARG A 194 -13.42 -2.31 -41.07
CA ARG A 194 -14.59 -2.96 -41.67
C ARG A 194 -14.28 -3.46 -43.08
N ALA A 195 -13.66 -2.63 -43.90
CA ALA A 195 -13.45 -3.01 -45.30
C ALA A 195 -12.33 -4.04 -45.44
N TYR A 196 -11.27 -3.92 -44.64
CA TYR A 196 -10.18 -4.89 -44.72
C TYR A 196 -10.60 -6.25 -44.19
N ALA A 197 -11.39 -6.25 -43.11
CA ALA A 197 -11.91 -7.51 -42.58
C ALA A 197 -12.74 -8.26 -43.64
N ALA A 198 -13.60 -7.54 -44.35
CA ALA A 198 -14.40 -8.14 -45.42
C ALA A 198 -13.54 -8.67 -46.57
N LYS A 199 -12.49 -7.95 -46.92
CA LYS A 199 -11.57 -8.36 -47.97
C LYS A 199 -10.81 -9.62 -47.56
N ALA A 200 -10.30 -9.62 -46.34
CA ALA A 200 -9.54 -10.77 -45.83
C ALA A 200 -10.34 -12.07 -45.90
N ASP A 201 -11.63 -11.97 -45.61
CA ASP A 201 -12.50 -13.15 -45.66
C ASP A 201 -12.72 -13.61 -47.09
N GLU A 202 -12.77 -12.67 -48.02
CA GLU A 202 -12.89 -13.05 -49.44
C GLU A 202 -11.64 -13.83 -49.87
N ILE A 203 -10.47 -13.32 -49.49
CA ILE A 203 -9.19 -13.91 -49.88
C ILE A 203 -8.90 -15.25 -49.20
N ALA A 204 -9.41 -15.43 -47.97
CA ALA A 204 -9.19 -16.66 -47.23
C ALA A 204 -9.80 -17.91 -47.88
N GLN A 205 -10.78 -17.74 -48.75
CA GLN A 205 -11.33 -18.93 -49.39
C GLN A 205 -10.46 -19.38 -50.56
N ARG A 206 -9.46 -18.56 -50.90
CA ARG A 206 -8.46 -18.96 -51.88
C ARG A 206 -7.11 -19.26 -51.22
N THR A 207 -6.81 -18.56 -50.13
CA THR A 207 -5.52 -18.76 -49.44
C THR A 207 -5.61 -19.68 -48.23
N GLY A 208 -6.82 -19.87 -47.70
CA GLY A 208 -7.01 -20.69 -46.51
C GLY A 208 -6.57 -19.98 -45.24
N ARG A 209 -6.30 -18.69 -45.35
CA ARG A 209 -5.88 -17.90 -44.20
C ARG A 209 -6.55 -16.54 -44.22
N ARG A 210 -7.14 -16.17 -43.09
CA ARG A 210 -7.71 -14.85 -42.95
C ARG A 210 -6.66 -13.92 -42.37
N THR A 211 -6.07 -13.12 -43.26
CA THR A 211 -5.01 -12.20 -42.91
C THR A 211 -5.53 -11.15 -41.94
N ALA A 212 -4.87 -11.02 -40.79
CA ALA A 212 -5.34 -10.07 -39.79
C ALA A 212 -4.82 -8.67 -40.13
N TYR A 213 -5.43 -7.67 -39.52
CA TYR A 213 -5.08 -6.28 -39.81
C TYR A 213 -4.70 -5.54 -38.51
N ALA A 214 -3.47 -5.03 -38.45
CA ALA A 214 -3.04 -4.19 -37.34
C ALA A 214 -3.23 -2.73 -37.75
N VAL A 215 -4.20 -2.04 -37.13
CA VAL A 215 -4.59 -0.69 -37.48
C VAL A 215 -3.87 0.32 -36.57
N ASN A 216 -3.42 1.43 -37.13
CA ASN A 216 -2.79 2.51 -36.36
C ASN A 216 -3.80 3.10 -35.40
N LEU A 217 -3.51 3.07 -34.11
CA LEU A 217 -4.42 3.64 -33.13
C LEU A 217 -4.06 5.11 -32.88
N THR A 218 -4.97 6.01 -33.24
CA THR A 218 -4.64 7.43 -33.30
C THR A 218 -5.75 8.31 -32.72
N GLY A 219 -5.43 9.58 -32.47
CA GLY A 219 -6.43 10.54 -31.98
C GLY A 219 -6.08 11.08 -30.60
N PRO A 220 -6.93 11.97 -30.05
CA PRO A 220 -6.60 12.49 -28.72
C PRO A 220 -6.60 11.40 -27.66
N VAL A 221 -5.91 11.63 -26.56
CA VAL A 221 -5.80 10.63 -25.52
C VAL A 221 -7.15 10.31 -24.86
N HIS A 222 -7.96 11.34 -24.66
CA HIS A 222 -9.23 11.17 -23.95
C HIS A 222 -10.22 10.23 -24.67
N SER A 223 -9.96 9.92 -25.92
CA SER A 223 -10.90 9.05 -26.62
C SER A 223 -10.24 7.80 -27.20
N LEU A 224 -8.99 7.55 -26.82
CA LEU A 224 -8.21 6.45 -27.37
C LEU A 224 -8.71 5.08 -26.90
N ARG A 225 -9.01 4.96 -25.60
CA ARG A 225 -9.51 3.68 -25.08
C ARG A 225 -10.84 3.32 -25.71
N GLU A 226 -11.74 4.29 -25.78
CA GLU A 226 -13.03 4.08 -26.42
C GLU A 226 -12.83 3.62 -27.86
N ARG A 227 -11.89 4.26 -28.55
CA ARG A 227 -11.63 3.90 -29.95
C ARG A 227 -10.98 2.51 -30.08
N ALA A 228 -10.07 2.19 -29.16
CA ALA A 228 -9.44 0.86 -29.19
C ALA A 228 -10.53 -0.24 -29.09
N ARG A 229 -11.44 -0.07 -28.16
CA ARG A 229 -12.58 -0.97 -28.01
C ARG A 229 -13.39 -1.11 -29.29
N ARG A 230 -13.75 0.02 -29.89
CA ARG A 230 -14.54 0.02 -31.12
C ARG A 230 -13.84 -0.76 -32.21
N LEU A 231 -12.55 -0.47 -32.41
CA LEU A 231 -11.77 -1.14 -33.45
C LEU A 231 -11.64 -2.64 -33.19
N ALA A 232 -11.46 -3.03 -31.92
CA ALA A 232 -11.46 -4.44 -31.55
C ALA A 232 -12.79 -5.09 -31.88
N GLU A 233 -13.87 -4.45 -31.46
CA GLU A 233 -15.22 -4.96 -31.72
C GLU A 233 -15.55 -5.03 -33.23
N LEU A 234 -14.94 -4.16 -34.01
CA LEU A 234 -15.15 -4.17 -35.47
C LEU A 234 -14.30 -5.24 -36.14
N GLY A 235 -13.32 -5.78 -35.42
CA GLY A 235 -12.56 -6.90 -35.90
C GLY A 235 -11.15 -6.64 -36.34
N ALA A 236 -10.52 -5.64 -35.75
CA ALA A 236 -9.09 -5.45 -35.96
C ALA A 236 -8.35 -6.65 -35.37
N GLY A 237 -7.26 -7.06 -36.02
CA GLY A 237 -6.50 -8.21 -35.56
C GLY A 237 -5.53 -7.74 -34.50
N ALA A 238 -5.18 -6.47 -34.58
CA ALA A 238 -4.29 -5.89 -33.61
C ALA A 238 -4.35 -4.37 -33.68
N LEU A 239 -3.86 -3.72 -32.64
CA LEU A 239 -3.70 -2.26 -32.63
C LEU A 239 -2.23 -1.92 -32.70
N LEU A 240 -1.86 -1.16 -33.73
CA LEU A 240 -0.52 -0.60 -33.86
C LEU A 240 -0.44 0.66 -33.01
N VAL A 241 0.51 0.69 -32.11
CA VAL A 241 0.60 1.82 -31.20
C VAL A 241 1.99 2.41 -31.19
N ASN A 242 2.06 3.71 -31.46
CA ASN A 242 3.28 4.49 -31.30
C ASN A 242 3.49 4.78 -29.82
N VAL A 243 3.97 3.78 -29.09
CA VAL A 243 3.97 3.79 -27.62
C VAL A 243 4.76 4.96 -27.01
N VAL A 244 5.98 5.17 -27.48
CA VAL A 244 6.80 6.27 -26.94
C VAL A 244 6.18 7.65 -27.16
N ALA A 245 5.58 7.87 -28.34
CA ALA A 245 4.91 9.13 -28.65
C ALA A 245 3.71 9.45 -27.74
N TYR A 246 2.92 8.43 -27.42
CA TYR A 246 1.74 8.64 -26.57
C TYR A 246 2.07 8.62 -25.07
N GLY A 247 3.10 7.86 -24.71
CA GLY A 247 3.51 7.68 -23.32
C GLY A 247 3.18 6.29 -22.83
N TYR A 248 4.04 5.69 -22.00
CA TYR A 248 3.79 4.32 -21.58
C TYR A 248 2.54 4.11 -20.73
N ASP A 249 2.21 5.08 -19.87
CA ASP A 249 1.00 4.95 -19.04
C ASP A 249 -0.28 4.97 -19.87
N VAL A 250 -0.33 5.82 -20.89
CA VAL A 250 -1.43 5.76 -21.85
C VAL A 250 -1.63 4.32 -22.33
N VAL A 251 -0.53 3.70 -22.75
CA VAL A 251 -0.58 2.34 -23.30
C VAL A 251 -0.88 1.27 -22.25
N ALA A 252 -0.36 1.45 -21.03
CA ALA A 252 -0.69 0.55 -19.93
C ALA A 252 -2.19 0.44 -19.66
N ASP A 253 -2.93 1.55 -19.76
CA ASP A 253 -4.40 1.51 -19.60
C ASP A 253 -5.06 0.62 -20.66
N LEU A 254 -4.49 0.62 -21.86
CA LEU A 254 -4.99 -0.19 -22.96
C LEU A 254 -4.82 -1.68 -22.65
N ALA A 255 -3.62 -2.06 -22.21
CA ALA A 255 -3.31 -3.45 -21.91
C ALA A 255 -4.08 -3.99 -20.70
N ARG A 256 -4.48 -3.09 -19.81
CA ARG A 256 -5.22 -3.50 -18.63
C ARG A 256 -6.72 -3.67 -18.91
N ASP A 257 -7.21 -3.04 -19.97
CA ASP A 257 -8.65 -3.04 -20.29
C ASP A 257 -9.15 -4.30 -21.03
N PRO A 258 -9.95 -5.14 -20.34
CA PRO A 258 -10.49 -6.38 -20.88
C PRO A 258 -11.30 -6.23 -22.19
N ASP A 259 -11.89 -5.06 -22.43
CA ASP A 259 -12.67 -4.84 -23.65
C ASP A 259 -11.78 -4.45 -24.83
N VAL A 260 -10.54 -4.06 -24.55
CA VAL A 260 -9.55 -3.92 -25.60
C VAL A 260 -8.96 -5.32 -25.80
N ASP A 261 -9.77 -6.18 -26.39
CA ASP A 261 -9.47 -7.60 -26.51
C ASP A 261 -8.80 -7.90 -27.83
N VAL A 262 -7.71 -7.20 -28.11
CA VAL A 262 -6.88 -7.51 -29.27
C VAL A 262 -5.43 -7.29 -28.88
N PRO A 263 -4.51 -7.95 -29.59
CA PRO A 263 -3.08 -7.75 -29.32
C PRO A 263 -2.64 -6.32 -29.58
N ILE A 264 -1.61 -5.90 -28.85
CA ILE A 264 -0.97 -4.63 -29.14
C ILE A 264 0.36 -4.84 -29.84
N LEU A 265 0.57 -4.09 -30.92
CA LEU A 265 1.79 -4.14 -31.71
C LEU A 265 2.54 -2.84 -31.40
N ALA A 266 3.67 -2.93 -30.71
CA ALA A 266 4.41 -1.72 -30.33
C ALA A 266 5.35 -1.24 -31.43
N HIS A 267 5.14 -0.02 -31.88
CA HIS A 267 6.08 0.58 -32.83
C HIS A 267 7.06 1.46 -32.08
N PRO A 268 8.34 1.40 -32.44
CA PRO A 268 9.36 2.15 -31.69
C PRO A 268 9.51 3.64 -32.04
N ALA A 269 8.57 4.22 -32.78
CA ALA A 269 8.76 5.59 -33.26
C ALA A 269 9.06 6.57 -32.12
N VAL A 270 10.05 7.46 -32.33
CA VAL A 270 10.52 8.49 -31.36
C VAL A 270 11.56 7.94 -30.37
N SER A 271 11.60 6.61 -30.23
CA SER A 271 12.54 5.98 -29.27
C SER A 271 14.03 6.32 -29.46
N GLY A 272 14.46 6.48 -30.69
CA GLY A 272 15.84 6.82 -30.97
C GLY A 272 16.25 8.14 -30.33
N ALA A 273 15.28 9.00 -30.08
CA ALA A 273 15.59 10.28 -29.48
C ALA A 273 16.08 10.06 -28.04
N LEU A 274 15.67 8.94 -27.42
CA LEU A 274 16.09 8.58 -26.05
C LEU A 274 17.39 7.75 -25.93
N TYR A 275 17.62 6.83 -26.86
CA TYR A 275 18.73 5.87 -26.77
C TYR A 275 19.89 6.11 -27.75
N GLY A 276 19.69 6.94 -28.78
CA GLY A 276 20.65 7.08 -29.87
C GLY A 276 22.06 7.41 -29.44
N SER A 277 22.22 8.35 -28.51
CA SER A 277 23.56 8.74 -28.08
C SER A 277 24.16 7.70 -27.16
N PRO A 278 25.48 7.49 -27.24
CA PRO A 278 26.15 6.53 -26.34
C PRO A 278 26.28 7.02 -24.89
N ASN A 279 26.25 8.33 -24.69
CA ASN A 279 26.60 8.89 -23.37
C ASN A 279 25.47 9.56 -22.58
N TYR A 280 24.29 9.63 -23.21
CA TYR A 280 23.10 10.30 -22.64
C TYR A 280 21.86 9.44 -22.80
N GLY A 281 20.75 9.84 -22.19
CA GLY A 281 19.48 9.16 -22.37
C GLY A 281 19.32 7.83 -21.65
N ILE A 282 18.59 6.91 -22.28
CA ILE A 282 18.18 5.63 -21.67
C ILE A 282 18.47 4.52 -22.67
N ALA A 283 19.14 3.44 -22.23
CA ALA A 283 19.50 2.30 -23.10
C ALA A 283 18.34 1.74 -23.91
N ALA A 284 18.61 1.31 -25.14
CA ALA A 284 17.54 0.89 -26.05
C ALA A 284 16.80 -0.33 -25.52
N ASP A 285 17.51 -1.23 -24.85
CA ASP A 285 16.85 -2.42 -24.33
C ASP A 285 15.80 -2.05 -23.26
N ILE A 286 16.02 -0.94 -22.57
CA ILE A 286 15.04 -0.51 -21.57
C ILE A 286 13.83 0.08 -22.29
N VAL A 287 14.09 1.00 -23.20
CA VAL A 287 13.03 1.70 -23.90
C VAL A 287 12.15 0.80 -24.81
N LEU A 288 12.80 -0.11 -25.53
CA LEU A 288 12.12 -0.94 -26.54
C LEU A 288 11.93 -2.40 -26.09
N GLY A 289 12.44 -2.74 -24.92
CA GLY A 289 12.30 -4.08 -24.39
C GLY A 289 11.66 -4.15 -23.03
N GLN A 290 12.40 -3.75 -22.00
CA GLN A 290 11.91 -3.88 -20.62
C GLN A 290 10.60 -3.11 -20.43
N LEU A 291 10.58 -1.84 -20.79
CA LEU A 291 9.41 -1.01 -20.62
C LEU A 291 8.20 -1.45 -21.48
N ARG A 293 7.29 -4.57 -22.53
CA ARG A 293 6.62 -5.72 -21.96
C ARG A 293 5.76 -5.33 -20.75
N LEU A 294 6.31 -4.51 -19.84
CA LEU A 294 5.53 -3.97 -18.71
C LEU A 294 4.28 -3.22 -19.18
N ALA A 295 4.41 -2.50 -20.29
CA ALA A 295 3.31 -1.67 -20.77
C ALA A 295 2.26 -2.50 -21.51
N GLY A 296 2.62 -3.71 -21.92
CA GLY A 296 1.67 -4.63 -22.53
C GLY A 296 1.74 -4.91 -24.03
N ALA A 297 2.86 -4.59 -24.67
CA ALA A 297 3.08 -4.98 -26.07
C ALA A 297 3.03 -6.50 -26.16
N ASP A 298 2.26 -7.01 -27.13
CA ASP A 298 2.30 -8.44 -27.44
C ASP A 298 3.35 -8.77 -28.50
N ILE A 299 3.54 -7.83 -29.43
CA ILE A 299 4.61 -7.92 -30.43
C ILE A 299 5.38 -6.61 -30.39
N GLY A 300 6.71 -6.70 -30.39
CA GLY A 300 7.56 -5.53 -30.25
C GLY A 300 8.50 -5.33 -31.42
N ILE A 301 8.34 -4.19 -32.10
CA ILE A 301 9.14 -3.82 -33.26
C ILE A 301 10.38 -3.07 -32.80
N PHE A 302 11.54 -3.49 -33.29
CA PHE A 302 12.80 -2.85 -32.96
C PHE A 302 13.78 -3.10 -34.12
N PRO A 303 14.76 -2.20 -34.33
CA PRO A 303 15.77 -2.37 -35.39
C PRO A 303 16.54 -3.67 -35.31
N SER A 304 16.60 -4.40 -36.41
CA SER A 304 17.34 -5.64 -36.46
C SER A 304 18.82 -5.35 -36.51
N TYR A 306 20.45 -6.24 -39.08
CA TYR A 306 20.75 -6.42 -40.52
C TYR A 306 20.46 -5.20 -41.40
N GLY A 307 19.98 -4.13 -40.81
CA GLY A 307 19.85 -2.88 -41.53
C GLY A 307 21.09 -2.01 -41.34
N SER A 308 21.04 -0.80 -41.90
CA SER A 308 22.14 0.17 -41.82
C SER A 308 22.50 0.59 -40.40
N VAL A 309 21.49 0.85 -39.57
CA VAL A 309 21.74 1.23 -38.20
C VAL A 309 21.07 0.22 -37.30
N THR A 310 21.84 -0.35 -36.37
CA THR A 310 21.34 -1.40 -35.50
C THR A 310 21.23 -0.86 -34.07
N LEU A 311 20.94 -1.72 -33.11
CA LEU A 311 21.02 -1.30 -31.72
C LEU A 311 22.39 -1.66 -31.19
N GLY A 312 23.14 -2.38 -32.01
CA GLY A 312 24.37 -3.01 -31.60
C GLY A 312 24.03 -4.36 -30.99
N ARG A 313 24.96 -5.30 -31.11
CA ARG A 313 24.84 -6.65 -30.57
C ARG A 313 24.37 -6.74 -29.12
N GLU A 314 25.09 -6.04 -28.24
CA GLU A 314 24.82 -6.14 -26.81
C GLU A 314 23.43 -5.66 -26.46
N ALA A 315 23.01 -4.54 -27.03
CA ALA A 315 21.70 -4.01 -26.70
C ALA A 315 20.60 -4.95 -27.18
N THR A 316 20.80 -5.47 -28.38
CA THR A 316 19.85 -6.38 -29.01
C THR A 316 19.65 -7.66 -28.18
N ASP A 317 20.75 -8.27 -27.75
CA ASP A 317 20.67 -9.43 -26.85
C ASP A 317 19.96 -9.07 -25.53
N ARG A 318 20.21 -7.89 -25.00
CA ARG A 318 19.55 -7.46 -23.77
C ARG A 318 18.05 -7.25 -24.02
N LEU A 319 17.72 -6.61 -25.13
CA LEU A 319 16.33 -6.37 -25.47
C LEU A 319 15.56 -7.70 -25.59
N LEU A 320 16.09 -8.62 -26.38
CA LEU A 320 15.44 -9.91 -26.57
C LEU A 320 15.26 -10.63 -25.22
N GLN A 321 16.22 -10.50 -24.33
CA GLN A 321 16.10 -11.10 -23.01
C GLN A 321 14.93 -10.50 -22.21
N HIS A 322 14.76 -9.18 -22.26
CA HIS A 322 13.65 -8.51 -21.56
C HIS A 322 12.31 -9.02 -22.04
N LEU A 323 12.23 -9.30 -23.34
CA LEU A 323 11.01 -9.77 -23.96
C LEU A 323 10.69 -11.20 -23.58
N ARG A 324 11.72 -11.98 -23.31
CA ARG A 324 11.54 -13.44 -23.16
C ARG A 324 11.76 -14.00 -21.76
N ALA A 325 12.50 -13.30 -20.91
CA ALA A 325 12.88 -13.90 -19.63
C ALA A 325 11.64 -14.31 -18.84
N GLU A 326 11.66 -15.51 -18.26
CA GLU A 326 10.53 -15.96 -17.44
C GLU A 326 10.33 -14.96 -16.31
N GLY A 327 9.08 -14.64 -16.04
CA GLY A 327 8.73 -13.68 -15.01
C GLY A 327 7.22 -13.65 -14.82
N PRO A 328 6.72 -12.65 -14.07
CA PRO A 328 5.29 -12.47 -13.81
C PRO A 328 4.45 -12.30 -15.08
N HIS A 329 5.01 -11.63 -16.08
CA HIS A 329 4.25 -11.33 -17.29
C HIS A 329 4.54 -12.33 -18.40
N LYS A 330 3.64 -12.36 -19.38
CA LYS A 330 3.80 -13.18 -20.60
C LYS A 330 4.92 -12.65 -21.46
N PRO A 331 5.55 -13.54 -22.25
CA PRO A 331 6.63 -13.10 -23.14
C PRO A 331 6.08 -12.37 -24.35
N VAL A 332 6.92 -11.53 -24.94
CA VAL A 332 6.58 -10.75 -26.13
C VAL A 332 7.21 -11.36 -27.39
N LEU A 333 6.50 -11.30 -28.53
CA LEU A 333 7.06 -11.71 -29.82
C LEU A 333 7.92 -10.59 -30.41
N PRO A 334 9.18 -10.90 -30.80
CA PRO A 334 10.01 -9.87 -31.44
C PRO A 334 9.72 -9.72 -32.95
N ALA A 335 9.73 -8.47 -33.42
CA ALA A 335 9.55 -8.15 -34.83
C ALA A 335 10.69 -7.26 -35.31
N PRO A 336 11.89 -7.84 -35.49
CA PRO A 336 13.07 -7.06 -35.88
C PRO A 336 12.84 -6.42 -37.25
N SER A 337 13.26 -5.16 -37.43
CA SER A 337 13.00 -4.47 -38.69
C SER A 337 14.27 -4.00 -39.40
N ALA A 338 14.17 -3.82 -40.72
CA ALA A 338 15.26 -3.47 -41.65
C ALA A 338 16.04 -4.66 -42.17
N GLY A 339 16.17 -4.74 -43.49
CA GLY A 339 16.97 -5.78 -44.12
C GLY A 339 16.31 -7.14 -44.09
N ILE A 340 14.99 -7.14 -43.90
CA ILE A 340 14.25 -8.40 -43.81
C ILE A 340 13.84 -8.89 -45.21
N TYR A 341 14.59 -9.84 -45.76
CA TYR A 341 14.27 -10.43 -47.06
C TYR A 341 14.28 -11.94 -46.94
N PRO A 342 13.64 -12.63 -47.89
CA PRO A 342 13.55 -14.09 -47.78
C PRO A 342 14.90 -14.74 -47.61
N GLY A 343 15.93 -14.18 -48.24
CA GLY A 343 17.27 -14.73 -48.15
C GLY A 343 17.84 -14.73 -46.74
N LEU A 344 17.29 -13.89 -45.87
CA LEU A 344 17.78 -13.79 -44.50
C LEU A 344 17.07 -14.77 -43.54
N VAL A 345 15.98 -15.39 -44.00
CA VAL A 345 15.16 -16.22 -43.12
C VAL A 345 15.92 -17.29 -42.32
N PRO A 346 16.84 -18.04 -42.96
CA PRO A 346 17.58 -19.03 -42.15
C PRO A 346 18.37 -18.42 -41.00
N ARG A 347 19.10 -17.34 -41.27
CA ARG A 347 19.77 -16.56 -40.24
C ARG A 347 18.82 -16.08 -39.13
N LEU A 348 17.64 -15.60 -39.51
CA LEU A 348 16.68 -15.11 -38.53
C LEU A 348 16.16 -16.26 -37.70
N TYR A 349 16.07 -17.43 -38.30
CA TYR A 349 15.73 -18.63 -37.53
C TYR A 349 16.80 -18.89 -36.48
N GLN A 350 18.06 -18.81 -36.90
CA GLN A 350 19.14 -19.08 -35.97
C GLN A 350 19.20 -18.07 -34.80
N ASP A 351 18.86 -16.81 -35.09
CA ASP A 351 18.99 -15.77 -34.08
C ASP A 351 17.76 -15.79 -33.17
N PHE A 352 16.58 -16.05 -33.74
CA PHE A 352 15.36 -15.87 -32.99
C PHE A 352 14.55 -17.14 -32.67
N GLY A 353 14.83 -18.24 -33.38
CA GLY A 353 13.98 -19.40 -33.23
C GLY A 353 12.61 -19.11 -33.83
N VAL A 354 11.62 -19.96 -33.58
CA VAL A 354 10.33 -19.78 -34.27
C VAL A 354 9.43 -18.70 -33.68
N ASP A 355 9.76 -18.25 -32.47
CA ASP A 355 8.98 -17.16 -31.87
C ASP A 355 9.53 -15.86 -32.42
N LEU A 356 9.07 -15.54 -33.63
CA LEU A 356 9.56 -14.39 -34.37
C LEU A 356 8.49 -13.96 -35.35
N VAL A 357 8.33 -12.65 -35.50
CA VAL A 357 7.55 -12.11 -36.60
C VAL A 357 8.55 -11.58 -37.63
N LEU A 358 8.40 -12.07 -38.85
CA LEU A 358 9.16 -11.60 -40.00
C LEU A 358 8.51 -10.31 -40.52
N ASN A 359 9.20 -9.19 -40.30
CA ASN A 359 8.60 -7.88 -40.41
C ASN A 359 9.12 -7.25 -41.69
N ALA A 360 8.38 -7.47 -42.78
CA ALA A 360 8.86 -7.04 -44.08
C ALA A 360 8.09 -5.86 -44.65
N GLY A 361 8.81 -4.83 -45.08
CA GLY A 361 8.21 -3.78 -45.87
C GLY A 361 8.69 -3.91 -47.30
N GLY A 362 9.87 -3.38 -47.56
CA GLY A 362 10.48 -3.50 -48.88
C GLY A 362 10.62 -4.95 -49.33
N GLY A 363 10.76 -5.87 -48.38
CA GLY A 363 10.95 -7.27 -48.72
C GLY A 363 9.75 -7.82 -49.45
N ILE A 364 8.60 -7.19 -49.27
CA ILE A 364 7.37 -7.66 -49.87
C ILE A 364 6.99 -6.86 -51.11
N HIS A 365 6.99 -5.53 -50.98
CA HIS A 365 6.56 -4.66 -52.07
C HIS A 365 7.63 -4.46 -53.13
N GLY A 366 8.87 -4.71 -52.74
CA GLY A 366 9.99 -4.62 -53.65
C GLY A 366 10.26 -5.88 -54.46
N HIS A 367 9.44 -6.92 -54.28
CA HIS A 367 9.57 -8.16 -55.05
C HIS A 367 9.27 -7.91 -56.54
N PRO A 368 10.07 -8.49 -57.44
CA PRO A 368 9.84 -8.32 -58.88
C PRO A 368 8.39 -8.62 -59.31
N GLY A 369 7.76 -9.61 -58.68
CA GLY A 369 6.38 -9.97 -59.00
C GLY A 369 5.30 -9.36 -58.14
N GLY A 370 5.63 -8.30 -57.40
CA GLY A 370 4.64 -7.60 -56.61
C GLY A 370 4.36 -8.22 -55.25
N ALA A 371 3.40 -7.66 -54.53
CA ALA A 371 3.17 -8.00 -53.12
C ALA A 371 2.78 -9.45 -52.92
N ARG A 372 2.00 -10.00 -53.85
CA ARG A 372 1.55 -11.39 -53.70
C ARG A 372 2.74 -12.35 -53.66
N GLY A 374 5.90 -11.51 -53.14
CA GLY A 374 6.77 -11.12 -52.04
C GLY A 374 6.48 -11.93 -50.77
N GLY A 375 5.21 -12.00 -50.40
CA GLY A 375 4.82 -12.79 -49.23
C GLY A 375 5.00 -14.28 -49.50
N ARG A 376 4.59 -14.74 -50.68
CA ARG A 376 4.75 -16.15 -51.02
C ARG A 376 6.23 -16.59 -50.89
N ALA A 377 7.14 -15.72 -51.27
CA ALA A 377 8.57 -16.02 -51.17
C ALA A 377 9.02 -16.22 -49.72
N PHE A 378 8.32 -15.56 -48.78
CA PHE A 378 8.64 -15.74 -47.35
C PHE A 378 8.20 -17.09 -46.80
N PHE A 379 7.00 -17.54 -47.18
CA PHE A 379 6.61 -18.91 -46.85
C PHE A 379 7.45 -19.98 -47.58
N ASP A 380 7.90 -19.70 -48.80
CA ASP A 380 8.87 -20.58 -49.46
C ASP A 380 10.13 -20.74 -48.61
N ALA A 381 10.67 -19.62 -48.14
CA ALA A 381 11.87 -19.69 -47.31
C ALA A 381 11.61 -20.45 -46.01
N ILE A 382 10.40 -20.31 -45.48
CA ILE A 382 10.02 -21.04 -44.26
C ILE A 382 9.95 -22.55 -44.52
N TRP A 383 9.40 -22.92 -45.67
CA TRP A 383 9.30 -24.33 -46.05
C TRP A 383 10.68 -24.93 -46.17
N ALA A 384 11.60 -24.20 -46.78
CA ALA A 384 12.95 -24.68 -47.05
C ALA A 384 13.69 -24.93 -45.75
N VAL A 385 13.56 -24.00 -44.81
CA VAL A 385 14.17 -24.15 -43.48
C VAL A 385 13.58 -25.33 -42.72
N GLU A 386 12.25 -25.42 -42.70
CA GLU A 386 11.53 -26.49 -41.98
C GLU A 386 12.00 -27.86 -42.45
N HIS A 387 12.36 -27.94 -43.72
CA HIS A 387 12.75 -29.22 -44.31
C HIS A 387 14.26 -29.39 -44.52
N GLY A 388 15.05 -28.45 -44.02
CA GLY A 388 16.49 -28.54 -44.16
C GLY A 388 16.99 -28.54 -45.60
N VAL A 389 16.27 -27.83 -46.47
CA VAL A 389 16.69 -27.69 -47.87
C VAL A 389 17.20 -26.28 -48.11
N PRO A 390 18.39 -26.15 -48.69
CA PRO A 390 18.93 -24.78 -48.79
C PRO A 390 18.09 -23.96 -49.76
N LEU A 391 17.97 -22.66 -49.50
CA LEU A 391 17.08 -21.80 -50.28
C LEU A 391 17.36 -21.90 -51.78
N GLU A 392 18.65 -21.93 -52.13
CA GLU A 392 19.07 -22.05 -53.53
C GLU A 392 18.50 -23.30 -54.15
N GLU A 393 18.38 -24.33 -53.32
CA GLU A 393 17.88 -25.60 -53.82
C GLU A 393 16.36 -25.56 -53.90
N ALA A 394 15.75 -24.92 -52.91
CA ALA A 394 14.30 -24.85 -52.81
C ALA A 394 13.70 -24.00 -53.93
N ALA A 395 14.46 -23.03 -54.42
CA ALA A 395 13.98 -22.08 -55.46
C ALA A 395 13.74 -22.72 -56.83
N LYS A 396 14.36 -23.87 -57.05
CA LYS A 396 14.24 -24.56 -58.34
C LYS A 396 12.77 -24.81 -58.69
N ASP A 397 11.97 -25.21 -57.71
CA ASP A 397 10.53 -25.38 -57.89
C ASP A 397 9.73 -24.26 -57.23
N ARG A 398 10.40 -23.15 -56.93
CA ARG A 398 9.72 -22.07 -56.20
C ARG A 398 10.08 -20.69 -56.72
N PRO A 399 9.40 -20.27 -57.80
CA PRO A 399 9.71 -19.05 -58.55
C PRO A 399 9.69 -17.81 -57.70
N ALA A 400 8.79 -17.72 -56.71
CA ALA A 400 8.73 -16.54 -55.85
C ALA A 400 10.03 -16.42 -55.07
N LEU A 401 10.49 -17.53 -54.51
CA LEU A 401 11.74 -17.53 -53.75
C LEU A 401 12.92 -17.31 -54.69
N ARG A 402 12.84 -17.89 -55.89
CA ARG A 402 13.92 -17.72 -56.85
CA ARG A 402 13.88 -17.72 -56.89
C ARG A 402 14.12 -16.24 -57.19
N GLN A 403 13.03 -15.54 -57.50
N GLN A 403 13.05 -15.53 -57.51
CA GLN A 403 13.10 -14.12 -57.84
CA GLN A 403 13.15 -14.10 -57.83
C GLN A 403 13.54 -13.24 -56.66
C GLN A 403 13.64 -13.27 -56.66
N ALA A 404 13.32 -13.69 -55.44
CA ALA A 404 13.76 -12.94 -54.26
C ALA A 404 15.28 -13.09 -54.09
N LEU A 405 15.78 -14.27 -54.43
CA LEU A 405 17.20 -14.57 -54.34
C LEU A 405 17.95 -13.79 -55.39
N GLU A 406 17.40 -13.74 -56.61
CA GLU A 406 17.97 -12.93 -57.68
C GLU A 406 18.15 -11.46 -57.28
N LYS A 407 17.16 -10.89 -56.61
CA LYS A 407 17.18 -9.47 -56.26
C LYS A 407 18.04 -9.14 -55.04
N TRP A 408 17.79 -9.83 -53.93
CA TRP A 408 18.49 -9.52 -52.69
C TRP A 408 19.55 -10.56 -52.27
N GLY A 409 19.51 -11.76 -52.86
CA GLY A 409 20.46 -12.79 -52.50
C GLY A 409 20.22 -13.40 -51.14
N ASP B 11 1.97 25.63 -45.96
CA ASP B 11 0.99 24.58 -45.66
C ASP B 11 1.64 23.35 -45.04
N ALA B 12 2.86 23.50 -44.51
CA ALA B 12 3.61 22.34 -44.05
C ALA B 12 4.47 22.65 -42.82
N VAL B 13 4.74 21.62 -42.03
CA VAL B 13 5.71 21.79 -40.96
CA VAL B 13 5.71 21.73 -40.95
C VAL B 13 7.09 21.58 -41.55
N VAL B 14 7.97 22.54 -41.33
CA VAL B 14 9.33 22.41 -41.83
C VAL B 14 10.28 22.10 -40.67
N ALA B 15 10.84 20.90 -40.70
CA ALA B 15 11.79 20.46 -39.70
C ALA B 15 13.22 20.56 -40.21
N THR B 16 14.12 21.03 -39.34
CA THR B 16 15.54 21.10 -39.61
C THR B 16 16.22 20.06 -38.76
N TYR B 17 16.99 19.18 -39.41
CA TYR B 17 17.77 18.14 -38.73
C TYR B 17 19.26 18.42 -38.87
N ARG B 18 20.00 18.12 -37.81
CA ARG B 18 21.46 18.10 -37.86
C ARG B 18 21.87 16.63 -37.87
N LEU B 19 22.68 16.23 -38.84
CA LEU B 19 23.06 14.81 -38.95
C LEU B 19 24.46 14.64 -39.54
N ARG B 20 25.04 13.47 -39.29
CA ARG B 20 26.34 13.12 -39.86
C ARG B 20 26.16 12.04 -40.92
N ASP B 21 26.82 12.18 -42.06
CA ASP B 21 26.72 11.18 -43.13
C ASP B 21 27.78 11.45 -44.17
N ARG B 22 27.71 10.74 -45.30
CA ARG B 22 28.61 11.00 -46.40
C ARG B 22 27.98 11.96 -47.40
N LYS B 23 28.80 12.81 -48.00
CA LYS B 23 28.33 13.89 -48.84
C LYS B 23 27.43 13.47 -50.00
N ASP B 24 27.80 12.38 -50.68
CA ASP B 24 27.09 11.98 -51.90
C ASP B 24 25.81 11.19 -51.63
N LYS B 25 25.48 11.03 -50.35
CA LYS B 25 24.30 10.29 -49.95
C LYS B 25 23.22 11.25 -49.50
N LEU B 26 23.63 12.48 -49.19
CA LEU B 26 22.74 13.47 -48.59
C LEU B 26 21.48 13.73 -49.42
N GLU B 27 21.66 13.90 -50.72
CA GLU B 27 20.56 14.24 -51.61
C GLU B 27 19.53 13.12 -51.68
N ALA B 28 19.98 11.88 -51.87
CA ALA B 28 19.09 10.73 -51.85
C ALA B 28 18.44 10.50 -50.48
N ARG B 29 19.24 10.61 -49.42
CA ARG B 29 18.70 10.39 -48.09
C ARG B 29 17.59 11.39 -47.78
N ALA B 30 17.81 12.67 -48.13
CA ALA B 30 16.77 13.69 -47.95
C ALA B 30 15.50 13.41 -48.75
N GLU B 31 15.65 13.02 -50.01
CA GLU B 31 14.50 12.69 -50.86
C GLU B 31 13.71 11.50 -50.29
N GLY B 32 14.43 10.50 -49.79
CA GLY B 32 13.81 9.34 -49.17
C GLY B 32 13.00 9.70 -47.95
N ILE B 33 13.55 10.56 -47.10
CA ILE B 33 12.82 11.09 -45.94
C ILE B 33 11.54 11.81 -46.37
N ALA B 34 11.66 12.74 -47.32
CA ALA B 34 10.52 13.56 -47.74
C ALA B 34 9.36 12.75 -48.32
N VAL B 35 9.69 11.70 -49.05
CA VAL B 35 8.68 10.82 -49.65
C VAL B 35 8.22 9.73 -48.68
N GLY B 36 9.16 9.06 -48.03
CA GLY B 36 8.86 7.94 -47.15
C GLY B 36 8.06 8.28 -45.90
N LEU B 37 8.25 9.47 -45.37
CA LEU B 37 7.55 9.89 -44.15
C LEU B 37 6.28 10.69 -44.44
N THR B 38 5.85 10.71 -45.69
CA THR B 38 4.60 11.38 -46.03
C THR B 38 3.64 10.44 -46.78
N ILE B 39 3.91 10.22 -48.08
CA ILE B 39 3.10 9.31 -48.87
C ILE B 39 3.62 7.87 -48.84
N GLY B 40 4.77 7.68 -48.22
CA GLY B 40 5.36 6.35 -48.15
C GLY B 40 6.11 6.02 -49.42
N THR B 41 5.37 5.87 -50.52
CA THR B 41 5.96 5.67 -51.82
C THR B 41 4.95 6.02 -52.92
N TRP B 42 5.44 6.26 -54.11
CA TRP B 42 4.54 6.50 -55.24
C TRP B 42 3.85 5.22 -55.62
N THR B 43 2.58 5.32 -56.00
CA THR B 43 1.78 4.16 -56.35
C THR B 43 1.37 4.22 -57.84
N ASP B 44 1.18 3.06 -58.46
CA ASP B 44 0.77 2.99 -59.87
C ASP B 44 -0.70 3.39 -60.09
N LEU B 45 -1.00 4.68 -59.88
CA LEU B 45 -2.34 5.22 -60.04
C LEU B 45 -2.50 5.93 -61.38
N PRO B 46 -3.75 6.20 -61.80
CA PRO B 46 -3.94 6.96 -63.04
C PRO B 46 -3.52 8.42 -62.89
N ALA B 47 -3.54 9.14 -64.01
CA ALA B 47 -3.02 10.51 -64.10
C ALA B 47 -3.57 11.45 -63.04
N ALA B 48 -4.89 11.53 -62.95
CA ALA B 48 -5.55 12.45 -62.03
C ALA B 48 -5.15 12.16 -60.60
N ARG B 49 -5.18 10.88 -60.24
CA ARG B 49 -4.85 10.45 -58.89
C ARG B 49 -3.44 10.86 -58.45
N LYS B 50 -2.47 10.78 -59.35
CA LYS B 50 -1.09 11.12 -58.98
C LYS B 50 -0.96 12.59 -58.53
N SER B 51 -1.54 13.46 -59.34
CA SER B 51 -1.57 14.90 -59.07
C SER B 51 -2.22 15.22 -57.73
N GLU B 52 -3.26 14.46 -57.40
CA GLU B 52 -3.99 14.66 -56.14
C GLU B 52 -3.19 14.12 -54.96
N VAL B 53 -2.57 12.96 -55.15
CA VAL B 53 -1.73 12.34 -54.13
C VAL B 53 -0.49 13.20 -53.87
N ALA B 54 -0.01 13.84 -54.92
CA ALA B 54 1.17 14.69 -54.88
C ALA B 54 1.09 15.74 -53.78
N LYS B 55 -0.12 16.24 -53.54
CA LYS B 55 -0.32 17.27 -52.53
C LYS B 55 -0.09 16.75 -51.10
N HIS B 56 -0.04 15.43 -50.94
CA HIS B 56 0.26 14.81 -49.65
C HIS B 56 1.74 14.49 -49.52
N CYS B 57 2.50 14.73 -50.57
CA CYS B 57 3.91 14.34 -50.55
C CYS B 57 4.78 15.43 -49.91
N GLY B 58 5.82 15.01 -49.21
CA GLY B 58 6.77 15.93 -48.61
C GLY B 58 7.77 16.48 -49.62
N ARG B 59 8.60 17.43 -49.19
CA ARG B 59 9.62 18.00 -50.07
C ARG B 59 10.87 18.38 -49.29
N VAL B 60 12.02 18.34 -49.97
CA VAL B 60 13.27 18.76 -49.40
C VAL B 60 13.41 20.26 -49.60
N GLU B 61 13.52 21.01 -48.51
CA GLU B 61 13.55 22.48 -48.59
C GLU B 61 14.97 23.02 -48.63
N GLY B 62 15.91 22.31 -48.02
CA GLY B 62 17.30 22.72 -48.05
C GLY B 62 18.26 21.71 -47.49
N ILE B 63 19.47 21.70 -48.05
CA ILE B 63 20.57 20.88 -47.55
C ILE B 63 21.79 21.77 -47.36
N ARG B 64 22.34 21.79 -46.15
CA ARG B 64 23.47 22.66 -45.83
C ARG B 64 24.59 21.87 -45.15
N VAL B 65 25.73 21.78 -45.83
CA VAL B 65 26.90 21.14 -45.25
C VAL B 65 27.53 22.07 -44.22
N LEU B 66 27.68 21.60 -42.99
CA LEU B 66 28.23 22.44 -41.94
C LEU B 66 29.73 22.22 -41.79
N ASP B 67 30.17 20.98 -41.95
CA ASP B 67 31.59 20.66 -41.82
C ASP B 67 31.94 19.38 -42.57
N GLU B 68 33.16 19.31 -43.07
CA GLU B 68 33.64 18.10 -43.70
C GLU B 68 34.77 17.54 -42.83
N ARG B 69 34.60 16.31 -42.38
CA ARG B 69 35.57 15.62 -41.52
C ARG B 69 36.66 14.95 -42.37
N PRO B 70 37.89 14.87 -41.86
CA PRO B 70 38.96 14.18 -42.59
C PRO B 70 38.66 12.72 -42.93
N ASP B 71 37.80 12.06 -42.16
CA ASP B 71 37.42 10.68 -42.49
C ASP B 71 36.36 10.61 -43.60
N GLY B 72 36.00 11.77 -44.15
CA GLY B 72 35.10 11.83 -45.30
C GLY B 72 33.65 12.07 -44.92
N ASP B 73 33.35 12.01 -43.62
CA ASP B 73 32.00 12.29 -43.15
C ASP B 73 31.71 13.78 -43.20
N VAL B 74 30.43 14.10 -43.35
CA VAL B 74 30.00 15.47 -43.32
C VAL B 74 29.02 15.67 -42.15
N VAL B 75 28.99 16.87 -41.57
CA VAL B 75 27.87 17.22 -40.72
C VAL B 75 27.04 18.21 -41.50
N ALA B 76 25.75 17.93 -41.61
CA ALA B 76 24.88 18.75 -42.43
C ALA B 76 23.55 19.03 -41.76
N GLU B 77 22.90 20.08 -42.23
CA GLU B 77 21.51 20.34 -41.88
C GLU B 77 20.65 20.06 -43.09
N ILE B 78 19.50 19.44 -42.86
CA ILE B 78 18.56 19.19 -43.94
C ILE B 78 17.24 19.74 -43.44
N ASP B 79 16.51 20.43 -44.34
CA ASP B 79 15.16 20.90 -44.01
C ASP B 79 14.15 20.07 -44.80
N ILE B 80 13.15 19.49 -44.13
CA ILE B 80 12.10 18.72 -44.80
C ILE B 80 10.72 19.33 -44.52
N ALA B 81 9.90 19.50 -45.56
CA ALA B 81 8.53 20.01 -45.41
C ALA B 81 7.50 18.86 -45.41
N TYR B 82 6.73 18.76 -44.33
CA TYR B 82 5.69 17.75 -44.17
C TYR B 82 4.32 18.40 -44.22
N PRO B 83 3.55 18.10 -45.28
CA PRO B 83 2.24 18.75 -45.50
C PRO B 83 1.37 18.54 -44.27
N VAL B 84 0.69 19.60 -43.83
CA VAL B 84 -0.08 19.54 -42.59
C VAL B 84 -1.29 18.62 -42.72
N ALA B 85 -1.72 18.38 -43.96
CA ALA B 85 -2.88 17.56 -44.20
C ALA B 85 -2.69 16.11 -43.79
N ASN B 86 -1.45 15.70 -43.53
CA ASN B 86 -1.19 14.33 -43.09
C ASN B 86 -1.25 14.16 -41.57
N LEU B 87 -1.37 15.28 -40.86
CA LEU B 87 -1.42 15.26 -39.40
C LEU B 87 -2.89 15.25 -38.96
N ASN B 88 -3.11 15.09 -37.66
CA ASN B 88 -4.48 14.97 -37.15
C ASN B 88 -4.68 15.81 -35.89
N GLY B 89 -3.79 16.78 -35.68
CA GLY B 89 -3.92 17.71 -34.56
C GLY B 89 -3.42 17.25 -33.20
N THR B 90 -2.57 16.23 -33.17
CA THR B 90 -2.02 15.73 -31.89
C THR B 90 -0.50 15.74 -31.88
N PHE B 91 0.07 15.76 -30.67
CA PHE B 91 1.53 15.66 -30.57
C PHE B 91 2.02 14.32 -31.11
N ALA B 92 1.26 13.26 -30.90
CA ALA B 92 1.64 11.96 -31.47
C ALA B 92 1.86 12.03 -32.98
N SER B 93 0.91 12.63 -33.68
CA SER B 93 0.99 12.66 -35.15
C SER B 93 2.20 13.49 -35.55
N LEU B 94 2.39 14.62 -34.86
CA LEU B 94 3.49 15.50 -35.13
C LEU B 94 4.85 14.81 -34.91
N LEU B 95 5.04 14.24 -33.73
CA LEU B 95 6.32 13.61 -33.38
C LEU B 95 6.65 12.36 -34.21
N VAL B 96 5.65 11.52 -34.44
CA VAL B 96 5.89 10.27 -35.19
C VAL B 96 6.24 10.58 -36.64
N THR B 97 5.67 11.66 -37.15
CA THR B 97 5.96 12.10 -38.52
C THR B 97 7.35 12.72 -38.63
N VAL B 98 7.69 13.68 -37.75
CA VAL B 98 8.93 14.42 -37.95
C VAL B 98 10.20 13.79 -37.34
N PHE B 99 10.02 12.90 -36.37
CA PHE B 99 11.15 12.30 -35.66
C PHE B 99 10.71 10.98 -35.03
N GLY B 100 10.02 10.17 -35.83
CA GLY B 100 9.48 8.90 -35.36
C GLY B 100 10.49 7.81 -35.65
N LYS B 101 10.34 7.22 -36.84
CA LYS B 101 11.33 6.29 -37.35
C LYS B 101 12.65 7.03 -37.57
N LEU B 102 12.58 8.32 -37.93
CA LEU B 102 13.79 9.06 -38.25
C LEU B 102 14.73 9.19 -37.05
N SER B 103 14.18 9.16 -35.85
CA SER B 103 14.99 9.38 -34.62
C SER B 103 16.01 8.28 -34.39
N ASP B 105 17.77 6.81 -36.86
CA ASP B 105 18.63 6.67 -38.04
C ASP B 105 20.04 7.18 -37.78
N GLY B 106 20.67 6.64 -36.75
CA GLY B 106 22.02 7.00 -36.35
C GLY B 106 22.19 8.39 -35.77
N GLU B 107 23.29 9.05 -36.12
CA GLU B 107 23.54 10.39 -35.59
C GLU B 107 22.70 11.46 -36.27
N ILE B 108 21.57 11.81 -35.66
CA ILE B 108 20.67 12.80 -36.23
C ILE B 108 19.91 13.44 -35.08
N ARG B 109 19.60 14.73 -35.19
CA ARG B 109 18.96 15.47 -34.10
C ARG B 109 18.00 16.51 -34.65
N LEU B 110 16.81 16.56 -34.10
CA LEU B 110 15.82 17.56 -34.51
C LEU B 110 16.09 18.92 -33.84
N GLU B 111 16.36 19.92 -34.67
CA GLU B 111 16.89 21.22 -34.25
C GLU B 111 15.83 22.31 -34.28
N ARG B 112 14.92 22.20 -35.23
CA ARG B 112 13.93 23.26 -35.43
C ARG B 112 12.64 22.71 -36.02
N LEU B 113 11.53 23.25 -35.53
CA LEU B 113 10.21 23.01 -36.12
C LEU B 113 9.55 24.32 -36.46
N GLN B 114 9.34 24.56 -37.74
CA GLN B 114 8.58 25.75 -38.11
C GLN B 114 7.15 25.34 -38.38
N PRO B 116 3.05 25.88 -39.14
CA PRO B 116 2.10 26.76 -39.81
C PRO B 116 1.00 27.12 -38.83
N ASP B 117 0.34 28.24 -39.08
CA ASP B 117 -0.71 28.73 -38.19
C ASP B 117 -1.85 27.72 -38.03
N GLU B 118 -2.25 27.09 -39.13
CA GLU B 118 -3.38 26.15 -39.08
C GLU B 118 -3.14 25.03 -38.07
N LEU B 119 -1.91 24.55 -38.01
CA LEU B 119 -1.55 23.47 -37.08
C LEU B 119 -1.38 23.95 -35.62
N VAL B 120 -0.69 25.08 -35.42
CA VAL B 120 -0.58 25.68 -34.10
C VAL B 120 -1.96 25.85 -33.48
N ARG B 121 -2.94 26.31 -34.25
CA ARG B 121 -4.27 26.53 -33.69
C ARG B 121 -5.09 25.28 -33.31
N GLN B 122 -4.63 24.10 -33.69
CA GLN B 122 -5.31 22.88 -33.28
C GLN B 122 -4.86 22.43 -31.89
N PHE B 123 -3.84 23.07 -31.35
CA PHE B 123 -3.36 22.73 -30.01
C PHE B 123 -3.96 23.73 -29.01
N PRO B 124 -4.14 23.34 -27.72
CA PRO B 124 -4.87 24.20 -26.79
C PRO B 124 -4.13 25.48 -26.38
N GLY B 125 -2.83 25.44 -26.16
CA GLY B 125 -2.18 26.60 -25.58
C GLY B 125 -2.57 26.78 -24.11
N PRO B 126 -1.92 27.71 -23.41
CA PRO B 126 -2.15 27.87 -21.97
C PRO B 126 -3.58 28.36 -21.70
N LYS B 127 -4.21 27.84 -20.66
CA LYS B 127 -5.53 28.28 -20.26
C LYS B 127 -5.41 29.67 -19.61
N PHE B 128 -4.32 29.88 -18.86
CA PHE B 128 -4.16 31.14 -18.13
C PHE B 128 -3.10 32.08 -18.70
N GLY B 129 -1.93 31.53 -19.00
CA GLY B 129 -0.79 32.34 -19.41
C GLY B 129 -0.28 33.28 -18.32
N VAL B 130 0.61 34.20 -18.70
CA VAL B 130 1.20 35.17 -17.78
C VAL B 130 0.10 35.96 -17.05
N GLU B 131 -0.77 36.60 -17.82
CA GLU B 131 -1.80 37.48 -17.24
C GLU B 131 -2.81 36.77 -16.32
N GLY B 132 -3.11 35.50 -16.63
CA GLY B 132 -4.09 34.74 -15.86
C GLY B 132 -3.52 34.18 -14.57
N VAL B 133 -2.23 33.84 -14.57
CA VAL B 133 -1.58 33.44 -13.33
C VAL B 133 -1.53 34.64 -12.38
N ARG B 134 -1.13 35.79 -12.91
CA ARG B 134 -1.05 37.00 -12.09
C ARG B 134 -2.39 37.37 -11.47
N ARG B 135 -3.45 37.23 -12.27
CA ARG B 135 -4.80 37.54 -11.85
C ARG B 135 -5.28 36.56 -10.79
N ARG B 136 -5.01 35.27 -10.98
CA ARG B 136 -5.41 34.28 -10.00
C ARG B 136 -4.74 34.53 -8.64
N LEU B 137 -3.44 34.83 -8.68
CA LEU B 137 -2.66 34.98 -7.45
C LEU B 137 -2.68 36.42 -6.90
N GLY B 138 -3.11 37.36 -7.74
CA GLY B 138 -3.09 38.76 -7.37
C GLY B 138 -1.68 39.30 -7.20
N ALA B 139 -0.79 38.91 -8.10
CA ALA B 139 0.60 39.37 -8.01
C ALA B 139 1.02 40.10 -9.29
N TYR B 140 1.21 41.41 -9.18
CA TYR B 140 1.47 42.22 -10.37
C TYR B 140 2.78 43.01 -10.27
N ASN B 141 3.32 43.37 -11.43
CA ASN B 141 4.46 44.31 -11.50
C ASN B 141 5.69 43.90 -10.72
N ARG B 142 5.88 42.59 -10.60
CA ARG B 142 7.07 42.06 -9.94
C ARG B 142 7.21 40.59 -10.33
N PRO B 143 8.44 40.08 -10.33
CA PRO B 143 8.59 38.62 -10.40
C PRO B 143 7.83 37.94 -9.26
N LEU B 144 7.34 36.74 -9.54
CA LEU B 144 6.68 35.93 -8.54
C LEU B 144 7.74 35.15 -7.77
N VAL B 145 7.41 34.68 -6.57
CA VAL B 145 8.39 33.94 -5.79
C VAL B 145 7.81 32.56 -5.49
N SER B 147 8.61 28.67 -3.69
CA SER B 147 9.43 27.80 -2.83
C SER B 147 9.13 26.32 -3.13
N ILE B 148 10.11 25.45 -2.92
CA ILE B 148 9.92 24.03 -3.14
C ILE B 148 10.13 23.23 -1.85
N PHE B 149 9.20 22.34 -1.53
CA PHE B 149 9.34 21.42 -0.38
C PHE B 149 10.71 20.75 -0.38
N LYS B 150 11.40 20.82 0.75
CA LYS B 150 12.70 20.17 0.80
C LYS B 150 12.57 18.65 1.00
N ALA B 151 11.45 18.23 1.57
CA ALA B 151 11.21 16.82 1.95
C ALA B 151 9.72 16.49 1.97
N CYS B 152 9.35 15.38 1.34
CA CYS B 152 7.93 15.02 1.22
C CYS B 152 7.63 13.58 1.67
N ALA B 153 8.16 12.63 0.90
CA ALA B 153 8.02 11.21 1.18
C ALA B 153 8.38 10.84 2.63
N GLY B 154 7.47 10.13 3.28
CA GLY B 154 7.70 9.66 4.65
C GLY B 154 7.10 10.54 5.74
N LEU B 155 6.83 11.79 5.41
CA LEU B 155 6.30 12.74 6.38
C LEU B 155 4.77 12.64 6.53
N THR B 156 4.28 12.86 7.76
CA THR B 156 2.86 12.93 8.03
C THR B 156 2.26 14.22 7.49
N LEU B 157 0.94 14.22 7.33
CA LEU B 157 0.21 15.41 6.92
C LEU B 157 0.49 16.61 7.85
N ASP B 158 0.55 16.34 9.16
CA ASP B 158 0.88 17.36 10.14
C ASP B 158 2.28 17.95 9.94
N GLU B 159 3.26 17.07 9.73
CA GLU B 159 4.62 17.51 9.48
C GLU B 159 4.70 18.31 8.18
N LEU B 160 3.99 17.82 7.17
CA LEU B 160 3.93 18.48 5.89
C LEU B 160 3.37 19.89 6.04
N VAL B 161 2.30 20.00 6.81
CA VAL B 161 1.59 21.27 6.98
C VAL B 161 2.51 22.32 7.58
N GLU B 162 3.27 21.92 8.58
CA GLU B 162 4.21 22.81 9.25
C GLU B 162 5.27 23.28 8.28
N ALA B 163 5.72 22.37 7.42
CA ALA B 163 6.74 22.67 6.43
C ALA B 163 6.16 23.65 5.42
N PHE B 164 4.87 23.50 5.14
CA PHE B 164 4.22 24.41 4.21
C PHE B 164 4.14 25.78 4.86
N GLY B 165 3.82 25.79 6.14
CA GLY B 165 3.66 27.03 6.89
C GLY B 165 4.93 27.85 6.96
N GLU B 166 6.05 27.18 7.25
CA GLU B 166 7.36 27.82 7.26
C GLU B 166 7.64 28.55 5.95
N GLN B 167 7.41 27.89 4.82
CA GLN B 167 7.58 28.55 3.53
C GLN B 167 6.64 29.75 3.35
N ALA B 168 5.36 29.57 3.68
CA ALA B 168 4.36 30.61 3.48
C ALA B 168 4.62 31.81 4.40
N GLU B 169 5.22 31.56 5.55
CA GLU B 169 5.50 32.64 6.47
C GLU B 169 6.54 33.61 5.90
N GLY B 170 7.24 33.17 4.86
CA GLY B 170 8.15 34.04 4.13
C GLY B 170 7.50 34.89 3.04
N GLY B 171 6.16 34.83 2.96
CA GLY B 171 5.42 35.64 2.00
C GLY B 171 5.39 35.16 0.56
N VAL B 172 5.89 33.95 0.31
CA VAL B 172 5.95 33.43 -1.07
C VAL B 172 4.57 33.32 -1.73
N ASP B 173 4.54 33.52 -3.05
CA ASP B 173 3.32 33.52 -3.85
C ASP B 173 2.86 32.07 -4.08
N LEU B 174 3.83 31.16 -4.11
CA LEU B 174 3.59 29.79 -4.55
C LEU B 174 4.54 28.80 -3.87
N VAL B 175 3.99 27.65 -3.44
CA VAL B 175 4.81 26.55 -2.93
C VAL B 175 4.50 25.27 -3.71
N ASP B 177 5.07 21.06 -4.65
CA ASP B 177 5.56 19.77 -4.19
C ASP B 177 6.86 19.52 -4.89
N ASP B 178 7.76 18.76 -4.27
CA ASP B 178 8.90 18.21 -5.01
C ASP B 178 8.31 17.26 -6.04
N GLU B 179 8.85 17.24 -7.25
CA GLU B 179 8.25 16.44 -8.34
C GLU B 179 8.32 14.92 -8.11
N ILE B 180 9.16 14.49 -7.17
CA ILE B 180 9.25 13.05 -6.86
C ILE B 180 8.18 12.55 -5.90
N PHE B 181 7.32 13.44 -5.41
CA PHE B 181 6.31 13.05 -4.42
C PHE B 181 5.18 12.24 -5.06
N PHE B 182 5.25 10.91 -4.97
CA PHE B 182 4.23 10.05 -5.55
C PHE B 182 3.42 9.21 -4.54
N THR B 183 4.05 8.74 -3.46
CA THR B 183 3.35 7.95 -2.46
C THR B 183 2.19 8.72 -1.78
N GLU B 184 1.02 8.07 -1.73
CA GLU B 184 -0.13 8.65 -1.06
C GLU B 184 -0.40 7.95 0.28
N ALA B 185 0.65 7.43 0.91
CA ALA B 185 0.48 6.66 2.14
C ALA B 185 0.26 7.50 3.39
N TYR B 186 0.78 8.71 3.40
CA TYR B 186 0.67 9.54 4.60
C TYR B 186 -0.23 10.74 4.36
N ALA B 187 -0.27 11.23 3.12
CA ALA B 187 -1.12 12.35 2.78
C ALA B 187 -1.44 12.34 1.30
N THR B 188 -2.71 12.13 0.97
CA THR B 188 -3.17 12.17 -0.40
C THR B 188 -3.11 13.58 -0.95
N PRO B 189 -2.96 13.72 -2.26
CA PRO B 189 -2.98 15.04 -2.90
C PRO B 189 -4.22 15.87 -2.52
N GLU B 190 -5.38 15.22 -2.43
CA GLU B 190 -6.59 15.97 -2.10
C GLU B 190 -6.56 16.47 -0.66
N ASP B 191 -6.01 15.65 0.25
CA ASP B 191 -5.89 16.06 1.65
C ASP B 191 -4.85 17.17 1.83
N ARG B 192 -3.79 17.14 1.01
CA ARG B 192 -2.79 18.21 1.03
C ARG B 192 -3.37 19.53 0.56
N VAL B 193 -4.17 19.49 -0.50
CA VAL B 193 -4.74 20.74 -1.01
C VAL B 193 -5.63 21.37 0.07
N ARG B 194 -6.51 20.56 0.65
CA ARG B 194 -7.43 21.05 1.70
C ARG B 194 -6.67 21.67 2.86
N ALA B 195 -5.66 20.95 3.34
CA ALA B 195 -4.94 21.32 4.56
C ALA B 195 -4.06 22.56 4.39
N TYR B 196 -3.32 22.62 3.28
CA TYR B 196 -2.44 23.75 3.02
C TYR B 196 -3.27 25.01 2.78
N ALA B 197 -4.48 24.83 2.25
CA ALA B 197 -5.40 25.95 2.11
C ALA B 197 -5.68 26.63 3.44
N ALA B 198 -6.03 25.84 4.45
CA ALA B 198 -6.35 26.41 5.76
C ALA B 198 -5.14 27.10 6.39
N LYS B 199 -3.98 26.44 6.33
CA LYS B 199 -2.77 27.00 6.92
C LYS B 199 -2.44 28.32 6.24
N ALA B 200 -2.55 28.33 4.91
CA ALA B 200 -2.34 29.55 4.13
C ALA B 200 -3.24 30.69 4.61
N ASP B 201 -4.50 30.36 4.93
CA ASP B 201 -5.46 31.36 5.39
C ASP B 201 -5.04 31.97 6.71
N GLU B 202 -4.62 31.12 7.64
CA GLU B 202 -4.08 31.57 8.92
C GLU B 202 -2.91 32.52 8.69
N ILE B 203 -1.95 32.10 7.87
CA ILE B 203 -0.71 32.86 7.69
C ILE B 203 -0.91 34.21 6.99
N ALA B 204 -1.88 34.29 6.09
CA ALA B 204 -2.16 35.52 5.36
C ALA B 204 -2.50 36.69 6.29
N GLN B 205 -2.95 36.37 7.50
CA GLN B 205 -3.31 37.39 8.48
C GLN B 205 -2.09 38.16 9.00
N ARG B 206 -0.90 37.59 8.85
CA ARG B 206 0.34 38.27 9.22
C ARG B 206 1.07 38.73 7.96
N THR B 207 1.09 37.89 6.94
CA THR B 207 1.80 38.23 5.71
C THR B 207 1.02 39.16 4.79
N GLY B 208 -0.30 39.00 4.72
CA GLY B 208 -1.12 39.80 3.82
C GLY B 208 -1.31 39.12 2.47
N ARG B 209 -0.82 37.90 2.37
CA ARG B 209 -0.89 37.13 1.13
C ARG B 209 -1.28 35.70 1.42
N ARG B 210 -2.21 35.16 0.65
CA ARG B 210 -2.51 33.74 0.75
C ARG B 210 -1.60 33.00 -0.22
N THR B 211 -0.66 32.25 0.33
CA THR B 211 0.33 31.53 -0.45
C THR B 211 -0.33 30.34 -1.13
N ALA B 212 -0.16 30.22 -2.44
CA ALA B 212 -0.83 29.18 -3.24
C ALA B 212 -0.04 27.87 -3.29
N TYR B 213 -0.72 26.78 -3.58
CA TYR B 213 -0.07 25.48 -3.57
C TYR B 213 -0.13 24.81 -4.95
N ALA B 214 1.04 24.43 -5.48
CA ALA B 214 1.15 23.62 -6.68
C ALA B 214 1.38 22.14 -6.31
N VAL B 215 0.37 21.34 -6.58
CA VAL B 215 0.31 19.99 -6.12
C VAL B 215 0.65 19.04 -7.26
N ASN B 216 1.46 18.04 -6.97
CA ASN B 216 1.84 17.08 -7.99
C ASN B 216 0.62 16.30 -8.53
N LEU B 217 0.40 16.33 -9.85
CA LEU B 217 -0.71 15.60 -10.48
C LEU B 217 -0.26 14.20 -10.83
N THR B 218 -0.85 13.19 -10.19
CA THR B 218 -0.30 11.84 -10.28
C THR B 218 -1.39 10.78 -10.34
N GLY B 219 -0.97 9.55 -10.63
CA GLY B 219 -1.88 8.43 -10.79
C GLY B 219 -2.02 8.03 -12.26
N PRO B 220 -2.87 7.05 -12.52
CA PRO B 220 -3.13 6.46 -13.83
C PRO B 220 -3.74 7.47 -14.81
N VAL B 221 -3.38 7.36 -16.09
CA VAL B 221 -3.86 8.30 -17.09
C VAL B 221 -5.39 8.42 -17.13
N HIS B 222 -6.10 7.29 -17.08
CA HIS B 222 -7.56 7.28 -17.24
C HIS B 222 -8.34 8.05 -16.17
N SER B 223 -7.69 8.37 -15.06
CA SER B 223 -8.40 9.09 -14.00
C SER B 223 -7.73 10.44 -13.75
N LEU B 224 -6.72 10.74 -14.57
CA LEU B 224 -5.94 11.97 -14.43
C LEU B 224 -6.78 13.25 -14.60
N ARG B 225 -7.64 13.28 -15.61
CA ARG B 225 -8.41 14.49 -15.87
C ARG B 225 -9.45 14.71 -14.77
N GLU B 226 -10.09 13.64 -14.32
CA GLU B 226 -11.00 13.75 -13.18
C GLU B 226 -10.26 14.20 -11.91
N ARG B 227 -9.07 13.67 -11.66
CA ARG B 227 -8.31 14.11 -10.49
C ARG B 227 -7.92 15.59 -10.60
N ALA B 228 -7.51 16.02 -11.78
CA ALA B 228 -7.14 17.41 -12.01
C ALA B 228 -8.33 18.32 -11.69
N ARG B 229 -9.52 17.86 -12.05
CA ARG B 229 -10.75 18.62 -11.83
C ARG B 229 -11.04 18.74 -10.34
N ARG B 230 -10.86 17.63 -9.62
CA ARG B 230 -11.15 17.62 -8.19
C ARG B 230 -10.18 18.54 -7.48
N LEU B 231 -8.90 18.47 -7.88
CA LEU B 231 -7.86 19.24 -7.22
C LEU B 231 -8.08 20.73 -7.40
N ALA B 232 -8.56 21.11 -8.59
CA ALA B 232 -8.95 22.50 -8.85
C ALA B 232 -10.11 22.93 -7.96
N GLU B 233 -11.16 22.11 -7.96
CA GLU B 233 -12.34 22.35 -7.13
C GLU B 233 -12.00 22.48 -5.64
N LEU B 234 -10.95 21.79 -5.21
CA LEU B 234 -10.53 21.82 -3.81
C LEU B 234 -9.65 23.02 -3.48
N GLY B 235 -9.26 23.78 -4.50
CA GLY B 235 -8.57 25.03 -4.25
C GLY B 235 -7.07 25.03 -4.49
N ALA B 236 -6.58 24.04 -5.23
CA ALA B 236 -5.18 24.03 -5.65
C ALA B 236 -4.83 25.33 -6.39
N GLY B 237 -3.64 25.88 -6.14
CA GLY B 237 -3.20 27.05 -6.89
C GLY B 237 -2.71 26.70 -8.30
N ALA B 238 -2.08 25.53 -8.42
CA ALA B 238 -1.60 25.05 -9.72
C ALA B 238 -1.46 23.53 -9.66
N LEU B 239 -1.45 22.91 -10.82
CA LEU B 239 -1.09 21.51 -10.95
C LEU B 239 0.38 21.40 -11.44
N LEU B 240 1.19 20.68 -10.66
CA LEU B 240 2.55 20.32 -11.03
C LEU B 240 2.47 19.09 -11.94
N VAL B 241 2.93 19.21 -13.18
CA VAL B 241 2.83 18.08 -14.09
C VAL B 241 4.19 17.75 -14.66
N ASN B 242 4.59 16.49 -14.48
CA ASN B 242 5.73 15.92 -15.19
C ASN B 242 5.37 15.63 -16.65
N VAL B 243 5.40 16.67 -17.45
CA VAL B 243 4.83 16.59 -18.80
C VAL B 243 5.43 15.51 -19.68
N VAL B 244 6.75 15.47 -19.72
CA VAL B 244 7.43 14.50 -20.58
C VAL B 244 7.20 13.06 -20.12
N ALA B 245 7.09 12.84 -18.81
CA ALA B 245 6.83 11.48 -18.33
C ALA B 245 5.44 11.01 -18.78
N TYR B 246 4.49 11.94 -18.77
CA TYR B 246 3.12 11.54 -19.07
C TYR B 246 2.83 11.58 -20.57
N GLY B 247 3.49 12.49 -21.27
CA GLY B 247 3.24 12.68 -22.69
C GLY B 247 2.51 13.97 -22.99
N TYR B 248 2.81 14.61 -24.12
CA TYR B 248 2.26 15.94 -24.35
C TYR B 248 0.75 15.95 -24.62
N ASP B 249 0.27 14.89 -25.28
CA ASP B 249 -1.16 14.79 -25.57
C ASP B 249 -1.97 14.62 -24.32
N VAL B 250 -1.42 13.91 -23.34
CA VAL B 250 -2.06 13.75 -22.04
C VAL B 250 -2.27 15.12 -21.41
N VAL B 251 -1.19 15.90 -21.33
CA VAL B 251 -1.25 17.26 -20.80
C VAL B 251 -2.15 18.19 -21.62
N ALA B 252 -2.17 18.00 -22.94
CA ALA B 252 -3.04 18.81 -23.81
C ALA B 252 -4.51 18.74 -23.42
N ASP B 253 -4.98 17.53 -23.09
CA ASP B 253 -6.39 17.36 -22.72
C ASP B 253 -6.73 18.12 -21.43
N LEU B 254 -5.76 18.16 -20.50
CA LEU B 254 -5.93 18.91 -19.24
C LEU B 254 -6.03 20.42 -19.48
N ALA B 255 -5.15 20.90 -20.34
CA ALA B 255 -5.11 22.32 -20.64
C ALA B 255 -6.37 22.73 -21.44
N ARG B 256 -6.95 21.79 -22.16
CA ARG B 256 -8.14 22.12 -22.95
C ARG B 256 -9.44 22.08 -22.13
N ASP B 257 -9.46 21.27 -21.08
CA ASP B 257 -10.68 21.05 -20.29
C ASP B 257 -11.04 22.26 -19.39
N PRO B 258 -12.20 22.90 -19.65
CA PRO B 258 -12.65 24.08 -18.89
C PRO B 258 -12.77 23.77 -17.39
N ASP B 259 -13.17 22.55 -17.06
CA ASP B 259 -13.31 22.15 -15.66
C ASP B 259 -11.98 21.97 -14.92
N VAL B 260 -10.88 21.82 -15.67
CA VAL B 260 -9.56 21.87 -15.06
C VAL B 260 -9.18 23.33 -14.94
N ASP B 261 -9.76 23.97 -13.93
CA ASP B 261 -9.76 25.41 -13.84
C ASP B 261 -8.63 25.88 -12.94
N VAL B 262 -7.41 25.53 -13.31
CA VAL B 262 -6.26 25.79 -12.49
C VAL B 262 -5.01 25.86 -13.39
N PRO B 263 -4.04 26.74 -13.09
CA PRO B 263 -2.85 26.79 -13.95
C PRO B 263 -2.05 25.50 -13.94
N ILE B 264 -1.37 25.21 -15.05
CA ILE B 264 -0.45 24.09 -15.11
C ILE B 264 1.02 24.53 -14.89
N LEU B 265 1.71 23.84 -14.01
CA LEU B 265 3.11 24.13 -13.75
C LEU B 265 3.90 22.96 -14.36
N ALA B 266 4.46 23.20 -15.55
CA ALA B 266 5.22 22.19 -16.27
C ALA B 266 6.62 21.90 -15.71
N HIS B 267 6.83 20.68 -15.24
CA HIS B 267 8.15 20.33 -14.70
C HIS B 267 8.96 19.57 -15.77
N PRO B 268 10.27 19.83 -15.90
CA PRO B 268 11.01 19.20 -17.01
C PRO B 268 11.53 17.78 -16.77
N ALA B 269 11.13 17.11 -15.69
CA ALA B 269 11.61 15.76 -15.40
C ALA B 269 11.61 14.89 -16.65
N VAL B 270 12.73 14.20 -16.86
CA VAL B 270 12.95 13.25 -17.98
C VAL B 270 13.40 13.90 -19.29
N SER B 271 13.21 15.20 -19.42
CA SER B 271 13.46 15.89 -20.70
C SER B 271 14.91 15.80 -21.12
N GLY B 272 15.81 15.81 -20.14
CA GLY B 272 17.23 15.69 -20.44
C GLY B 272 17.60 14.42 -21.19
N ALA B 273 16.75 13.39 -21.11
CA ALA B 273 17.02 12.19 -21.87
C ALA B 273 16.83 12.42 -23.34
N LEU B 274 16.14 13.51 -23.70
CA LEU B 274 15.89 13.84 -25.09
C LEU B 274 16.91 14.87 -25.61
N TYR B 275 17.33 15.81 -24.76
CA TYR B 275 18.13 16.93 -25.26
C TYR B 275 19.60 16.98 -24.82
N GLY B 276 19.95 16.13 -23.87
CA GLY B 276 21.27 16.18 -23.25
C GLY B 276 22.45 16.07 -24.18
N SER B 277 22.32 15.19 -25.16
CA SER B 277 23.39 14.97 -26.11
C SER B 277 23.44 16.10 -27.13
N PRO B 278 24.66 16.52 -27.52
CA PRO B 278 24.74 17.55 -28.56
C PRO B 278 24.45 17.02 -29.97
N ASN B 279 24.44 15.71 -30.19
CA ASN B 279 24.37 15.14 -31.53
C ASN B 279 23.19 14.22 -31.80
N TYR B 280 22.42 13.93 -30.76
CA TYR B 280 21.24 13.08 -30.89
C TYR B 280 20.03 13.76 -30.22
N GLY B 281 18.83 13.25 -30.50
CA GLY B 281 17.63 13.70 -29.83
C GLY B 281 16.92 14.92 -30.39
N ILE B 282 16.29 15.69 -29.52
CA ILE B 282 15.53 16.86 -29.89
C ILE B 282 16.04 18.04 -29.06
N ALA B 283 16.24 19.20 -29.69
CA ALA B 283 16.74 20.40 -28.99
C ALA B 283 15.92 20.79 -27.76
N ALA B 284 16.60 21.25 -26.72
CA ALA B 284 15.90 21.60 -25.49
C ALA B 284 14.87 22.69 -25.65
N ASP B 285 15.06 23.64 -26.58
CA ASP B 285 14.08 24.70 -26.71
C ASP B 285 12.75 24.19 -27.29
N ILE B 286 12.81 23.08 -28.01
CA ILE B 286 11.60 22.50 -28.56
C ILE B 286 10.91 21.75 -27.43
N VAL B 287 11.68 20.92 -26.73
CA VAL B 287 11.14 20.04 -25.68
C VAL B 287 10.55 20.84 -24.51
N LEU B 288 11.29 21.85 -24.06
CA LEU B 288 10.89 22.63 -22.89
C LEU B 288 10.24 23.96 -23.24
N GLY B 289 10.18 24.31 -24.52
CA GLY B 289 9.70 25.63 -24.85
C GLY B 289 8.49 25.61 -25.76
N GLN B 290 8.78 25.34 -27.02
CA GLN B 290 7.78 25.28 -28.07
C GLN B 290 6.65 24.31 -27.74
N LEU B 291 6.99 23.07 -27.48
CA LEU B 291 6.01 22.02 -27.18
C LEU B 291 5.22 22.27 -25.88
N ARG B 293 4.45 25.24 -24.47
CA ARG B 293 3.45 26.28 -24.68
C ARG B 293 2.24 25.71 -25.46
N LEU B 294 2.52 24.88 -26.45
CA LEU B 294 1.43 24.32 -27.25
C LEU B 294 0.56 23.40 -26.40
N ALA B 295 1.21 22.64 -25.51
CA ALA B 295 0.53 21.65 -24.68
C ALA B 295 -0.29 22.31 -23.57
N GLY B 296 0.07 23.54 -23.17
CA GLY B 296 -0.75 24.30 -22.25
C GLY B 296 -0.12 24.69 -20.90
N ALA B 297 1.20 24.61 -20.80
CA ALA B 297 1.86 25.02 -19.56
C ALA B 297 1.61 26.51 -19.34
N ASP B 298 1.24 26.90 -18.12
CA ASP B 298 1.13 28.32 -17.85
C ASP B 298 2.44 28.85 -17.25
N ILE B 299 3.19 27.94 -16.64
CA ILE B 299 4.49 28.25 -16.08
C ILE B 299 5.41 27.14 -16.52
N GLY B 300 6.60 27.51 -17.02
CA GLY B 300 7.52 26.51 -17.51
C GLY B 300 8.84 26.56 -16.76
N ILE B 301 9.21 25.43 -16.15
CA ILE B 301 10.44 25.29 -15.39
C ILE B 301 11.49 24.69 -16.33
N PHE B 302 12.70 25.27 -16.37
CA PHE B 302 13.77 24.79 -17.24
C PHE B 302 15.10 25.15 -16.57
N PRO B 303 16.20 24.44 -16.90
CA PRO B 303 17.49 24.73 -16.24
C PRO B 303 17.98 26.14 -16.56
N SER B 304 18.39 26.91 -15.54
CA SER B 304 18.88 28.29 -15.74
C SER B 304 20.29 28.30 -16.29
N TYR B 306 22.51 29.64 -14.83
CA TYR B 306 23.27 29.90 -13.60
C TYR B 306 23.59 28.64 -12.75
N GLY B 307 23.11 27.48 -13.18
CA GLY B 307 23.38 26.24 -12.48
C GLY B 307 24.61 25.53 -13.03
N SER B 308 24.91 24.33 -12.51
CA SER B 308 26.13 23.60 -12.88
C SER B 308 26.11 23.17 -14.34
N VAL B 309 24.94 22.79 -14.80
CA VAL B 309 24.75 22.33 -16.17
C VAL B 309 23.62 23.17 -16.77
N THR B 310 23.93 23.92 -17.83
CA THR B 310 22.93 24.80 -18.42
C THR B 310 22.42 24.20 -19.73
N LEU B 311 21.55 24.91 -20.41
CA LEU B 311 21.10 24.48 -21.72
C LEU B 311 22.02 25.06 -22.76
N GLY B 312 22.88 25.98 -22.33
CA GLY B 312 23.63 26.80 -23.26
C GLY B 312 22.86 28.03 -23.72
N ARG B 313 23.60 29.09 -24.03
CA ARG B 313 23.02 30.37 -24.40
C ARG B 313 21.96 30.26 -25.49
N GLU B 314 22.32 29.61 -26.58
CA GLU B 314 21.52 29.60 -27.78
C GLU B 314 20.18 28.91 -27.54
N ALA B 315 20.22 27.72 -26.94
CA ALA B 315 18.95 27.03 -26.65
C ALA B 315 18.11 27.83 -25.65
N THR B 316 18.76 28.43 -24.66
CA THR B 316 18.04 29.16 -23.60
C THR B 316 17.30 30.38 -24.13
N ASP B 317 17.94 31.11 -25.03
CA ASP B 317 17.29 32.23 -25.72
C ASP B 317 16.12 31.77 -26.58
N ARG B 318 16.32 30.70 -27.35
CA ARG B 318 15.25 30.19 -28.22
C ARG B 318 14.06 29.70 -27.41
N LEU B 319 14.37 29.09 -26.27
CA LEU B 319 13.37 28.63 -25.32
C LEU B 319 12.50 29.78 -24.89
N LEU B 320 13.12 30.86 -24.37
CA LEU B 320 12.35 32.01 -23.90
C LEU B 320 11.49 32.60 -25.01
N GLN B 321 12.07 32.73 -26.20
CA GLN B 321 11.33 33.26 -27.32
C GLN B 321 10.12 32.35 -27.65
N HIS B 322 10.27 31.04 -27.45
CA HIS B 322 9.12 30.16 -27.67
C HIS B 322 8.00 30.46 -26.68
N LEU B 323 8.37 30.68 -25.44
CA LEU B 323 7.41 30.96 -24.39
C LEU B 323 6.73 32.32 -24.57
N ARG B 324 7.41 33.28 -25.20
CA ARG B 324 6.94 34.66 -25.22
C ARG B 324 6.48 35.20 -26.58
N ALA B 325 6.90 34.55 -27.67
CA ALA B 325 6.60 35.04 -29.02
C ALA B 325 5.12 35.30 -29.27
N GLU B 326 4.86 36.39 -29.96
CA GLU B 326 3.50 36.78 -30.30
C GLU B 326 2.89 35.74 -31.19
N GLY B 327 1.69 35.29 -30.82
CA GLY B 327 1.01 34.27 -31.59
C GLY B 327 -0.43 34.17 -31.17
N PRO B 328 -1.06 33.03 -31.48
CA PRO B 328 -2.45 32.75 -31.16
C PRO B 328 -2.64 32.24 -29.74
N HIS B 329 -1.58 31.75 -29.12
CA HIS B 329 -1.69 31.27 -27.74
C HIS B 329 -1.13 32.32 -26.78
N LYS B 330 -1.58 32.27 -25.53
CA LYS B 330 -1.04 33.09 -24.46
C LYS B 330 0.43 32.76 -24.19
N PRO B 331 1.20 33.76 -23.73
CA PRO B 331 2.60 33.58 -23.33
C PRO B 331 2.73 32.87 -21.99
N VAL B 332 3.88 32.25 -21.78
CA VAL B 332 4.11 31.38 -20.63
C VAL B 332 5.12 32.07 -19.72
N LEU B 333 4.95 31.89 -18.40
CA LEU B 333 5.91 32.41 -17.43
C LEU B 333 7.11 31.48 -17.33
N PRO B 334 8.32 31.99 -17.54
CA PRO B 334 9.52 31.19 -17.33
C PRO B 334 9.91 31.08 -15.86
N ALA B 335 10.25 29.87 -15.45
CA ALA B 335 10.69 29.62 -14.09
C ALA B 335 12.06 28.91 -14.10
N PRO B 336 13.12 29.67 -14.39
CA PRO B 336 14.43 29.03 -14.55
C PRO B 336 14.95 28.54 -13.20
N SER B 337 15.55 27.36 -13.21
CA SER B 337 15.89 26.66 -11.99
C SER B 337 17.41 26.54 -11.82
N ALA B 338 17.84 26.37 -10.57
CA ALA B 338 19.25 26.23 -10.17
C ALA B 338 20.05 27.53 -10.11
N GLY B 339 20.77 27.74 -9.00
CA GLY B 339 21.59 28.93 -8.85
C GLY B 339 20.76 30.17 -8.60
N ILE B 340 19.51 29.99 -8.17
CA ILE B 340 18.62 31.11 -7.91
C ILE B 340 18.76 31.58 -6.45
N TYR B 341 19.43 32.72 -6.24
CA TYR B 341 19.57 33.35 -4.93
C TYR B 341 19.29 34.85 -5.00
N PRO B 342 18.98 35.47 -3.83
CA PRO B 342 18.63 36.90 -3.82
C PRO B 342 19.66 37.79 -4.50
N GLY B 343 20.94 37.43 -4.41
CA GLY B 343 22.00 38.18 -5.05
C GLY B 343 21.89 38.17 -6.57
N LEU B 344 21.20 37.16 -7.08
CA LEU B 344 21.05 37.02 -8.53
C LEU B 344 19.84 37.78 -9.05
N VAL B 345 18.94 38.19 -8.15
CA VAL B 345 17.71 38.88 -8.55
C VAL B 345 17.85 40.04 -9.56
N PRO B 346 18.82 40.95 -9.36
CA PRO B 346 18.95 42.02 -10.36
C PRO B 346 19.34 41.51 -11.75
N ARG B 347 20.21 40.51 -11.80
CA ARG B 347 20.58 39.90 -13.07
C ARG B 347 19.35 39.25 -13.67
N LEU B 348 18.55 38.61 -12.83
CA LEU B 348 17.33 37.97 -13.33
C LEU B 348 16.33 38.97 -13.89
N TYR B 349 16.26 40.16 -13.29
CA TYR B 349 15.42 41.22 -13.85
C TYR B 349 15.89 41.60 -15.25
N GLN B 350 17.21 41.64 -15.43
CA GLN B 350 17.79 42.01 -16.71
C GLN B 350 17.58 40.94 -17.76
N ASP B 351 17.72 39.67 -17.36
CA ASP B 351 17.50 38.54 -18.26
C ASP B 351 16.02 38.36 -18.67
N PHE B 352 15.10 38.49 -17.72
CA PHE B 352 13.71 38.11 -18.01
C PHE B 352 12.66 39.21 -17.86
N GLY B 353 13.01 40.30 -17.18
CA GLY B 353 12.03 41.32 -16.88
C GLY B 353 11.20 40.93 -15.67
N VAL B 354 10.05 41.58 -15.47
CA VAL B 354 9.20 41.26 -14.31
C VAL B 354 8.40 39.96 -14.47
N ASP B 355 8.15 39.55 -15.71
CA ASP B 355 7.38 38.31 -16.00
C ASP B 355 8.23 37.07 -15.81
N LEU B 356 8.40 36.71 -14.55
CA LEU B 356 9.41 35.76 -14.16
C LEU B 356 8.92 35.10 -12.88
N VAL B 357 9.19 33.82 -12.73
CA VAL B 357 9.02 33.19 -11.43
C VAL B 357 10.40 32.93 -10.84
N LEU B 358 10.65 33.48 -9.64
CA LEU B 358 11.87 33.17 -8.92
C LEU B 358 11.68 31.78 -8.32
N ASN B 359 12.32 30.82 -8.96
CA ASN B 359 12.16 29.40 -8.67
C ASN B 359 13.22 29.02 -7.64
N ALA B 360 12.94 29.26 -6.37
CA ALA B 360 13.92 29.02 -5.33
C ALA B 360 13.75 27.65 -4.65
N GLY B 361 14.86 27.01 -4.35
CA GLY B 361 14.83 25.77 -3.58
C GLY B 361 15.79 25.86 -2.40
N GLY B 362 17.06 25.56 -2.67
CA GLY B 362 18.10 25.78 -1.68
C GLY B 362 18.18 27.25 -1.30
N GLY B 363 17.74 28.12 -2.20
CA GLY B 363 17.69 29.54 -1.91
C GLY B 363 16.79 29.87 -0.74
N ILE B 364 15.73 29.10 -0.58
CA ILE B 364 14.83 29.28 0.56
C ILE B 364 15.30 28.46 1.75
N HIS B 365 15.50 27.17 1.53
CA HIS B 365 15.85 26.29 2.66
C HIS B 365 17.29 26.38 3.13
N GLY B 366 18.18 26.85 2.26
CA GLY B 366 19.59 26.98 2.63
C GLY B 366 19.87 28.26 3.41
N HIS B 367 18.86 29.12 3.56
CA HIS B 367 19.07 30.40 4.22
C HIS B 367 19.34 30.18 5.71
N PRO B 368 20.39 30.82 6.23
CA PRO B 368 20.83 30.60 7.62
C PRO B 368 19.69 30.75 8.61
N GLY B 369 18.77 31.67 8.33
CA GLY B 369 17.69 31.99 9.24
C GLY B 369 16.39 31.22 9.01
N GLY B 370 16.44 30.20 8.17
CA GLY B 370 15.25 29.40 7.89
C GLY B 370 14.46 29.84 6.66
N ALA B 371 13.53 28.99 6.24
CA ALA B 371 12.72 29.23 5.04
C ALA B 371 12.04 30.61 5.08
N ARG B 372 11.44 30.93 6.22
CA ARG B 372 10.77 32.22 6.40
C ARG B 372 11.67 33.37 5.99
N GLY B 374 14.38 33.01 4.25
CA GLY B 374 14.80 32.74 2.90
C GLY B 374 13.87 33.39 1.88
N GLY B 375 12.58 33.33 2.15
CA GLY B 375 11.61 34.03 1.35
C GLY B 375 11.69 35.55 1.46
N ARG B 376 11.79 36.07 2.68
CA ARG B 376 11.85 37.51 2.91
C ARG B 376 12.99 38.12 2.09
N ALA B 377 14.14 37.43 2.10
CA ALA B 377 15.33 37.80 1.31
C ALA B 377 15.03 38.14 -0.14
N PHE B 378 14.22 37.31 -0.80
CA PHE B 378 13.91 37.56 -2.20
C PHE B 378 13.07 38.82 -2.33
N PHE B 379 12.09 38.95 -1.46
CA PHE B 379 11.29 40.17 -1.44
C PHE B 379 12.13 41.43 -1.13
N ASP B 380 13.16 41.30 -0.30
CA ASP B 380 14.08 42.42 -0.03
C ASP B 380 14.84 42.88 -1.29
N ALA B 381 15.30 41.91 -2.07
CA ALA B 381 15.99 42.17 -3.33
C ALA B 381 15.05 42.73 -4.38
N ILE B 382 13.83 42.23 -4.42
CA ILE B 382 12.80 42.80 -5.29
C ILE B 382 12.61 44.26 -4.93
N TRP B 383 12.50 44.56 -3.64
CA TRP B 383 12.39 45.94 -3.18
C TRP B 383 13.57 46.80 -3.64
N ALA B 384 14.78 46.26 -3.51
CA ALA B 384 15.96 47.03 -3.82
C ALA B 384 15.94 47.41 -5.30
N VAL B 385 15.66 46.43 -6.15
CA VAL B 385 15.61 46.67 -7.59
C VAL B 385 14.56 47.73 -7.96
N GLU B 386 13.37 47.58 -7.41
CA GLU B 386 12.28 48.51 -7.68
C GLU B 386 12.63 49.93 -7.31
N HIS B 387 13.49 50.09 -6.31
CA HIS B 387 13.85 51.43 -5.84
C HIS B 387 15.25 51.87 -6.26
N GLY B 388 15.87 51.12 -7.17
CA GLY B 388 17.16 51.47 -7.71
C GLY B 388 18.28 51.41 -6.69
N VAL B 389 18.00 50.72 -5.59
CA VAL B 389 18.96 50.60 -4.49
C VAL B 389 19.86 49.40 -4.68
N PRO B 390 21.18 49.58 -4.51
CA PRO B 390 22.08 48.43 -4.54
C PRO B 390 21.71 47.48 -3.42
N LEU B 391 21.77 46.17 -3.69
CA LEU B 391 21.48 45.14 -2.69
C LEU B 391 22.27 45.36 -1.39
N GLU B 392 23.57 45.58 -1.55
CA GLU B 392 24.46 45.77 -0.42
C GLU B 392 24.00 46.97 0.41
N GLU B 393 23.48 47.98 -0.28
CA GLU B 393 22.94 49.16 0.38
C GLU B 393 21.62 48.85 1.08
N ALA B 394 20.69 48.22 0.35
CA ALA B 394 19.39 47.82 0.89
C ALA B 394 19.56 46.92 2.11
N ALA B 395 20.58 46.06 2.06
CA ALA B 395 20.76 45.03 3.07
C ALA B 395 21.25 45.61 4.41
N LYS B 396 21.58 46.90 4.43
CA LYS B 396 21.86 47.58 5.68
C LYS B 396 20.64 47.64 6.60
N ASP B 397 19.44 47.74 6.03
CA ASP B 397 18.22 47.77 6.86
C ASP B 397 17.40 46.47 6.82
N ARG B 398 17.88 45.47 6.09
CA ARG B 398 17.14 44.24 5.91
CA ARG B 398 17.13 44.23 5.92
C ARG B 398 18.01 43.01 6.18
N PRO B 399 17.92 42.46 7.40
CA PRO B 399 18.78 41.35 7.82
C PRO B 399 18.64 40.09 6.94
N ALA B 400 17.46 39.86 6.36
CA ALA B 400 17.28 38.68 5.50
C ALA B 400 18.21 38.74 4.30
N LEU B 401 18.10 39.82 3.53
CA LEU B 401 18.97 40.05 2.38
C LEU B 401 20.44 39.99 2.79
N ARG B 402 20.73 40.60 3.95
CA ARG B 402 22.08 40.62 4.49
C ARG B 402 22.67 39.21 4.62
N GLN B 403 21.94 38.32 5.30
CA GLN B 403 22.38 36.93 5.44
C GLN B 403 22.54 36.23 4.09
N ALA B 404 21.61 36.49 3.18
CA ALA B 404 21.62 35.87 1.87
C ALA B 404 22.82 36.34 1.08
N LEU B 405 23.13 37.63 1.17
CA LEU B 405 24.32 38.15 0.50
C LEU B 405 25.58 37.54 1.10
N GLU B 406 25.53 37.21 2.38
CA GLU B 406 26.69 36.63 3.06
C GLU B 406 26.98 35.21 2.60
N LYS B 407 25.96 34.37 2.58
CA LYS B 407 26.18 32.98 2.26
C LYS B 407 26.52 32.76 0.78
N TRP B 408 25.75 33.35 -0.12
CA TRP B 408 25.86 33.06 -1.55
C TRP B 408 26.45 34.18 -2.40
N GLY B 409 26.84 35.28 -1.77
CA GLY B 409 27.21 36.47 -2.50
C GLY B 409 25.96 37.12 -3.08
N ASP C 11 -26.87 8.18 34.68
CA ASP C 11 -27.12 6.92 33.99
C ASP C 11 -25.92 5.96 34.07
N ALA C 12 -26.22 4.67 33.97
CA ALA C 12 -25.24 3.64 34.26
C ALA C 12 -25.34 2.42 33.33
N VAL C 13 -24.23 1.71 33.18
CA VAL C 13 -24.25 0.41 32.52
C VAL C 13 -24.61 -0.60 33.60
N VAL C 14 -25.54 -1.49 33.29
CA VAL C 14 -25.89 -2.54 34.24
C VAL C 14 -25.44 -3.91 33.74
N ALA C 15 -24.57 -4.54 34.51
CA ALA C 15 -24.04 -5.86 34.17
C ALA C 15 -24.74 -6.90 35.03
N THR C 16 -25.05 -8.03 34.40
CA THR C 16 -25.66 -9.15 35.10
C THR C 16 -24.67 -10.29 35.17
N TYR C 17 -24.40 -10.79 36.37
CA TYR C 17 -23.42 -11.84 36.58
C TYR C 17 -24.09 -13.06 37.14
N ARG C 18 -23.67 -14.23 36.68
CA ARG C 18 -24.00 -15.50 37.29
C ARG C 18 -22.79 -15.90 38.13
N LEU C 19 -23.01 -16.21 39.39
CA LEU C 19 -21.90 -16.55 40.28
C LEU C 19 -22.30 -17.54 41.37
N ARG C 20 -21.29 -18.09 42.04
CA ARG C 20 -21.51 -19.01 43.15
C ARG C 20 -20.76 -18.53 44.38
N ASP C 21 -21.45 -18.49 45.51
CA ASP C 21 -20.85 -18.11 46.79
C ASP C 21 -21.82 -18.49 47.90
N ARG C 22 -21.39 -18.34 49.14
CA ARG C 22 -22.26 -18.68 50.27
C ARG C 22 -23.43 -17.69 50.39
N LYS C 23 -24.61 -18.25 50.69
CA LYS C 23 -25.87 -17.53 50.66
C LYS C 23 -25.86 -16.22 51.43
N ASP C 24 -25.40 -16.28 52.68
CA ASP C 24 -25.43 -15.12 53.57
C ASP C 24 -24.47 -13.99 53.14
N LYS C 25 -23.33 -14.38 52.55
CA LYS C 25 -22.33 -13.41 52.13
C LYS C 25 -22.65 -12.77 50.76
N LEU C 26 -23.76 -13.20 50.16
CA LEU C 26 -24.14 -12.74 48.83
C LEU C 26 -24.45 -11.24 48.80
N GLU C 27 -25.15 -10.77 49.82
CA GLU C 27 -25.60 -9.38 49.88
C GLU C 27 -24.41 -8.43 49.94
N ALA C 28 -23.55 -8.70 50.92
CA ALA C 28 -22.37 -7.91 51.18
C ALA C 28 -21.40 -7.96 50.02
N ARG C 29 -21.29 -9.12 49.37
CA ARG C 29 -20.39 -9.25 48.23
C ARG C 29 -20.84 -8.33 47.10
N ALA C 30 -22.15 -8.19 46.95
CA ALA C 30 -22.72 -7.39 45.87
C ALA C 30 -22.46 -5.90 46.06
N GLU C 31 -22.66 -5.44 47.29
CA GLU C 31 -22.40 -4.05 47.66
C GLU C 31 -20.91 -3.76 47.48
N GLY C 32 -20.07 -4.76 47.76
CA GLY C 32 -18.64 -4.62 47.65
C GLY C 32 -18.20 -4.44 46.20
N ILE C 33 -18.87 -5.14 45.30
CA ILE C 33 -18.59 -4.99 43.86
C ILE C 33 -19.02 -3.60 43.39
N ALA C 34 -20.21 -3.18 43.80
CA ALA C 34 -20.74 -1.88 43.39
C ALA C 34 -19.88 -0.70 43.80
N VAL C 35 -19.36 -0.73 45.04
CA VAL C 35 -18.53 0.36 45.56
C VAL C 35 -17.10 0.27 45.03
N GLY C 36 -16.51 -0.92 45.12
CA GLY C 36 -15.09 -1.12 44.83
C GLY C 36 -14.67 -1.07 43.38
N LEU C 37 -15.61 -1.24 42.46
CA LEU C 37 -15.29 -1.18 41.04
C LEU C 37 -15.73 0.15 40.44
N THR C 38 -16.00 1.12 41.32
CA THR C 38 -16.34 2.47 40.90
C THR C 38 -15.48 3.51 41.63
N ILE C 39 -15.78 3.77 42.90
CA ILE C 39 -15.06 4.81 43.66
C ILE C 39 -13.94 4.27 44.55
N GLY C 40 -13.72 2.97 44.51
CA GLY C 40 -12.74 2.30 45.35
C GLY C 40 -13.25 2.09 46.76
N THR C 41 -13.51 3.19 47.45
CA THR C 41 -14.11 3.18 48.78
C THR C 41 -14.67 4.58 49.01
N TRP C 42 -15.14 4.84 50.22
CA TRP C 42 -15.64 6.17 50.56
C TRP C 42 -14.56 6.99 51.25
N PRO C 46 -16.46 14.61 52.75
CA PRO C 46 -16.65 15.93 53.35
C PRO C 46 -17.79 16.71 52.68
N ALA C 47 -18.77 17.15 53.47
CA ALA C 47 -19.87 18.00 53.01
C ALA C 47 -20.55 17.59 51.70
N ALA C 48 -20.69 18.55 50.79
CA ALA C 48 -21.40 18.32 49.52
C ALA C 48 -20.49 17.64 48.49
N ARG C 49 -19.22 17.49 48.83
CA ARG C 49 -18.28 16.77 47.98
C ARG C 49 -18.55 15.27 48.05
N LYS C 50 -18.84 14.76 49.24
CA LYS C 50 -19.23 13.37 49.41
C LYS C 50 -20.51 13.11 48.61
N SER C 51 -21.39 14.10 48.64
CA SER C 51 -22.64 14.06 47.87
C SER C 51 -22.37 13.98 46.37
N GLU C 52 -21.33 14.68 45.91
CA GLU C 52 -20.98 14.68 44.49
C GLU C 52 -20.19 13.44 44.06
N VAL C 53 -19.38 12.91 44.98
CA VAL C 53 -18.66 11.67 44.72
C VAL C 53 -19.63 10.51 44.54
N ALA C 54 -20.73 10.57 45.29
CA ALA C 54 -21.70 9.49 45.34
C ALA C 54 -22.43 9.28 44.01
N LYS C 55 -22.25 10.23 43.10
CA LYS C 55 -22.79 10.09 41.74
C LYS C 55 -21.86 9.21 40.89
N HIS C 56 -20.66 8.95 41.41
CA HIS C 56 -19.69 8.11 40.72
C HIS C 56 -19.75 6.69 41.28
N CYS C 57 -20.43 6.52 42.39
CA CYS C 57 -20.52 5.23 43.05
C CYS C 57 -21.52 4.33 42.32
N GLY C 58 -21.15 3.05 42.23
CA GLY C 58 -22.05 2.05 41.68
C GLY C 58 -23.10 1.62 42.69
N ARG C 59 -24.02 0.76 42.24
CA ARG C 59 -25.08 0.32 43.13
C ARG C 59 -25.59 -1.07 42.76
N VAL C 60 -26.15 -1.76 43.73
CA VAL C 60 -26.70 -3.08 43.49
C VAL C 60 -28.13 -2.94 42.99
N GLU C 61 -28.38 -3.44 41.79
CA GLU C 61 -29.69 -3.27 41.17
C GLU C 61 -30.64 -4.41 41.47
N GLY C 62 -30.09 -5.59 41.75
CA GLY C 62 -30.90 -6.76 41.99
C GLY C 62 -30.12 -8.03 42.24
N ILE C 63 -30.68 -8.91 43.07
CA ILE C 63 -30.04 -10.18 43.38
C ILE C 63 -31.10 -11.26 43.26
N ARG C 64 -30.80 -12.31 42.49
CA ARG C 64 -31.77 -13.36 42.24
C ARG C 64 -31.16 -14.74 42.46
N VAL C 65 -31.70 -15.47 43.42
CA VAL C 65 -31.15 -16.77 43.75
C VAL C 65 -31.63 -17.84 42.76
N LEU C 66 -30.69 -18.49 42.08
CA LEU C 66 -31.06 -19.44 41.03
C LEU C 66 -31.16 -20.88 41.52
N ASP C 67 -30.23 -21.30 42.38
CA ASP C 67 -30.30 -22.63 42.97
C ASP C 67 -29.52 -22.77 44.26
N GLU C 68 -30.18 -23.33 45.28
CA GLU C 68 -29.58 -23.49 46.59
C GLU C 68 -28.90 -24.86 46.77
N ARG C 69 -27.91 -24.91 47.65
CA ARG C 69 -27.08 -26.10 47.83
C ARG C 69 -26.86 -26.44 49.31
N PRO C 70 -26.77 -27.75 49.64
CA PRO C 70 -26.61 -28.30 50.99
C PRO C 70 -25.33 -27.85 51.73
N ASP C 71 -24.25 -27.62 50.99
CA ASP C 71 -22.97 -27.23 51.58
C ASP C 71 -22.94 -25.75 51.95
N GLY C 72 -23.98 -25.02 51.55
CA GLY C 72 -24.12 -23.64 51.96
C GLY C 72 -23.94 -22.62 50.84
N ASP C 73 -23.50 -23.08 49.67
CA ASP C 73 -23.34 -22.20 48.49
C ASP C 73 -24.65 -22.04 47.74
N VAL C 74 -24.71 -21.03 46.90
CA VAL C 74 -25.86 -20.82 46.04
C VAL C 74 -25.39 -20.30 44.69
N VAL C 75 -26.10 -20.63 43.62
CA VAL C 75 -25.84 -19.98 42.34
C VAL C 75 -26.89 -18.90 42.12
N ALA C 76 -26.43 -17.67 41.87
CA ALA C 76 -27.33 -16.53 41.76
C ALA C 76 -26.94 -15.61 40.62
N GLU C 77 -27.84 -14.72 40.27
CA GLU C 77 -27.50 -13.61 39.41
C GLU C 77 -27.56 -12.33 40.21
N ILE C 78 -26.67 -11.41 39.89
CA ILE C 78 -26.63 -10.11 40.53
C ILE C 78 -26.57 -9.04 39.44
N ASP C 79 -27.36 -7.97 39.57
CA ASP C 79 -27.27 -6.86 38.63
C ASP C 79 -26.57 -5.69 39.30
N ILE C 80 -25.43 -5.29 38.74
CA ILE C 80 -24.67 -4.15 39.25
C ILE C 80 -24.77 -2.98 38.28
N ALA C 81 -25.00 -1.79 38.82
CA ALA C 81 -25.03 -0.56 38.01
C ALA C 81 -23.72 0.20 38.13
N TYR C 82 -23.10 0.48 36.99
CA TYR C 82 -21.85 1.24 36.92
C TYR C 82 -22.11 2.56 36.22
N PRO C 83 -21.96 3.69 36.93
CA PRO C 83 -22.08 5.04 36.36
C PRO C 83 -21.29 5.23 35.07
N VAL C 84 -21.95 5.64 33.99
CA VAL C 84 -21.28 5.86 32.71
C VAL C 84 -20.18 6.91 32.86
N ALA C 85 -20.44 7.90 33.70
CA ALA C 85 -19.45 8.96 34.00
C ALA C 85 -18.04 8.45 34.31
N ASN C 86 -17.94 7.21 34.73
CA ASN C 86 -16.66 6.63 35.13
C ASN C 86 -15.83 6.07 33.97
N LEU C 87 -16.46 5.94 32.81
CA LEU C 87 -15.80 5.36 31.64
C LEU C 87 -15.36 6.42 30.64
N ASN C 88 -14.43 6.06 29.75
CA ASN C 88 -13.87 7.02 28.81
C ASN C 88 -14.17 6.66 27.36
N GLY C 89 -15.23 5.87 27.15
CA GLY C 89 -15.65 5.52 25.80
C GLY C 89 -14.77 4.54 25.05
N THR C 90 -14.07 3.68 25.76
CA THR C 90 -13.31 2.62 25.11
C THR C 90 -13.72 1.24 25.63
N PHE C 91 -13.30 0.20 24.92
CA PHE C 91 -13.62 -1.17 25.32
C PHE C 91 -12.83 -1.55 26.56
N ALA C 92 -11.59 -1.07 26.60
CA ALA C 92 -10.75 -1.24 27.76
C ALA C 92 -11.44 -0.74 29.02
N SER C 93 -12.02 0.45 28.97
CA SER C 93 -12.65 1.00 30.17
C SER C 93 -13.88 0.20 30.52
N LEU C 94 -14.62 -0.19 29.48
CA LEU C 94 -15.83 -0.98 29.65
C LEU C 94 -15.51 -2.34 30.24
N LEU C 95 -14.57 -3.06 29.62
CA LEU C 95 -14.30 -4.45 30.01
C LEU C 95 -13.60 -4.54 31.35
N VAL C 96 -12.69 -3.60 31.63
CA VAL C 96 -11.94 -3.60 32.90
C VAL C 96 -12.83 -3.24 34.09
N THR C 97 -13.75 -2.31 33.86
CA THR C 97 -14.71 -1.94 34.88
C THR C 97 -15.65 -3.11 35.20
N VAL C 98 -16.29 -3.69 34.17
CA VAL C 98 -17.31 -4.71 34.44
C VAL C 98 -16.79 -6.14 34.64
N PHE C 99 -15.62 -6.45 34.12
CA PHE C 99 -15.12 -7.82 34.23
C PHE C 99 -13.61 -7.86 34.16
N GLY C 100 -12.96 -6.94 34.88
CA GLY C 100 -11.51 -6.90 34.97
C GLY C 100 -11.02 -7.76 36.14
N LYS C 101 -10.83 -7.13 37.29
CA LYS C 101 -10.47 -7.87 38.52
C LYS C 101 -11.51 -8.93 38.88
N LEU C 102 -12.78 -8.60 38.63
CA LEU C 102 -13.92 -9.48 38.92
C LEU C 102 -13.83 -10.81 38.18
N SER C 103 -13.20 -10.80 37.02
CA SER C 103 -13.05 -12.02 36.22
C SER C 103 -12.19 -13.06 36.96
N ASP C 105 -12.26 -13.57 40.36
CA ASP C 105 -12.85 -13.86 41.65
C ASP C 105 -13.68 -15.15 41.64
N GLY C 106 -13.07 -16.25 41.23
CA GLY C 106 -13.72 -17.55 41.31
C GLY C 106 -14.81 -17.82 40.27
N GLU C 107 -15.80 -18.60 40.66
CA GLU C 107 -16.86 -18.96 39.75
C GLU C 107 -17.82 -17.81 39.51
N ILE C 108 -17.61 -17.12 38.40
CA ILE C 108 -18.44 -15.97 38.07
C ILE C 108 -18.38 -15.72 36.57
N ARG C 109 -19.49 -15.29 35.99
CA ARG C 109 -19.60 -15.16 34.55
C ARG C 109 -20.47 -13.97 34.16
N LEU C 110 -19.96 -13.15 33.24
CA LEU C 110 -20.71 -12.02 32.71
C LEU C 110 -21.74 -12.50 31.68
N GLU C 111 -23.01 -12.24 31.96
CA GLU C 111 -24.11 -12.77 31.15
C GLU C 111 -24.79 -11.70 30.32
N ARG C 112 -24.75 -10.47 30.79
CA ARG C 112 -25.51 -9.41 30.15
C ARG C 112 -24.91 -8.05 30.48
N LEU C 113 -24.96 -7.15 29.50
CA LEU C 113 -24.61 -5.75 29.70
C LEU C 113 -25.73 -4.94 29.06
N GLN C 114 -26.36 -4.07 29.84
CA GLN C 114 -27.34 -3.16 29.28
C GLN C 114 -26.71 -1.78 29.20
N PRO C 116 -26.62 2.25 28.05
CA PRO C 116 -27.36 3.47 27.69
C PRO C 116 -26.95 3.97 26.31
N ASP C 117 -27.86 4.61 25.58
CA ASP C 117 -27.53 5.10 24.25
C ASP C 117 -26.46 6.19 24.29
N GLU C 118 -26.42 6.95 25.38
CA GLU C 118 -25.40 7.97 25.55
C GLU C 118 -24.02 7.34 25.41
N LEU C 119 -23.81 6.25 26.15
CA LEU C 119 -22.55 5.53 26.12
C LEU C 119 -22.30 4.81 24.81
N VAL C 120 -23.33 4.14 24.29
CA VAL C 120 -23.22 3.41 23.01
C VAL C 120 -22.73 4.31 21.87
N ARG C 121 -23.24 5.54 21.81
CA ARG C 121 -22.87 6.46 20.74
C ARG C 121 -21.40 6.89 20.77
N GLN C 122 -20.72 6.65 21.88
CA GLN C 122 -19.29 6.96 21.98
C GLN C 122 -18.43 5.96 21.20
N PHE C 123 -19.03 4.81 20.89
CA PHE C 123 -18.34 3.77 20.13
C PHE C 123 -18.62 4.02 18.65
N PRO C 124 -17.76 3.52 17.76
CA PRO C 124 -17.92 3.82 16.32
C PRO C 124 -19.13 3.14 15.68
N GLY C 125 -19.31 1.85 15.94
CA GLY C 125 -20.30 1.06 15.24
C GLY C 125 -19.90 0.76 13.81
N PRO C 126 -20.70 -0.03 13.09
CA PRO C 126 -20.34 -0.36 11.70
C PRO C 126 -20.25 0.88 10.79
N LYS C 127 -19.29 0.86 9.87
CA LYS C 127 -19.14 1.97 8.94
C LYS C 127 -20.17 1.82 7.82
N PHE C 128 -20.43 0.57 7.44
CA PHE C 128 -21.33 0.30 6.32
C PHE C 128 -22.64 -0.34 6.75
N GLY C 129 -22.56 -1.31 7.67
CA GLY C 129 -23.71 -2.13 8.00
C GLY C 129 -24.28 -2.86 6.80
N VAL C 130 -25.47 -3.44 6.99
CA VAL C 130 -26.20 -4.19 5.97
C VAL C 130 -26.26 -3.46 4.61
N GLU C 131 -26.90 -2.29 4.62
CA GLU C 131 -27.07 -1.49 3.41
C GLU C 131 -25.74 -1.08 2.77
N GLY C 132 -24.75 -0.76 3.61
CA GLY C 132 -23.46 -0.38 3.09
C GLY C 132 -22.80 -1.52 2.33
N VAL C 133 -22.87 -2.72 2.90
CA VAL C 133 -22.31 -3.89 2.23
C VAL C 133 -23.06 -4.18 0.94
N ARG C 134 -24.39 -4.24 1.02
CA ARG C 134 -25.21 -4.51 -0.17
C ARG C 134 -24.89 -3.54 -1.32
N ARG C 135 -24.82 -2.26 -0.98
CA ARG C 135 -24.56 -1.24 -1.99
C ARG C 135 -23.16 -1.38 -2.58
N ARG C 136 -22.21 -1.77 -1.75
CA ARG C 136 -20.84 -1.97 -2.21
C ARG C 136 -20.76 -3.14 -3.19
N LEU C 137 -21.48 -4.21 -2.88
CA LEU C 137 -21.43 -5.40 -3.73
C LEU C 137 -22.49 -5.39 -4.81
N GLY C 138 -23.47 -4.51 -4.68
CA GLY C 138 -24.59 -4.47 -5.61
C GLY C 138 -25.41 -5.75 -5.55
N ALA C 139 -25.55 -6.30 -4.34
CA ALA C 139 -26.36 -7.50 -4.13
C ALA C 139 -27.52 -7.20 -3.17
N TYR C 140 -28.74 -7.12 -3.69
CA TYR C 140 -29.88 -6.70 -2.87
C TYR C 140 -30.97 -7.76 -2.72
N ASN C 141 -31.67 -7.72 -1.57
CA ASN C 141 -32.88 -8.52 -1.33
C ASN C 141 -32.63 -10.03 -1.33
N ARG C 142 -31.42 -10.42 -0.95
CA ARG C 142 -31.02 -11.82 -1.02
C ARG C 142 -29.80 -12.14 -0.16
N PRO C 143 -29.66 -13.41 0.28
CA PRO C 143 -28.50 -13.76 1.06
C PRO C 143 -27.25 -13.70 0.19
N LEU C 144 -26.15 -13.21 0.75
CA LEU C 144 -24.87 -13.19 0.06
C LEU C 144 -24.25 -14.58 0.07
N VAL C 145 -23.44 -14.90 -0.93
CA VAL C 145 -22.79 -16.20 -0.96
C VAL C 145 -21.27 -15.99 -0.79
N SER C 147 -17.42 -17.81 0.02
CA SER C 147 -16.62 -19.03 0.00
C SER C 147 -15.34 -18.76 0.73
N ILE C 148 -14.76 -19.82 1.30
CA ILE C 148 -13.53 -19.72 2.07
C ILE C 148 -12.46 -20.48 1.32
N PHE C 149 -11.29 -19.86 1.14
CA PHE C 149 -10.10 -20.54 0.64
C PHE C 149 -9.85 -21.81 1.45
N LYS C 150 -9.57 -22.92 0.77
CA LYS C 150 -9.34 -24.20 1.45
C LYS C 150 -7.87 -24.44 1.81
N ALA C 151 -6.98 -23.89 1.00
CA ALA C 151 -5.54 -24.05 1.20
C ALA C 151 -4.87 -22.69 1.03
N CYS C 152 -3.96 -22.36 1.93
CA CYS C 152 -3.33 -21.04 1.88
C CYS C 152 -1.81 -21.09 2.05
N ALA C 153 -1.38 -21.49 3.25
CA ALA C 153 0.04 -21.46 3.61
C ALA C 153 0.89 -22.43 2.78
N GLY C 154 1.81 -21.87 1.98
CA GLY C 154 2.71 -22.69 1.18
C GLY C 154 2.42 -22.73 -0.32
N LEU C 155 1.30 -22.15 -0.73
CA LEU C 155 1.00 -22.08 -2.15
C LEU C 155 1.63 -20.83 -2.77
N THR C 156 2.01 -20.92 -4.04
CA THR C 156 2.58 -19.76 -4.71
C THR C 156 1.47 -18.76 -5.01
N LEU C 157 1.83 -17.55 -5.42
CA LEU C 157 0.82 -16.59 -5.83
C LEU C 157 0.00 -17.12 -7.00
N ASP C 158 0.67 -17.65 -8.02
CA ASP C 158 0.00 -18.21 -9.19
C ASP C 158 -1.05 -19.27 -8.82
N GLU C 159 -0.68 -20.11 -7.86
CA GLU C 159 -1.57 -21.19 -7.40
C GLU C 159 -2.75 -20.66 -6.60
N LEU C 160 -2.51 -19.58 -5.87
CA LEU C 160 -3.59 -18.94 -5.12
C LEU C 160 -4.59 -18.26 -6.08
N VAL C 161 -4.06 -17.72 -7.18
CA VAL C 161 -4.90 -17.05 -8.18
C VAL C 161 -5.85 -18.05 -8.85
N GLU C 162 -5.34 -19.22 -9.18
CA GLU C 162 -6.17 -20.24 -9.83
C GLU C 162 -7.29 -20.67 -8.88
N ALA C 163 -6.93 -20.89 -7.62
CA ALA C 163 -7.87 -21.25 -6.57
C ALA C 163 -8.97 -20.23 -6.40
N PHE C 164 -8.59 -18.96 -6.27
CA PHE C 164 -9.55 -17.87 -6.17
C PHE C 164 -10.46 -17.86 -7.39
N GLY C 165 -9.86 -18.10 -8.55
CA GLY C 165 -10.58 -18.21 -9.81
C GLY C 165 -11.71 -19.21 -9.72
N GLU C 166 -11.37 -20.44 -9.36
CA GLU C 166 -12.36 -21.52 -9.26
C GLU C 166 -13.58 -21.11 -8.44
N GLN C 167 -13.33 -20.46 -7.31
CA GLN C 167 -14.40 -19.98 -6.46
C GLN C 167 -15.21 -18.88 -7.14
N ALA C 168 -14.52 -17.94 -7.78
CA ALA C 168 -15.17 -16.81 -8.45
C ALA C 168 -15.96 -17.23 -9.70
N GLU C 169 -15.55 -18.33 -10.32
CA GLU C 169 -16.27 -18.87 -11.46
C GLU C 169 -17.64 -19.43 -11.05
N GLY C 170 -17.78 -19.75 -9.76
CA GLY C 170 -19.05 -20.11 -9.18
C GLY C 170 -19.92 -18.88 -9.06
N GLY C 171 -19.27 -17.72 -8.98
CA GLY C 171 -19.97 -16.46 -9.02
C GLY C 171 -20.42 -15.99 -7.66
N VAL C 172 -19.80 -16.52 -6.62
CA VAL C 172 -20.07 -16.13 -5.24
C VAL C 172 -19.92 -14.62 -5.09
N ASP C 173 -20.47 -14.10 -4.00
CA ASP C 173 -20.41 -12.66 -3.75
C ASP C 173 -19.08 -12.30 -3.11
N LEU C 174 -18.46 -13.28 -2.46
CA LEU C 174 -17.26 -13.03 -1.64
C LEU C 174 -16.38 -14.27 -1.48
N VAL C 175 -15.07 -14.04 -1.47
CA VAL C 175 -14.11 -15.09 -1.12
C VAL C 175 -13.22 -14.58 0.02
N ASP C 177 -9.99 -15.25 2.79
CA ASP C 177 -8.80 -16.00 3.22
C ASP C 177 -9.19 -16.95 4.34
N ASP C 178 -8.38 -17.98 4.58
CA ASP C 178 -8.59 -18.79 5.78
C ASP C 178 -7.96 -17.94 6.88
N GLU C 179 -8.60 -17.88 8.05
CA GLU C 179 -8.18 -16.94 9.08
C GLU C 179 -6.76 -17.16 9.59
N ILE C 180 -6.21 -18.35 9.33
CA ILE C 180 -4.86 -18.67 9.81
C ILE C 180 -3.78 -18.35 8.77
N PHE C 181 -4.13 -17.58 7.75
CA PHE C 181 -3.20 -17.24 6.67
C PHE C 181 -2.35 -16.04 7.04
N PHE C 182 -1.13 -16.29 7.51
CA PHE C 182 -0.32 -15.22 8.08
C PHE C 182 1.02 -15.05 7.39
N THR C 183 1.55 -16.11 6.79
CA THR C 183 2.85 -16.00 6.13
C THR C 183 2.75 -15.20 4.84
N GLU C 184 3.75 -14.36 4.62
CA GLU C 184 3.81 -13.51 3.43
C GLU C 184 4.99 -13.91 2.59
N ALA C 185 5.45 -15.14 2.74
CA ALA C 185 6.68 -15.57 2.08
C ALA C 185 6.47 -15.92 0.63
N TYR C 186 5.22 -16.09 0.23
CA TYR C 186 4.91 -16.46 -1.14
C TYR C 186 4.11 -15.36 -1.79
N ALA C 187 3.11 -14.87 -1.06
CA ALA C 187 2.24 -13.81 -1.55
C ALA C 187 1.79 -12.93 -0.39
N THR C 188 2.14 -11.65 -0.44
CA THR C 188 1.75 -10.74 0.63
C THR C 188 0.27 -10.42 0.51
N PRO C 189 -0.37 -9.94 1.58
CA PRO C 189 -1.75 -9.45 1.48
C PRO C 189 -1.98 -8.50 0.30
N GLU C 190 -1.03 -7.59 0.08
CA GLU C 190 -1.14 -6.64 -1.03
C GLU C 190 -1.11 -7.31 -2.42
N ASP C 191 -0.18 -8.25 -2.61
CA ASP C 191 -0.09 -8.96 -3.88
C ASP C 191 -1.34 -9.77 -4.17
N ARG C 192 -1.96 -10.33 -3.13
CA ARG C 192 -3.17 -11.13 -3.33
C ARG C 192 -4.35 -10.26 -3.77
N VAL C 193 -4.57 -9.14 -3.07
CA VAL C 193 -5.65 -8.22 -3.41
C VAL C 193 -5.54 -7.71 -4.85
N ARG C 194 -4.32 -7.44 -5.28
CA ARG C 194 -4.10 -6.98 -6.65
C ARG C 194 -4.39 -8.09 -7.67
N ALA C 195 -3.86 -9.27 -7.41
CA ALA C 195 -3.99 -10.40 -8.32
C ALA C 195 -5.43 -10.94 -8.40
N TYR C 196 -6.13 -10.98 -7.26
CA TYR C 196 -7.47 -11.53 -7.21
C TYR C 196 -8.48 -10.58 -7.83
N ALA C 197 -8.30 -9.29 -7.59
CA ALA C 197 -9.16 -8.28 -8.23
C ALA C 197 -8.97 -8.32 -9.74
N ALA C 198 -7.75 -8.64 -10.17
CA ALA C 198 -7.46 -8.80 -11.59
C ALA C 198 -8.24 -9.97 -12.15
N LYS C 199 -8.13 -11.13 -11.49
CA LYS C 199 -8.83 -12.33 -11.92
C LYS C 199 -10.34 -12.14 -11.83
N ALA C 200 -10.80 -11.44 -10.80
CA ALA C 200 -12.24 -11.19 -10.64
C ALA C 200 -12.77 -10.42 -11.83
N ASP C 201 -12.03 -9.38 -12.21
CA ASP C 201 -12.41 -8.51 -13.30
C ASP C 201 -12.50 -9.30 -14.61
N GLU C 202 -11.57 -10.24 -14.77
CA GLU C 202 -11.57 -11.12 -15.94
C GLU C 202 -12.75 -12.08 -15.94
N ILE C 203 -12.99 -12.74 -14.80
CA ILE C 203 -14.08 -13.70 -14.71
C ILE C 203 -15.47 -13.05 -14.75
N ALA C 204 -15.56 -11.80 -14.31
CA ALA C 204 -16.80 -11.02 -14.38
C ALA C 204 -17.35 -10.90 -15.81
N GLN C 205 -16.49 -11.16 -16.79
CA GLN C 205 -16.91 -11.23 -18.18
C GLN C 205 -17.88 -12.40 -18.38
N ARG C 206 -17.56 -13.54 -17.77
CA ARG C 206 -18.34 -14.76 -17.97
C ARG C 206 -19.44 -14.96 -16.92
N THR C 207 -19.26 -14.30 -15.78
CA THR C 207 -20.15 -14.46 -14.61
C THR C 207 -21.11 -13.27 -14.47
N GLY C 208 -20.66 -12.09 -14.89
CA GLY C 208 -21.45 -10.88 -14.75
C GLY C 208 -21.24 -10.23 -13.40
N ARG C 209 -20.76 -11.02 -12.44
CA ARG C 209 -20.55 -10.55 -11.09
C ARG C 209 -19.06 -10.51 -10.76
N ARG C 210 -18.62 -9.37 -10.23
CA ARG C 210 -17.25 -9.23 -9.78
C ARG C 210 -17.14 -9.81 -8.38
N THR C 211 -16.62 -11.02 -8.29
CA THR C 211 -16.44 -11.70 -7.02
C THR C 211 -15.47 -10.89 -6.17
N ALA C 212 -15.89 -10.52 -4.97
CA ALA C 212 -15.06 -9.71 -4.10
C ALA C 212 -14.16 -10.59 -3.23
N TYR C 213 -13.17 -9.95 -2.57
CA TYR C 213 -12.14 -10.67 -1.81
C TYR C 213 -11.97 -10.10 -0.40
N ALA C 214 -12.11 -10.98 0.59
CA ALA C 214 -11.92 -10.62 1.98
C ALA C 214 -10.53 -11.10 2.38
N VAL C 215 -9.62 -10.16 2.51
CA VAL C 215 -8.21 -10.45 2.78
C VAL C 215 -7.94 -10.37 4.27
N ASN C 216 -7.16 -11.31 4.78
CA ASN C 216 -6.77 -11.35 6.19
C ASN C 216 -5.95 -10.11 6.50
N LEU C 217 -6.35 -9.38 7.54
CA LEU C 217 -5.64 -8.17 7.95
C LEU C 217 -4.67 -8.55 9.07
N THR C 218 -3.38 -8.45 8.76
CA THR C 218 -2.33 -9.01 9.61
C THR C 218 -1.16 -8.04 9.74
N GLY C 219 -0.29 -8.32 10.70
CA GLY C 219 0.88 -7.48 10.97
C GLY C 219 0.81 -6.79 12.32
N PRO C 220 1.85 -6.03 12.66
CA PRO C 220 1.92 -5.27 13.92
C PRO C 220 0.82 -4.24 14.00
N VAL C 221 0.40 -3.91 15.22
CA VAL C 221 -0.70 -3.00 15.42
C VAL C 221 -0.43 -1.60 14.86
N HIS C 222 0.78 -1.11 15.07
CA HIS C 222 1.11 0.26 14.65
C HIS C 222 0.99 0.48 13.15
N SER C 223 1.04 -0.60 12.35
CA SER C 223 0.95 -0.45 10.90
C SER C 223 -0.37 -0.94 10.31
N LEU C 224 -1.32 -1.31 11.17
CA LEU C 224 -2.60 -1.89 10.76
C LEU C 224 -3.49 -0.92 9.99
N ARG C 225 -3.60 0.31 10.46
CA ARG C 225 -4.43 1.32 9.78
C ARG C 225 -3.95 1.59 8.36
N GLU C 226 -2.65 1.65 8.18
CA GLU C 226 -2.05 2.01 6.90
C GLU C 226 -2.18 0.86 5.91
N ARG C 227 -1.93 -0.34 6.39
CA ARG C 227 -2.13 -1.54 5.58
C ARG C 227 -3.58 -1.67 5.16
N ALA C 228 -4.49 -1.38 6.09
CA ALA C 228 -5.92 -1.39 5.82
C ALA C 228 -6.31 -0.40 4.72
N ARG C 229 -5.75 0.80 4.80
CA ARG C 229 -5.96 1.81 3.76
C ARG C 229 -5.41 1.31 2.44
N ARG C 230 -4.23 0.71 2.48
CA ARG C 230 -3.59 0.20 1.25
C ARG C 230 -4.39 -0.93 0.60
N LEU C 231 -4.82 -1.90 1.40
CA LEU C 231 -5.64 -3.01 0.90
C LEU C 231 -6.97 -2.54 0.28
N ALA C 232 -7.61 -1.58 0.93
CA ALA C 232 -8.84 -0.98 0.41
C ALA C 232 -8.60 -0.32 -0.95
N GLU C 233 -7.56 0.50 -1.03
CA GLU C 233 -7.27 1.22 -2.28
C GLU C 233 -6.79 0.27 -3.37
N LEU C 234 -6.27 -0.89 -2.99
CA LEU C 234 -5.85 -1.88 -3.97
C LEU C 234 -7.06 -2.69 -4.44
N GLY C 235 -8.19 -2.50 -3.76
CA GLY C 235 -9.47 -3.02 -4.20
C GLY C 235 -10.04 -4.15 -3.38
N ALA C 236 -9.62 -4.26 -2.12
CA ALA C 236 -10.16 -5.31 -1.26
C ALA C 236 -11.67 -5.18 -1.14
N GLY C 237 -12.36 -6.31 -1.17
CA GLY C 237 -13.81 -6.32 -0.98
C GLY C 237 -14.17 -6.11 0.48
N ALA C 238 -13.35 -6.66 1.36
CA ALA C 238 -13.49 -6.53 2.80
C ALA C 238 -12.17 -6.85 3.50
N LEU C 239 -12.09 -6.49 4.78
CA LEU C 239 -10.97 -6.85 5.62
C LEU C 239 -11.45 -7.93 6.58
N LEU C 240 -10.83 -9.10 6.49
CA LEU C 240 -11.06 -10.20 7.42
C LEU C 240 -10.22 -9.93 8.67
N VAL C 241 -10.87 -9.86 9.83
CA VAL C 241 -10.17 -9.47 11.04
C VAL C 241 -10.44 -10.41 12.20
N ASN C 242 -9.36 -10.93 12.77
CA ASN C 242 -9.42 -11.75 13.98
C ASN C 242 -9.55 -10.80 15.19
N VAL C 243 -10.76 -10.31 15.40
CA VAL C 243 -11.00 -9.21 16.33
C VAL C 243 -10.58 -9.50 17.77
N VAL C 244 -11.00 -10.64 18.29
CA VAL C 244 -10.65 -10.99 19.67
C VAL C 244 -9.14 -11.08 19.86
N ALA C 245 -8.43 -11.59 18.85
CA ALA C 245 -6.98 -11.73 18.95
C ALA C 245 -6.26 -10.37 18.98
N TYR C 246 -6.80 -9.39 18.26
CA TYR C 246 -6.19 -8.06 18.21
C TYR C 246 -6.69 -7.12 19.30
N GLY C 247 -7.94 -7.31 19.71
CA GLY C 247 -8.57 -6.42 20.67
C GLY C 247 -9.65 -5.58 20.03
N TYR C 248 -10.72 -5.33 20.77
CA TYR C 248 -11.85 -4.55 20.25
C TYR C 248 -11.50 -3.09 19.97
N ASP C 249 -10.63 -2.51 20.78
CA ASP C 249 -10.35 -1.08 20.58
C ASP C 249 -9.48 -0.90 19.34
N VAL C 250 -8.63 -1.88 19.06
CA VAL C 250 -7.87 -1.88 17.82
C VAL C 250 -8.79 -1.84 16.61
N VAL C 251 -9.75 -2.75 16.58
CA VAL C 251 -10.70 -2.83 15.46
C VAL C 251 -11.61 -1.62 15.43
N ALA C 252 -11.98 -1.11 16.59
CA ALA C 252 -12.81 0.09 16.66
C ALA C 252 -12.16 1.24 15.88
N ASP C 253 -10.85 1.37 16.03
CA ASP C 253 -10.18 2.47 15.35
C ASP C 253 -10.23 2.37 13.83
N LEU C 254 -10.33 1.14 13.32
CA LEU C 254 -10.42 0.89 11.89
C LEU C 254 -11.80 1.30 11.40
N ALA C 255 -12.83 0.85 12.11
CA ALA C 255 -14.20 1.16 11.73
C ALA C 255 -14.49 2.65 11.79
N ARG C 256 -13.84 3.34 12.73
CA ARG C 256 -14.06 4.76 12.94
C ARG C 256 -13.43 5.57 11.81
N ASP C 257 -12.30 5.09 11.31
CA ASP C 257 -11.49 5.83 10.35
C ASP C 257 -12.13 5.91 8.95
N PRO C 258 -12.55 7.13 8.54
CA PRO C 258 -13.16 7.33 7.21
C PRO C 258 -12.27 6.85 6.06
N ASP C 259 -10.95 6.83 6.29
CA ASP C 259 -10.03 6.47 5.22
C ASP C 259 -9.78 4.95 5.09
N VAL C 260 -10.28 4.18 6.04
CA VAL C 260 -10.38 2.73 5.85
C VAL C 260 -11.73 2.45 5.20
N ASP C 261 -11.80 2.75 3.91
CA ASP C 261 -13.04 2.75 3.14
C ASP C 261 -13.40 1.36 2.64
N VAL C 262 -13.63 0.43 3.57
CA VAL C 262 -13.89 -0.97 3.24
C VAL C 262 -14.50 -1.69 4.44
N PRO C 263 -15.50 -2.56 4.19
CA PRO C 263 -16.17 -3.31 5.25
C PRO C 263 -15.23 -4.19 6.05
N ILE C 264 -15.60 -4.43 7.31
CA ILE C 264 -14.87 -5.33 8.19
C ILE C 264 -15.63 -6.63 8.35
N LEU C 265 -14.99 -7.73 7.99
CA LEU C 265 -15.49 -9.07 8.23
C LEU C 265 -14.87 -9.63 9.52
N ALA C 266 -15.66 -9.82 10.55
CA ALA C 266 -15.11 -10.25 11.84
C ALA C 266 -15.09 -11.76 12.02
N HIS C 267 -13.91 -12.35 12.16
CA HIS C 267 -13.79 -13.78 12.51
C HIS C 267 -13.72 -13.98 14.05
N PRO C 268 -14.42 -15.01 14.57
CA PRO C 268 -14.48 -15.25 16.02
C PRO C 268 -13.25 -15.94 16.62
N ALA C 269 -12.18 -16.15 15.86
CA ALA C 269 -11.01 -16.88 16.40
C ALA C 269 -10.59 -16.42 17.78
N VAL C 270 -10.37 -17.40 18.68
CA VAL C 270 -9.96 -17.20 20.08
C VAL C 270 -11.14 -16.91 21.03
N SER C 271 -12.29 -16.54 20.47
CA SER C 271 -13.46 -16.18 21.30
C SER C 271 -13.89 -17.32 22.20
N GLY C 272 -13.65 -18.55 21.76
CA GLY C 272 -14.09 -19.73 22.48
C GLY C 272 -13.42 -19.84 23.83
N ALA C 273 -12.23 -19.25 23.94
CA ALA C 273 -11.48 -19.23 25.17
C ALA C 273 -12.13 -18.34 26.23
N LEU C 274 -13.03 -17.47 25.79
CA LEU C 274 -13.74 -16.56 26.67
C LEU C 274 -15.11 -17.11 27.05
N TYR C 275 -15.81 -17.74 26.10
CA TYR C 275 -17.19 -18.14 26.35
C TYR C 275 -17.39 -19.64 26.56
N GLY C 276 -16.32 -20.42 26.45
CA GLY C 276 -16.44 -21.86 26.39
C GLY C 276 -17.03 -22.50 27.62
N SER C 277 -16.56 -22.08 28.78
CA SER C 277 -17.02 -22.65 30.05
C SER C 277 -18.48 -22.29 30.31
N PRO C 278 -19.22 -23.18 30.97
CA PRO C 278 -20.56 -22.71 31.31
C PRO C 278 -20.61 -21.80 32.54
N ASN C 279 -19.56 -21.80 33.39
CA ASN C 279 -19.65 -21.13 34.67
C ASN C 279 -18.66 -19.97 34.84
N TYR C 280 -17.79 -19.80 33.85
CA TYR C 280 -16.72 -18.79 33.86
C TYR C 280 -16.79 -17.98 32.58
N GLY C 281 -16.07 -16.86 32.55
CA GLY C 281 -15.91 -16.11 31.31
C GLY C 281 -17.00 -15.10 31.01
N ILE C 282 -17.20 -14.87 29.72
CA ILE C 282 -18.18 -13.92 29.23
C ILE C 282 -19.07 -14.63 28.22
N ALA C 283 -20.38 -14.42 28.32
CA ALA C 283 -21.34 -15.05 27.41
C ALA C 283 -21.00 -14.79 25.93
N ALA C 284 -21.25 -15.80 25.09
CA ALA C 284 -20.92 -15.74 23.66
C ALA C 284 -21.64 -14.63 22.87
N ASP C 285 -22.89 -14.35 23.24
CA ASP C 285 -23.62 -13.27 22.57
C ASP C 285 -22.99 -11.91 22.84
N ILE C 286 -22.28 -11.77 23.95
CA ILE C 286 -21.58 -10.53 24.26
C ILE C 286 -20.30 -10.44 23.43
N VAL C 287 -19.53 -11.53 23.45
CA VAL C 287 -18.23 -11.55 22.79
C VAL C 287 -18.40 -11.38 21.30
N LEU C 288 -19.36 -12.11 20.74
CA LEU C 288 -19.52 -12.20 19.28
C LEU C 288 -20.68 -11.39 18.76
N GLY C 289 -21.44 -10.75 19.64
CA GLY C 289 -22.60 -9.99 19.21
C GLY C 289 -22.53 -8.52 19.58
N GLN C 290 -22.84 -8.23 20.84
CA GLN C 290 -22.88 -6.88 21.34
C GLN C 290 -21.59 -6.11 21.11
N LEU C 291 -20.46 -6.72 21.43
CA LEU C 291 -19.19 -6.00 21.35
C LEU C 291 -18.71 -5.87 19.90
N ARG C 293 -20.63 -5.41 17.30
CA ARG C 293 -21.34 -4.33 16.64
C ARG C 293 -20.82 -2.98 17.07
N LEU C 294 -20.55 -2.82 18.36
CA LEU C 294 -19.91 -1.61 18.87
C LEU C 294 -18.55 -1.38 18.20
N ALA C 295 -17.81 -2.45 17.96
CA ALA C 295 -16.47 -2.37 17.39
C ALA C 295 -16.44 -1.97 15.91
N GLY C 296 -17.50 -2.30 15.18
CA GLY C 296 -17.58 -1.94 13.77
C GLY C 296 -17.59 -3.07 12.76
N ALA C 297 -17.81 -4.31 13.20
CA ALA C 297 -18.03 -5.38 12.23
C ALA C 297 -19.23 -5.06 11.34
N ASP C 298 -19.03 -5.17 10.03
CA ASP C 298 -20.15 -5.04 9.10
C ASP C 298 -20.75 -6.41 8.82
N ILE C 299 -19.93 -7.45 8.94
CA ILE C 299 -20.42 -8.83 8.88
C ILE C 299 -19.79 -9.60 10.02
N GLY C 300 -20.56 -10.45 10.69
CA GLY C 300 -20.03 -11.15 11.85
C GLY C 300 -20.13 -12.65 11.74
N ILE C 301 -19.01 -13.34 11.82
CA ILE C 301 -19.02 -14.80 11.75
C ILE C 301 -19.16 -15.39 13.14
N PHE C 302 -20.08 -16.34 13.29
CA PHE C 302 -20.28 -17.05 14.54
C PHE C 302 -20.78 -18.46 14.26
N PRO C 303 -20.41 -19.42 15.10
CA PRO C 303 -20.95 -20.79 15.02
C PRO C 303 -22.48 -20.84 14.95
N SER C 304 -23.00 -21.55 13.95
CA SER C 304 -24.44 -21.69 13.74
C SER C 304 -25.01 -22.88 14.51
N TYR C 306 -26.43 -25.44 13.28
CA TYR C 306 -26.51 -26.63 12.43
C TYR C 306 -25.18 -27.39 12.35
N GLY C 307 -24.25 -27.03 13.23
CA GLY C 307 -22.95 -27.67 13.26
C GLY C 307 -22.85 -28.70 14.37
N SER C 308 -21.66 -29.29 14.51
CA SER C 308 -21.39 -30.26 15.56
C SER C 308 -21.51 -29.63 16.95
N VAL C 309 -20.83 -28.51 17.14
CA VAL C 309 -20.86 -27.78 18.41
C VAL C 309 -21.43 -26.39 18.16
N THR C 310 -22.51 -26.05 18.87
CA THR C 310 -23.16 -24.76 18.68
C THR C 310 -22.97 -23.83 19.88
N LEU C 311 -23.63 -22.67 19.83
CA LEU C 311 -23.63 -21.76 20.96
C LEU C 311 -24.85 -22.03 21.84
N GLY C 312 -25.75 -22.89 21.36
CA GLY C 312 -26.99 -23.15 22.05
C GLY C 312 -27.99 -22.06 21.71
N ARG C 313 -29.27 -22.43 21.70
CA ARG C 313 -30.33 -21.56 21.20
C ARG C 313 -30.43 -20.18 21.85
N GLU C 314 -30.30 -20.11 23.16
CA GLU C 314 -30.47 -18.83 23.85
C GLU C 314 -29.38 -17.83 23.46
N ALA C 315 -28.13 -18.28 23.48
CA ALA C 315 -27.00 -17.43 23.15
C ALA C 315 -27.05 -16.98 21.68
N THR C 316 -27.47 -17.88 20.80
CA THR C 316 -27.57 -17.56 19.38
C THR C 316 -28.65 -16.52 19.09
N ASP C 317 -29.84 -16.66 19.70
CA ASP C 317 -30.91 -15.70 19.52
C ASP C 317 -30.49 -14.33 20.03
N ARG C 318 -29.90 -14.30 21.22
CA ARG C 318 -29.38 -13.05 21.79
C ARG C 318 -28.36 -12.45 20.84
N LEU C 319 -27.52 -13.31 20.27
CA LEU C 319 -26.45 -12.85 19.40
C LEU C 319 -27.03 -12.11 18.20
N LEU C 320 -27.97 -12.75 17.53
CA LEU C 320 -28.57 -12.16 16.35
C LEU C 320 -29.25 -10.85 16.73
N GLN C 321 -29.87 -10.80 17.92
CA GLN C 321 -30.55 -9.60 18.40
C GLN C 321 -29.58 -8.45 18.63
N HIS C 322 -28.42 -8.73 19.22
CA HIS C 322 -27.37 -7.73 19.37
C HIS C 322 -26.92 -7.21 18.02
N LEU C 323 -26.96 -8.07 17.01
CA LEU C 323 -26.50 -7.70 15.68
C LEU C 323 -27.50 -6.79 14.96
N ARG C 324 -28.79 -7.04 15.17
CA ARG C 324 -29.85 -6.40 14.37
C ARG C 324 -30.68 -5.32 15.06
N ALA C 325 -30.77 -5.35 16.38
CA ALA C 325 -31.77 -4.52 17.07
C ALA C 325 -31.64 -3.05 16.69
N GLU C 326 -32.79 -2.39 16.53
CA GLU C 326 -32.78 -0.97 16.22
C GLU C 326 -32.07 -0.20 17.33
N GLY C 327 -31.13 0.65 16.94
CA GLY C 327 -30.33 1.38 17.92
C GLY C 327 -29.43 2.41 17.28
N PRO C 328 -28.60 3.06 18.12
CA PRO C 328 -27.65 4.10 17.73
C PRO C 328 -26.86 3.73 16.47
N HIS C 329 -26.38 2.50 16.37
CA HIS C 329 -25.57 2.09 15.21
C HIS C 329 -26.35 1.31 14.15
N LYS C 330 -25.75 1.22 12.96
CA LYS C 330 -26.34 0.49 11.83
C LYS C 330 -26.33 -0.99 12.18
N PRO C 331 -27.19 -1.80 11.53
CA PRO C 331 -27.24 -3.24 11.81
C PRO C 331 -26.08 -4.00 11.18
N VAL C 332 -25.80 -5.21 11.67
CA VAL C 332 -24.70 -6.05 11.16
C VAL C 332 -25.24 -7.27 10.43
N LEU C 333 -24.54 -7.67 9.36
CA LEU C 333 -24.89 -8.90 8.63
C LEU C 333 -24.39 -10.13 9.36
N PRO C 334 -25.31 -11.03 9.75
CA PRO C 334 -24.89 -12.30 10.33
C PRO C 334 -24.36 -13.27 9.26
N ALA C 335 -23.38 -14.07 9.65
CA ALA C 335 -22.73 -15.03 8.76
C ALA C 335 -22.49 -16.35 9.49
N PRO C 336 -23.57 -17.06 9.85
CA PRO C 336 -23.47 -18.29 10.65
C PRO C 336 -22.65 -19.33 9.90
N SER C 337 -21.79 -20.05 10.61
CA SER C 337 -20.88 -20.99 9.95
C SER C 337 -21.10 -22.42 10.44
N ALA C 338 -20.67 -23.37 9.63
CA ALA C 338 -20.82 -24.83 9.84
C ALA C 338 -22.21 -25.37 9.46
N GLY C 339 -22.23 -26.46 8.73
CA GLY C 339 -23.47 -27.09 8.28
C GLY C 339 -24.22 -26.30 7.22
N ILE C 340 -23.53 -25.36 6.58
CA ILE C 340 -24.14 -24.50 5.58
C ILE C 340 -24.17 -25.14 4.18
N TYR C 341 -25.34 -25.64 3.77
CA TYR C 341 -25.48 -26.34 2.48
C TYR C 341 -26.66 -25.81 1.65
N PRO C 342 -26.59 -25.97 0.30
CA PRO C 342 -27.68 -25.54 -0.58
C PRO C 342 -29.03 -26.00 -0.08
N GLY C 343 -29.13 -27.28 0.26
CA GLY C 343 -30.34 -27.84 0.82
C GLY C 343 -30.84 -27.19 2.09
N LEU C 344 -30.01 -26.35 2.71
CA LEU C 344 -30.40 -25.70 3.94
C LEU C 344 -30.96 -24.29 3.70
N VAL C 345 -30.84 -23.80 2.47
CA VAL C 345 -31.21 -22.41 2.13
C VAL C 345 -32.64 -21.98 2.53
N PRO C 346 -33.67 -22.81 2.25
CA PRO C 346 -35.02 -22.40 2.71
C PRO C 346 -35.09 -22.26 4.24
N ARG C 347 -34.51 -23.21 4.96
CA ARG C 347 -34.45 -23.15 6.41
C ARG C 347 -33.81 -21.85 6.86
N LEU C 348 -32.73 -21.46 6.18
CA LEU C 348 -31.97 -20.27 6.56
C LEU C 348 -32.74 -18.97 6.29
N TYR C 349 -33.48 -18.94 5.18
CA TYR C 349 -34.40 -17.83 4.91
C TYR C 349 -35.38 -17.64 6.07
N GLN C 350 -35.88 -18.76 6.62
CA GLN C 350 -36.79 -18.70 7.77
C GLN C 350 -36.09 -18.17 9.03
N ASP C 351 -34.90 -18.69 9.29
CA ASP C 351 -34.12 -18.32 10.47
C ASP C 351 -33.67 -16.86 10.45
N PHE C 352 -33.16 -16.39 9.30
CA PHE C 352 -32.49 -15.09 9.21
C PHE C 352 -33.14 -14.09 8.25
N GLY C 353 -33.92 -14.57 7.29
CA GLY C 353 -34.43 -13.71 6.24
C GLY C 353 -33.34 -13.41 5.21
N VAL C 354 -33.59 -12.45 4.33
CA VAL C 354 -32.63 -12.10 3.27
C VAL C 354 -31.35 -11.41 3.79
N ASP C 355 -31.43 -10.75 4.94
CA ASP C 355 -30.22 -10.14 5.49
C ASP C 355 -29.33 -11.23 6.07
N LEU C 356 -28.66 -11.95 5.19
CA LEU C 356 -27.86 -13.10 5.57
C LEU C 356 -26.67 -13.24 4.63
N VAL C 357 -25.55 -13.67 5.20
CA VAL C 357 -24.42 -14.16 4.41
C VAL C 357 -24.35 -15.69 4.49
N LEU C 358 -24.49 -16.34 3.35
CA LEU C 358 -24.35 -17.78 3.31
C LEU C 358 -22.88 -18.14 3.44
N ASN C 359 -22.48 -18.54 4.63
CA ASN C 359 -21.06 -18.78 4.89
C ASN C 359 -20.69 -20.19 4.42
N ALA C 360 -20.52 -20.36 3.12
CA ALA C 360 -20.22 -21.67 2.58
C ALA C 360 -18.73 -22.02 2.70
N GLY C 361 -18.43 -23.15 3.33
CA GLY C 361 -17.06 -23.63 3.42
C GLY C 361 -16.86 -24.87 2.56
N GLY C 362 -17.14 -26.03 3.15
CA GLY C 362 -17.10 -27.28 2.41
C GLY C 362 -18.30 -27.40 1.48
N GLY C 363 -19.29 -26.53 1.70
CA GLY C 363 -20.44 -26.45 0.80
C GLY C 363 -20.00 -26.07 -0.60
N ILE C 364 -18.90 -25.32 -0.68
CA ILE C 364 -18.31 -24.95 -1.95
C ILE C 364 -17.28 -25.98 -2.42
N HIS C 365 -16.36 -26.33 -1.54
CA HIS C 365 -15.24 -27.18 -1.95
C HIS C 365 -15.56 -28.67 -1.92
N GLY C 366 -16.45 -29.09 -1.02
CA GLY C 366 -16.86 -30.49 -0.97
C GLY C 366 -17.84 -30.93 -2.06
N HIS C 367 -18.32 -29.98 -2.87
CA HIS C 367 -19.25 -30.31 -3.97
C HIS C 367 -18.61 -31.37 -4.87
N PRO C 368 -19.43 -32.32 -5.36
CA PRO C 368 -18.92 -33.37 -6.24
C PRO C 368 -18.45 -32.82 -7.59
N GLY C 369 -18.98 -31.66 -7.97
CA GLY C 369 -18.79 -31.13 -9.31
C GLY C 369 -17.85 -29.94 -9.43
N GLY C 370 -17.01 -29.74 -8.42
CA GLY C 370 -16.05 -28.65 -8.45
C GLY C 370 -16.58 -27.41 -7.76
N ALA C 371 -15.67 -26.55 -7.31
CA ALA C 371 -16.05 -25.35 -6.55
C ALA C 371 -16.94 -24.43 -7.38
N ARG C 372 -16.71 -24.42 -8.69
CA ARG C 372 -17.55 -23.66 -9.60
C ARG C 372 -19.00 -24.04 -9.37
N GLY C 374 -20.03 -25.71 -6.89
CA GLY C 374 -20.29 -25.51 -5.48
C GLY C 374 -21.05 -24.23 -5.21
N GLY C 375 -20.57 -23.13 -5.77
CA GLY C 375 -21.22 -21.84 -5.61
C GLY C 375 -22.49 -21.74 -6.44
N ARG C 376 -22.45 -22.34 -7.63
CA ARG C 376 -23.59 -22.28 -8.55
C ARG C 376 -24.80 -23.00 -7.94
N ALA C 377 -24.54 -23.88 -6.98
CA ALA C 377 -25.61 -24.67 -6.37
C ALA C 377 -26.42 -23.82 -5.40
N PHE C 378 -25.73 -22.99 -4.63
CA PHE C 378 -26.38 -22.09 -3.68
C PHE C 378 -27.28 -21.08 -4.38
N PHE C 379 -26.82 -20.56 -5.52
CA PHE C 379 -27.64 -19.68 -6.33
C PHE C 379 -28.84 -20.42 -6.94
N ASP C 380 -28.68 -21.70 -7.22
CA ASP C 380 -29.83 -22.51 -7.67
C ASP C 380 -30.89 -22.53 -6.56
N ALA C 381 -30.47 -22.88 -5.35
CA ALA C 381 -31.31 -22.81 -4.15
C ALA C 381 -31.95 -21.43 -3.95
N ILE C 382 -31.16 -20.36 -4.06
CA ILE C 382 -31.71 -19.01 -3.94
C ILE C 382 -32.86 -18.78 -4.94
N TRP C 383 -32.59 -19.07 -6.21
CA TRP C 383 -33.59 -18.98 -7.27
C TRP C 383 -34.87 -19.75 -6.94
N ALA C 384 -34.72 -20.92 -6.31
CA ALA C 384 -35.85 -21.79 -6.02
C ALA C 384 -36.74 -21.20 -4.93
N VAL C 385 -36.11 -20.63 -3.91
CA VAL C 385 -36.82 -19.95 -2.83
C VAL C 385 -37.54 -18.72 -3.35
N GLU C 386 -36.86 -17.95 -4.21
CA GLU C 386 -37.44 -16.72 -4.76
C GLU C 386 -38.65 -16.96 -5.66
N HIS C 387 -38.75 -18.13 -6.26
CA HIS C 387 -39.86 -18.42 -7.19
C HIS C 387 -40.85 -19.43 -6.61
N GLY C 388 -40.68 -19.77 -5.34
CA GLY C 388 -41.56 -20.70 -4.66
C GLY C 388 -41.57 -22.09 -5.28
N VAL C 389 -40.40 -22.55 -5.72
CA VAL C 389 -40.28 -23.87 -6.33
C VAL C 389 -39.52 -24.79 -5.38
N PRO C 390 -40.13 -25.92 -5.00
CA PRO C 390 -39.47 -26.91 -4.14
C PRO C 390 -38.11 -27.29 -4.72
N LEU C 391 -37.11 -27.45 -3.87
CA LEU C 391 -35.75 -27.70 -4.38
C LEU C 391 -35.71 -29.00 -5.18
N GLU C 392 -36.63 -29.90 -4.87
CA GLU C 392 -36.76 -31.16 -5.58
C GLU C 392 -37.06 -30.93 -7.05
N GLU C 393 -37.99 -30.02 -7.32
CA GLU C 393 -38.37 -29.71 -8.69
C GLU C 393 -37.28 -28.90 -9.41
N ALA C 394 -36.75 -27.90 -8.71
CA ALA C 394 -35.73 -27.02 -9.28
C ALA C 394 -34.52 -27.81 -9.76
N ALA C 395 -34.21 -28.90 -9.05
CA ALA C 395 -33.02 -29.69 -9.35
C ALA C 395 -33.12 -30.51 -10.63
N LYS C 396 -34.34 -30.73 -11.14
CA LYS C 396 -34.53 -31.53 -12.35
C LYS C 396 -33.85 -30.94 -13.59
N ASP C 397 -33.78 -29.60 -13.63
CA ASP C 397 -33.08 -28.89 -14.69
C ASP C 397 -31.81 -28.20 -14.16
N ARG C 398 -31.53 -28.36 -12.87
CA ARG C 398 -30.39 -27.69 -12.25
C ARG C 398 -29.39 -28.68 -11.64
N PRO C 399 -28.46 -29.16 -12.48
CA PRO C 399 -27.51 -30.22 -12.09
C PRO C 399 -26.67 -29.85 -10.87
N ALA C 400 -26.31 -28.58 -10.73
CA ALA C 400 -25.51 -28.15 -9.60
C ALA C 400 -26.25 -28.43 -8.30
N LEU C 401 -27.48 -27.93 -8.22
CA LEU C 401 -28.32 -28.14 -7.04
C LEU C 401 -28.61 -29.62 -6.80
N ARG C 402 -28.87 -30.36 -7.88
CA ARG C 402 -29.19 -31.78 -7.82
C ARG C 402 -28.08 -32.56 -7.14
N GLN C 403 -26.85 -32.29 -7.56
CA GLN C 403 -25.68 -32.97 -7.01
C GLN C 403 -25.54 -32.62 -5.53
N ALA C 404 -25.78 -31.34 -5.23
CA ALA C 404 -25.75 -30.85 -3.84
C ALA C 404 -26.77 -31.57 -2.96
N LEU C 405 -28.00 -31.70 -3.46
CA LEU C 405 -29.04 -32.40 -2.71
C LEU C 405 -28.72 -33.89 -2.47
N GLU C 406 -28.02 -34.53 -3.42
CA GLU C 406 -27.59 -35.92 -3.28
C GLU C 406 -26.53 -36.12 -2.21
N LYS C 407 -25.68 -35.12 -2.03
CA LYS C 407 -24.58 -35.26 -1.09
C LYS C 407 -24.98 -34.91 0.35
N TRP C 408 -25.41 -33.67 0.57
CA TRP C 408 -25.67 -33.16 1.91
C TRP C 408 -27.14 -33.20 2.33
N GLY C 409 -28.04 -33.46 1.38
CA GLY C 409 -29.46 -33.51 1.68
C GLY C 409 -30.19 -32.21 1.40
N ARG D 10 13.49 -26.51 18.15
CA ARG D 10 13.16 -27.08 16.85
C ARG D 10 12.75 -25.99 15.87
N ASP D 11 11.83 -26.31 14.96
CA ASP D 11 11.31 -25.33 14.00
C ASP D 11 9.78 -25.21 14.06
N ALA D 12 9.20 -25.60 15.18
CA ALA D 12 7.76 -25.55 15.33
C ALA D 12 7.33 -25.17 16.75
N VAL D 13 6.14 -24.59 16.85
CA VAL D 13 5.50 -24.42 18.15
C VAL D 13 4.72 -25.70 18.42
N VAL D 14 4.94 -26.31 19.58
CA VAL D 14 4.14 -27.47 19.93
C VAL D 14 3.10 -27.08 20.99
N ALA D 15 1.83 -27.31 20.68
CA ALA D 15 0.76 -26.97 21.61
C ALA D 15 0.25 -28.26 22.24
N THR D 16 -0.18 -28.17 23.49
CA THR D 16 -0.79 -29.30 24.17
C THR D 16 -2.17 -28.90 24.68
N TYR D 17 -3.18 -29.67 24.30
CA TYR D 17 -4.55 -29.37 24.65
C TYR D 17 -5.10 -30.46 25.55
N ARG D 18 -5.96 -30.06 26.49
CA ARG D 18 -6.65 -31.03 27.31
C ARG D 18 -8.09 -30.95 26.85
N LEU D 19 -8.69 -32.10 26.53
CA LEU D 19 -10.03 -32.10 25.97
C LEU D 19 -10.79 -33.37 26.30
N ARG D 20 -12.10 -33.34 26.07
CA ARG D 20 -12.98 -34.49 26.31
C ARG D 20 -13.57 -34.94 24.99
N ASP D 21 -13.61 -36.24 24.77
CA ASP D 21 -14.20 -36.80 23.55
C ASP D 21 -14.35 -38.32 23.68
N ARG D 22 -14.72 -38.97 22.59
CA ARG D 22 -14.64 -40.42 22.48
C ARG D 22 -13.21 -40.80 22.14
N LYS D 23 -12.73 -41.92 22.68
CA LYS D 23 -11.40 -42.44 22.32
C LYS D 23 -11.34 -42.77 20.83
N ASP D 24 -12.44 -43.33 20.32
CA ASP D 24 -12.53 -43.79 18.95
C ASP D 24 -12.39 -42.70 17.90
N LYS D 25 -12.39 -41.45 18.34
CA LYS D 25 -12.39 -40.31 17.42
C LYS D 25 -11.14 -39.44 17.54
N LEU D 26 -10.34 -39.69 18.57
CA LEU D 26 -9.16 -38.88 18.88
C LEU D 26 -8.19 -38.73 17.70
N GLU D 27 -7.87 -39.84 17.05
CA GLU D 27 -6.86 -39.85 15.99
C GLU D 27 -7.27 -39.00 14.78
N ALA D 28 -8.53 -39.11 14.38
CA ALA D 28 -9.07 -38.31 13.28
C ALA D 28 -9.16 -36.83 13.64
N ARG D 29 -9.50 -36.55 14.90
CA ARG D 29 -9.59 -35.16 15.34
C ARG D 29 -8.20 -34.49 15.45
N ALA D 30 -7.24 -35.24 15.98
CA ALA D 30 -5.84 -34.78 16.02
C ALA D 30 -5.31 -34.48 14.62
N GLU D 31 -5.41 -35.46 13.72
CA GLU D 31 -5.01 -35.26 12.32
C GLU D 31 -5.69 -34.02 11.75
N GLY D 32 -6.99 -33.90 12.00
CA GLY D 32 -7.79 -32.78 11.53
C GLY D 32 -7.29 -31.42 11.97
N ILE D 33 -6.85 -31.33 13.21
CA ILE D 33 -6.24 -30.09 13.70
C ILE D 33 -4.91 -29.77 13.00
N ALA D 34 -4.08 -30.80 12.81
CA ALA D 34 -2.75 -30.62 12.24
C ALA D 34 -2.75 -30.12 10.80
N VAL D 35 -3.61 -30.68 9.96
CA VAL D 35 -3.72 -30.26 8.56
C VAL D 35 -4.59 -29.01 8.40
N GLY D 36 -5.74 -29.01 9.06
CA GLY D 36 -6.68 -27.91 8.98
C GLY D 36 -6.09 -26.56 9.37
N LEU D 37 -5.24 -26.54 10.39
CA LEU D 37 -4.79 -25.26 10.94
C LEU D 37 -3.42 -24.83 10.46
N THR D 38 -2.82 -25.63 9.58
CA THR D 38 -1.57 -25.20 8.97
C THR D 38 -1.74 -24.92 7.48
N ILE D 39 -1.87 -25.99 6.68
CA ILE D 39 -2.02 -25.86 5.23
C ILE D 39 -3.48 -25.83 4.75
N GLY D 40 -4.40 -26.26 5.62
CA GLY D 40 -5.83 -26.25 5.30
C GLY D 40 -6.29 -27.61 4.83
N THR D 41 -5.78 -28.02 3.68
CA THR D 41 -5.99 -29.36 3.15
C THR D 41 -4.99 -29.58 2.03
N TRP D 42 -4.70 -30.83 1.70
CA TRP D 42 -3.73 -31.12 0.65
C TRP D 42 -4.30 -30.91 -0.75
N ARG D 49 6.31 -29.91 -5.87
CA ARG D 49 5.68 -28.90 -5.03
C ARG D 49 5.08 -29.51 -3.78
N LYS D 50 4.62 -30.76 -3.89
CA LYS D 50 4.01 -31.46 -2.76
C LYS D 50 5.00 -31.66 -1.62
N SER D 51 6.28 -31.56 -1.94
CA SER D 51 7.35 -31.63 -0.94
C SER D 51 7.80 -30.23 -0.55
N VAL D 53 5.18 -27.93 -0.15
CA VAL D 53 4.09 -27.44 0.70
C VAL D 53 4.02 -28.24 2.00
N ALA D 54 4.46 -29.50 1.93
CA ALA D 54 4.49 -30.38 3.11
C ALA D 54 5.25 -29.75 4.28
N LYS D 55 6.23 -28.92 3.96
CA LYS D 55 6.99 -28.16 4.96
C LYS D 55 6.11 -27.22 5.80
N HIS D 56 4.97 -26.81 5.24
CA HIS D 56 4.08 -25.86 5.92
C HIS D 56 2.95 -26.57 6.64
N CYS D 57 3.03 -27.89 6.71
CA CYS D 57 1.97 -28.70 7.31
C CYS D 57 2.32 -29.15 8.73
N GLY D 58 1.34 -29.02 9.61
CA GLY D 58 1.51 -29.39 11.01
C GLY D 58 1.60 -30.89 11.22
N ARG D 59 1.99 -31.26 12.44
CA ARG D 59 2.18 -32.66 12.79
C ARG D 59 1.50 -32.98 14.11
N VAL D 60 0.92 -34.18 14.20
CA VAL D 60 0.44 -34.69 15.47
C VAL D 60 1.64 -35.28 16.18
N GLU D 61 1.97 -34.79 17.36
CA GLU D 61 3.17 -35.25 18.07
C GLU D 61 2.83 -36.15 19.26
N GLY D 62 1.55 -36.32 19.55
CA GLY D 62 1.15 -37.23 20.61
C GLY D 62 -0.31 -37.14 21.02
N ILE D 63 -0.91 -38.31 21.23
CA ILE D 63 -2.25 -38.44 21.79
C ILE D 63 -2.17 -39.32 23.04
N ARG D 64 -2.66 -38.79 24.16
CA ARG D 64 -2.58 -39.46 25.46
C ARG D 64 -3.92 -39.44 26.18
N VAL D 65 -4.35 -40.61 26.64
CA VAL D 65 -5.59 -40.75 27.40
C VAL D 65 -5.35 -40.62 28.90
N LEU D 66 -5.86 -39.55 29.49
CA LEU D 66 -5.63 -39.24 30.90
C LEU D 66 -6.62 -39.95 31.82
N ASP D 67 -7.89 -39.94 31.44
CA ASP D 67 -8.94 -40.50 32.28
C ASP D 67 -10.06 -41.05 31.41
N GLU D 68 -10.67 -42.15 31.87
CA GLU D 68 -11.78 -42.79 31.15
C GLU D 68 -13.02 -42.77 32.03
N ARG D 69 -14.08 -42.10 31.58
CA ARG D 69 -15.31 -42.01 32.36
C ARG D 69 -16.14 -43.27 32.18
N PRO D 70 -16.97 -43.61 33.19
CA PRO D 70 -17.87 -44.76 33.07
C PRO D 70 -18.87 -44.65 31.90
N ASP D 71 -19.10 -43.43 31.41
CA ASP D 71 -19.99 -43.24 30.27
C ASP D 71 -19.22 -43.36 28.95
N GLY D 72 -17.93 -43.67 29.02
CA GLY D 72 -17.15 -43.90 27.82
C GLY D 72 -16.34 -42.70 27.35
N ASP D 73 -16.76 -41.50 27.74
CA ASP D 73 -15.99 -40.30 27.41
C ASP D 73 -14.62 -40.40 28.05
N VAL D 74 -13.65 -39.83 27.36
CA VAL D 74 -12.27 -39.87 27.79
C VAL D 74 -11.77 -38.44 27.92
N VAL D 75 -10.93 -38.17 28.91
CA VAL D 75 -10.21 -36.91 28.96
C VAL D 75 -8.81 -37.17 28.46
N ALA D 76 -8.42 -36.48 27.39
CA ALA D 76 -7.15 -36.76 26.72
C ALA D 76 -6.33 -35.49 26.51
N GLU D 77 -5.04 -35.68 26.23
CA GLU D 77 -4.21 -34.59 25.72
C GLU D 77 -3.75 -34.90 24.30
N ILE D 78 -3.77 -33.88 23.44
CA ILE D 78 -3.33 -34.01 22.06
C ILE D 78 -2.24 -32.99 21.82
N ASP D 79 -1.12 -33.44 21.25
CA ASP D 79 0.01 -32.55 20.95
C ASP D 79 0.06 -32.23 19.45
N ILE D 80 -0.04 -30.95 19.11
CA ILE D 80 0.08 -30.54 17.71
C ILE D 80 1.25 -29.58 17.50
N ALA D 81 2.10 -29.86 16.52
CA ALA D 81 3.22 -28.98 16.18
C ALA D 81 2.90 -28.12 14.97
N TYR D 82 2.98 -26.80 15.12
CA TYR D 82 2.78 -25.88 14.00
C TYR D 82 4.13 -25.28 13.59
N PRO D 83 4.49 -25.42 12.31
CA PRO D 83 5.70 -24.83 11.75
C PRO D 83 5.77 -23.32 11.99
N VAL D 84 6.90 -22.86 12.53
CA VAL D 84 7.08 -21.45 12.82
C VAL D 84 7.01 -20.62 11.53
N ALA D 85 7.36 -21.24 10.42
CA ALA D 85 7.30 -20.60 9.12
C ALA D 85 5.95 -19.96 8.80
N ASN D 86 4.88 -20.50 9.38
CA ASN D 86 3.53 -20.03 9.12
C ASN D 86 3.14 -18.81 9.96
N LEU D 87 4.03 -18.38 10.84
CA LEU D 87 3.75 -17.26 11.72
C LEU D 87 4.50 -15.99 11.33
N ASN D 88 3.95 -14.84 11.70
CA ASN D 88 4.51 -13.55 11.29
C ASN D 88 5.09 -12.71 12.44
N GLY D 89 5.31 -13.37 13.58
CA GLY D 89 5.94 -12.70 14.72
C GLY D 89 5.00 -11.84 15.57
N THR D 90 3.71 -12.08 15.47
CA THR D 90 2.76 -11.28 16.25
C THR D 90 1.95 -12.20 17.15
N PHE D 91 1.37 -11.64 18.20
CA PHE D 91 0.50 -12.40 19.09
C PHE D 91 -0.72 -12.89 18.35
N ALA D 92 -1.21 -12.07 17.42
CA ALA D 92 -2.40 -12.46 16.67
C ALA D 92 -2.09 -13.73 15.87
N SER D 93 -0.96 -13.78 15.17
CA SER D 93 -0.66 -15.00 14.42
C SER D 93 -0.52 -16.22 15.34
N LEU D 94 0.18 -16.09 16.45
CA LEU D 94 0.32 -17.20 17.39
C LEU D 94 -1.02 -17.70 17.95
N LEU D 95 -1.85 -16.82 18.48
CA LEU D 95 -3.06 -17.23 19.20
C LEU D 95 -4.12 -17.76 18.22
N VAL D 96 -4.20 -17.13 17.05
CA VAL D 96 -5.21 -17.52 16.08
C VAL D 96 -4.85 -18.89 15.53
N THR D 97 -3.55 -19.13 15.40
CA THR D 97 -3.07 -20.41 14.90
C THR D 97 -3.21 -21.53 15.93
N VAL D 98 -2.67 -21.33 17.13
CA VAL D 98 -2.73 -22.36 18.17
C VAL D 98 -4.11 -22.52 18.82
N PHE D 99 -4.86 -21.43 18.94
CA PHE D 99 -6.11 -21.51 19.72
C PHE D 99 -7.18 -20.52 19.24
N GLY D 100 -7.39 -20.48 17.93
CA GLY D 100 -8.35 -19.57 17.34
C GLY D 100 -9.66 -20.30 17.11
N LYS D 101 -9.80 -20.91 15.95
CA LYS D 101 -10.95 -21.74 15.65
C LYS D 101 -11.10 -22.79 16.74
N LEU D 102 -9.96 -23.37 17.10
CA LEU D 102 -9.92 -24.52 17.97
C LEU D 102 -10.49 -24.24 19.36
N SER D 103 -10.47 -22.99 19.77
CA SER D 103 -10.94 -22.58 21.10
C SER D 103 -12.43 -22.83 21.26
N ASP D 105 -14.13 -25.30 19.81
CA ASP D 105 -14.49 -26.70 19.56
C ASP D 105 -14.89 -27.47 20.80
N GLY D 106 -15.86 -26.96 21.55
CA GLY D 106 -16.35 -27.67 22.72
C GLY D 106 -15.36 -27.65 23.87
N GLU D 107 -15.29 -28.75 24.62
CA GLU D 107 -14.48 -28.81 25.84
C GLU D 107 -13.03 -29.07 25.54
N ILE D 108 -12.23 -28.01 25.54
CA ILE D 108 -10.82 -28.09 25.17
C ILE D 108 -10.09 -26.87 25.78
N ARG D 109 -8.82 -27.03 26.12
CA ARG D 109 -8.09 -26.00 26.87
C ARG D 109 -6.61 -26.05 26.57
N LEU D 110 -6.02 -24.88 26.31
CA LEU D 110 -4.61 -24.77 25.94
C LEU D 110 -3.72 -24.81 27.17
N GLU D 111 -2.97 -25.90 27.33
CA GLU D 111 -2.21 -26.15 28.55
C GLU D 111 -0.76 -25.75 28.44
N ARG D 112 -0.19 -25.86 27.25
CA ARG D 112 1.23 -25.63 27.09
C ARG D 112 1.62 -25.19 25.67
N LEU D 113 2.58 -24.28 25.61
CA LEU D 113 3.16 -23.85 24.33
C LEU D 113 4.68 -23.96 24.37
N GLN D 114 5.23 -24.79 23.49
CA GLN D 114 6.68 -24.89 23.39
C GLN D 114 7.15 -24.10 22.18
N PRO D 116 10.27 -22.24 20.00
CA PRO D 116 11.68 -22.13 19.65
C PRO D 116 12.20 -20.71 19.84
N ASP D 117 13.45 -20.56 20.30
CA ASP D 117 14.06 -19.24 20.52
C ASP D 117 14.04 -18.33 19.28
N GLU D 118 14.00 -18.94 18.10
CA GLU D 118 13.92 -18.18 16.85
C GLU D 118 12.61 -17.39 16.80
N LEU D 119 11.54 -18.01 17.29
CA LEU D 119 10.24 -17.35 17.36
C LEU D 119 10.15 -16.39 18.55
N VAL D 120 10.56 -16.86 19.72
CA VAL D 120 10.68 -16.01 20.91
C VAL D 120 11.39 -14.70 20.60
N ARG D 121 12.43 -14.78 19.77
CA ARG D 121 13.23 -13.61 19.40
C ARG D 121 12.43 -12.55 18.64
N GLN D 122 11.41 -12.99 17.89
CA GLN D 122 10.61 -12.09 17.09
C GLN D 122 9.74 -11.15 17.94
N PHE D 123 9.51 -11.54 19.20
CA PHE D 123 8.80 -10.67 20.16
C PHE D 123 9.76 -9.73 20.90
N PRO D 124 9.26 -8.63 21.46
CA PRO D 124 10.24 -7.67 21.98
C PRO D 124 10.83 -8.04 23.34
N GLY D 125 10.00 -8.47 24.29
CA GLY D 125 10.45 -8.72 25.64
C GLY D 125 10.50 -7.42 26.44
N PRO D 126 10.79 -7.52 27.75
CA PRO D 126 10.89 -6.32 28.58
C PRO D 126 11.96 -5.35 28.10
N LYS D 127 11.63 -4.06 28.11
CA LYS D 127 12.60 -3.01 27.83
C LYS D 127 13.58 -2.93 28.99
N PHE D 128 13.07 -3.10 30.19
CA PHE D 128 13.88 -2.91 31.40
C PHE D 128 14.19 -4.21 32.10
N GLY D 129 13.16 -5.03 32.31
CA GLY D 129 13.32 -6.22 33.15
C GLY D 129 13.67 -5.91 34.60
N VAL D 130 14.08 -6.94 35.33
CA VAL D 130 14.33 -6.81 36.77
C VAL D 130 15.44 -5.81 37.05
N GLU D 131 16.58 -5.99 36.39
CA GLU D 131 17.72 -5.13 36.62
C GLU D 131 17.49 -3.70 36.16
N GLY D 132 16.63 -3.54 35.16
CA GLY D 132 16.30 -2.23 34.65
C GLY D 132 15.46 -1.44 35.64
N VAL D 133 14.53 -2.12 36.30
CA VAL D 133 13.65 -1.47 37.27
C VAL D 133 14.46 -1.11 38.52
N ARG D 134 15.31 -2.03 38.94
CA ARG D 134 16.17 -1.81 40.10
C ARG D 134 17.05 -0.59 39.85
N ARG D 135 17.74 -0.60 38.71
CA ARG D 135 18.60 0.51 38.32
C ARG D 135 17.82 1.82 38.23
N ARG D 136 16.65 1.77 37.59
CA ARG D 136 15.83 2.97 37.43
C ARG D 136 15.33 3.54 38.76
N LEU D 137 15.03 2.66 39.71
CA LEU D 137 14.49 3.11 40.99
C LEU D 137 15.60 3.27 42.01
N GLY D 138 16.74 2.63 41.75
CA GLY D 138 17.86 2.65 42.66
C GLY D 138 17.55 1.88 43.94
N ALA D 139 16.97 0.70 43.77
CA ALA D 139 16.61 -0.13 44.91
C ALA D 139 17.12 -1.55 44.73
N TYR D 140 18.07 -1.95 45.59
CA TYR D 140 18.82 -3.19 45.37
C TYR D 140 18.80 -4.16 46.55
N ASN D 141 18.97 -5.45 46.21
CA ASN D 141 19.12 -6.53 47.19
C ASN D 141 18.00 -6.69 48.21
N ARG D 142 16.80 -6.24 47.84
CA ARG D 142 15.62 -6.41 48.67
C ARG D 142 14.41 -6.37 47.77
N PRO D 143 13.25 -6.80 48.27
CA PRO D 143 12.04 -6.57 47.47
C PRO D 143 11.64 -5.10 47.45
N LEU D 144 10.95 -4.70 46.39
CA LEU D 144 10.36 -3.38 46.29
C LEU D 144 8.99 -3.36 46.94
N VAL D 145 8.53 -2.18 47.32
CA VAL D 145 7.27 -2.07 48.01
C VAL D 145 6.32 -1.15 47.26
N SER D 147 2.24 0.36 46.53
CA SER D 147 0.95 0.64 47.14
C SER D 147 -0.10 1.04 46.11
N ILE D 148 -1.35 0.67 46.39
CA ILE D 148 -2.46 0.97 45.49
C ILE D 148 -3.34 2.12 46.00
N PHE D 149 -3.74 3.01 45.11
CA PHE D 149 -4.68 4.07 45.44
C PHE D 149 -5.98 3.42 45.86
N LYS D 150 -6.53 3.78 47.02
CA LYS D 150 -7.76 3.15 47.45
C LYS D 150 -9.01 3.80 46.85
N ALA D 151 -8.84 5.01 46.32
CA ALA D 151 -9.98 5.74 45.74
C ALA D 151 -9.49 6.71 44.68
N CYS D 152 -10.23 6.81 43.58
CA CYS D 152 -9.79 7.62 42.44
C CYS D 152 -10.90 8.45 41.81
N ALA D 153 -11.86 7.77 41.17
CA ALA D 153 -12.92 8.41 40.38
C ALA D 153 -13.81 9.35 41.19
N GLY D 154 -13.74 10.65 40.88
CA GLY D 154 -14.59 11.64 41.53
C GLY D 154 -13.84 12.56 42.48
N LEU D 155 -12.59 12.23 42.76
CA LEU D 155 -11.76 13.05 43.63
C LEU D 155 -11.02 14.09 42.82
N THR D 156 -10.86 15.27 43.40
CA THR D 156 -10.12 16.35 42.77
C THR D 156 -8.62 16.05 42.84
N LEU D 157 -7.83 16.72 42.02
CA LEU D 157 -6.38 16.52 42.03
C LEU D 157 -5.83 16.73 43.45
N ASP D 158 -6.21 17.83 44.09
CA ASP D 158 -5.75 18.16 45.44
C ASP D 158 -6.06 17.03 46.40
N GLU D 159 -7.21 16.41 46.20
CA GLU D 159 -7.61 15.27 46.99
C GLU D 159 -6.72 14.06 46.66
N LEU D 160 -6.43 13.89 45.38
CA LEU D 160 -5.59 12.80 44.91
C LEU D 160 -4.12 12.95 45.29
N VAL D 161 -3.62 14.18 45.27
CA VAL D 161 -2.22 14.44 45.59
C VAL D 161 -1.96 14.15 47.08
N GLU D 162 -2.94 14.49 47.91
CA GLU D 162 -2.85 14.25 49.34
C GLU D 162 -2.77 12.74 49.61
N ALA D 163 -3.61 11.98 48.92
CA ALA D 163 -3.58 10.52 48.95
C ALA D 163 -2.19 9.98 48.63
N PHE D 164 -1.65 10.38 47.48
CA PHE D 164 -0.30 9.99 47.08
C PHE D 164 0.69 10.29 48.20
N GLY D 165 0.60 11.50 48.74
CA GLY D 165 1.48 11.95 49.80
C GLY D 165 1.50 11.01 50.99
N GLU D 166 0.32 10.68 51.49
CA GLU D 166 0.19 9.78 52.61
C GLU D 166 0.88 8.43 52.36
N GLN D 167 0.76 7.93 51.13
CA GLN D 167 1.39 6.66 50.76
C GLN D 167 2.90 6.81 50.63
N ALA D 168 3.32 7.86 49.93
CA ALA D 168 4.74 8.10 49.68
C ALA D 168 5.49 8.33 50.99
N GLU D 169 4.76 8.79 52.00
CA GLU D 169 5.34 9.08 53.30
C GLU D 169 5.85 7.81 53.97
N GLY D 170 5.24 6.67 53.62
CA GLY D 170 5.75 5.38 54.05
C GLY D 170 7.03 4.97 53.32
N GLY D 171 7.49 5.82 52.42
CA GLY D 171 8.72 5.57 51.70
C GLY D 171 8.66 4.38 50.76
N VAL D 172 7.46 4.02 50.33
CA VAL D 172 7.30 2.92 49.36
C VAL D 172 7.96 3.31 48.06
N ASP D 173 8.38 2.31 47.28
CA ASP D 173 9.10 2.60 46.04
C ASP D 173 8.16 3.09 44.94
N LEU D 174 6.97 2.50 44.87
CA LEU D 174 6.05 2.71 43.75
C LEU D 174 4.62 2.92 44.24
N VAL D 175 3.89 3.76 43.52
CA VAL D 175 2.46 3.92 43.75
C VAL D 175 1.69 3.82 42.42
N ASP D 177 -2.00 3.74 40.21
CA ASP D 177 -3.43 4.05 40.13
C ASP D 177 -4.19 2.76 40.41
N ASP D 178 -5.47 2.87 40.78
CA ASP D 178 -6.38 1.72 40.73
C ASP D 178 -6.65 1.51 39.24
N GLU D 179 -6.68 0.25 38.78
CA GLU D 179 -6.77 -0.05 37.34
C GLU D 179 -8.09 0.38 36.72
N ILE D 180 -9.05 0.72 37.56
CA ILE D 180 -10.37 1.11 37.09
C ILE D 180 -10.49 2.63 36.89
N PHE D 181 -9.38 3.34 37.05
CA PHE D 181 -9.37 4.79 36.88
C PHE D 181 -9.38 5.14 35.39
N PHE D 182 -10.53 5.53 34.87
CA PHE D 182 -10.61 5.94 33.46
C PHE D 182 -11.12 7.36 33.24
N THR D 183 -11.87 7.91 34.19
CA THR D 183 -12.44 9.24 33.98
C THR D 183 -11.37 10.32 34.00
N GLU D 184 -11.47 11.26 33.05
CA GLU D 184 -10.53 12.39 32.97
C GLU D 184 -11.19 13.72 33.34
N ALA D 185 -12.31 13.63 34.05
CA ALA D 185 -13.11 14.79 34.41
C ALA D 185 -12.41 15.70 35.41
N TYR D 186 -11.84 15.09 36.44
CA TYR D 186 -11.29 15.81 37.58
C TYR D 186 -9.79 16.03 37.46
N ALA D 187 -9.09 15.04 36.94
CA ALA D 187 -7.64 15.14 36.77
C ALA D 187 -7.17 14.22 35.65
N THR D 188 -6.65 14.83 34.59
CA THR D 188 -6.07 14.07 33.48
C THR D 188 -4.88 13.25 33.99
N PRO D 189 -4.60 12.12 33.32
CA PRO D 189 -3.38 11.35 33.57
C PRO D 189 -2.15 12.25 33.65
N GLU D 190 -2.03 13.18 32.70
CA GLU D 190 -0.84 14.04 32.62
C GLU D 190 -0.73 15.03 33.80
N ASP D 191 -1.87 15.57 34.24
CA ASP D 191 -1.90 16.42 35.44
C ASP D 191 -1.48 15.66 36.71
N ARG D 192 -1.96 14.43 36.85
CA ARG D 192 -1.59 13.58 37.98
C ARG D 192 -0.11 13.25 37.96
N VAL D 193 0.44 12.99 36.77
CA VAL D 193 1.87 12.69 36.66
C VAL D 193 2.67 13.91 37.10
N ARG D 194 2.28 15.07 36.61
CA ARG D 194 2.94 16.31 36.98
C ARG D 194 2.89 16.50 38.48
N ALA D 195 1.68 16.45 39.02
CA ALA D 195 1.41 16.72 40.42
C ALA D 195 2.12 15.77 41.38
N TYR D 196 2.01 14.47 41.11
CA TYR D 196 2.59 13.46 41.99
C TYR D 196 4.11 13.48 41.92
N ALA D 197 4.65 13.98 40.81
CA ALA D 197 6.10 14.13 40.67
C ALA D 197 6.57 15.17 41.67
N ALA D 198 5.83 16.26 41.76
CA ALA D 198 6.14 17.37 42.67
C ALA D 198 6.09 16.92 44.12
N LYS D 199 4.99 16.28 44.49
CA LYS D 199 4.77 15.83 45.87
C LYS D 199 5.82 14.82 46.33
N ALA D 200 6.24 13.92 45.45
CA ALA D 200 7.22 12.91 45.82
C ALA D 200 8.61 13.52 45.92
N ASP D 201 8.81 14.66 45.26
CA ASP D 201 10.07 15.41 45.37
C ASP D 201 10.18 16.05 46.76
N GLU D 202 9.07 16.54 47.29
CA GLU D 202 9.05 17.15 48.61
C GLU D 202 9.32 16.11 49.70
N ILE D 203 8.48 15.08 49.73
CA ILE D 203 8.57 14.02 50.71
C ILE D 203 9.95 13.37 50.72
N ALA D 204 10.54 13.25 49.54
CA ALA D 204 11.85 12.65 49.37
C ALA D 204 12.92 13.25 50.30
N GLN D 205 12.67 14.45 50.79
CA GLN D 205 13.56 15.09 51.75
C GLN D 205 13.46 14.49 53.16
N ARG D 206 12.31 13.91 53.48
CA ARG D 206 12.10 13.31 54.79
C ARG D 206 12.16 11.78 54.77
N THR D 207 12.20 11.20 53.58
CA THR D 207 12.27 9.75 53.43
C THR D 207 13.57 9.27 52.77
N GLY D 208 14.18 10.15 51.97
CA GLY D 208 15.41 9.80 51.29
C GLY D 208 15.15 9.00 50.02
N ARG D 209 13.88 8.95 49.61
CA ARG D 209 13.53 8.26 48.39
C ARG D 209 12.39 8.97 47.68
N ARG D 210 12.55 9.18 46.38
CA ARG D 210 11.46 9.71 45.59
C ARG D 210 10.53 8.56 45.16
N THR D 211 9.31 8.55 45.71
CA THR D 211 8.34 7.52 45.38
C THR D 211 7.88 7.63 43.93
N ALA D 212 7.98 6.52 43.20
CA ALA D 212 7.62 6.49 41.78
C ALA D 212 6.13 6.30 41.58
N TYR D 213 5.61 6.81 40.47
CA TYR D 213 4.18 6.76 40.19
C TYR D 213 3.83 5.93 38.94
N ALA D 214 3.04 4.89 39.16
CA ALA D 214 2.58 4.04 38.06
C ALA D 214 1.20 4.50 37.63
N VAL D 215 1.13 5.23 36.51
CA VAL D 215 -0.12 5.81 36.04
C VAL D 215 -0.86 4.89 35.05
N ASN D 216 -2.17 4.75 35.24
CA ASN D 216 -3.00 3.95 34.34
C ASN D 216 -2.94 4.55 32.94
N LEU D 217 -2.59 3.72 31.95
CA LEU D 217 -2.47 4.17 30.56
C LEU D 217 -3.77 3.92 29.83
N THR D 218 -4.47 5.00 29.49
CA THR D 218 -5.84 4.87 28.97
C THR D 218 -6.07 5.70 27.71
N GLY D 219 -7.24 5.54 27.11
CA GLY D 219 -7.58 6.25 25.89
C GLY D 219 -7.64 5.32 24.70
N PRO D 220 -8.00 5.87 23.52
CA PRO D 220 -8.06 5.14 22.25
C PRO D 220 -6.69 4.59 21.86
N VAL D 221 -6.68 3.48 21.14
CA VAL D 221 -5.45 2.80 20.72
C VAL D 221 -4.56 3.65 19.81
N HIS D 222 -5.18 4.45 18.95
CA HIS D 222 -4.41 5.21 17.97
C HIS D 222 -3.58 6.30 18.61
N SER D 223 -3.85 6.65 19.87
CA SER D 223 -3.09 7.74 20.47
C SER D 223 -2.41 7.29 21.76
N LEU D 224 -2.35 5.98 21.94
CA LEU D 224 -1.89 5.37 23.17
C LEU D 224 -0.37 5.45 23.27
N ARG D 225 0.31 5.34 22.13
CA ARG D 225 1.76 5.46 22.10
C ARG D 225 2.24 6.91 22.34
N GLU D 226 1.63 7.85 21.64
CA GLU D 226 1.87 9.27 21.89
C GLU D 226 1.70 9.61 23.37
N ARG D 227 0.55 9.23 23.93
CA ARG D 227 0.27 9.47 25.34
C ARG D 227 1.28 8.80 26.24
N ALA D 228 1.68 7.58 25.87
CA ALA D 228 2.69 6.85 26.64
C ALA D 228 4.01 7.63 26.73
N ARG D 229 4.46 8.18 25.61
CA ARG D 229 5.70 8.96 25.59
C ARG D 229 5.57 10.23 26.41
N ARG D 230 4.41 10.89 26.27
CA ARG D 230 4.08 12.10 27.00
C ARG D 230 4.16 11.87 28.51
N LEU D 231 3.49 10.83 28.99
CA LEU D 231 3.48 10.49 30.40
C LEU D 231 4.89 10.18 30.86
N ALA D 232 5.66 9.53 30.00
CA ALA D 232 7.04 9.20 30.33
C ALA D 232 7.86 10.49 30.49
N GLU D 233 7.67 11.43 29.58
CA GLU D 233 8.44 12.67 29.60
C GLU D 233 8.04 13.57 30.76
N LEU D 234 6.81 13.41 31.24
CA LEU D 234 6.32 14.19 32.37
C LEU D 234 6.77 13.65 33.72
N GLY D 235 7.40 12.48 33.70
CA GLY D 235 8.00 11.93 34.92
C GLY D 235 7.30 10.74 35.53
N ALA D 236 6.57 9.98 34.73
CA ALA D 236 5.94 8.79 35.25
C ALA D 236 6.99 7.72 35.58
N GLY D 237 6.85 7.10 36.75
CA GLY D 237 7.72 6.00 37.12
C GLY D 237 7.42 4.75 36.32
N ALA D 238 6.15 4.53 36.03
CA ALA D 238 5.76 3.33 35.32
C ALA D 238 4.43 3.52 34.59
N LEU D 239 4.21 2.75 33.53
CA LEU D 239 2.92 2.71 32.86
C LEU D 239 2.14 1.47 33.30
N LEU D 240 0.98 1.69 33.94
CA LEU D 240 0.08 0.61 34.33
C LEU D 240 -0.83 0.28 33.16
N VAL D 241 -0.74 -0.95 32.66
CA VAL D 241 -1.50 -1.31 31.46
C VAL D 241 -2.36 -2.54 31.69
N ASN D 242 -3.66 -2.37 31.49
CA ASN D 242 -4.57 -3.52 31.43
C ASN D 242 -4.33 -4.29 30.13
N VAL D 243 -3.25 -5.08 30.11
CA VAL D 243 -2.78 -5.79 28.91
C VAL D 243 -3.82 -6.61 28.13
N VAL D 244 -4.56 -7.47 28.83
CA VAL D 244 -5.54 -8.34 28.14
C VAL D 244 -6.70 -7.54 27.51
N ALA D 245 -7.11 -6.48 28.18
CA ALA D 245 -8.18 -5.63 27.63
C ALA D 245 -7.79 -4.92 26.33
N TYR D 246 -6.54 -4.46 26.24
CA TYR D 246 -6.06 -3.78 25.03
C TYR D 246 -5.57 -4.77 23.97
N GLY D 247 -5.09 -5.93 24.41
CA GLY D 247 -4.51 -6.91 23.51
C GLY D 247 -2.99 -6.92 23.56
N TYR D 248 -2.40 -8.10 23.40
CA TYR D 248 -0.94 -8.23 23.57
C TYR D 248 -0.13 -7.51 22.52
N ASP D 249 -0.62 -7.48 21.28
CA ASP D 249 0.15 -6.79 20.23
C ASP D 249 0.19 -5.29 20.48
N VAL D 250 -0.90 -4.73 21.00
CA VAL D 250 -0.92 -3.30 21.38
C VAL D 250 0.22 -2.99 22.34
N VAL D 251 0.39 -3.85 23.33
CA VAL D 251 1.39 -3.63 24.35
C VAL D 251 2.81 -3.76 23.81
N ALA D 252 3.05 -4.80 23.01
CA ALA D 252 4.39 -5.01 22.44
C ALA D 252 4.94 -3.81 21.66
N ASP D 253 4.05 -3.06 21.03
CA ASP D 253 4.45 -1.83 20.35
C ASP D 253 4.96 -0.82 21.36
N LEU D 254 4.34 -0.77 22.54
CA LEU D 254 4.82 0.09 23.63
C LEU D 254 6.19 -0.37 24.12
N ALA D 255 6.33 -1.68 24.31
CA ALA D 255 7.56 -2.31 24.78
C ALA D 255 8.71 -2.15 23.79
N ARG D 256 8.39 -2.15 22.51
CA ARG D 256 9.44 -2.07 21.50
C ARG D 256 9.85 -0.63 21.23
N ASP D 257 8.93 0.30 21.44
CA ASP D 257 9.17 1.71 21.17
C ASP D 257 10.20 2.37 22.11
N PRO D 258 11.35 2.78 21.57
CA PRO D 258 12.44 3.41 22.35
C PRO D 258 12.03 4.68 23.13
N ASP D 259 11.08 5.46 22.60
CA ASP D 259 10.64 6.67 23.29
C ASP D 259 9.62 6.43 24.40
N VAL D 260 9.23 5.17 24.58
CA VAL D 260 8.43 4.82 25.73
C VAL D 260 9.42 4.34 26.76
N ASP D 261 10.20 5.29 27.30
CA ASP D 261 11.35 4.98 28.13
C ASP D 261 10.98 4.84 29.61
N VAL D 262 9.92 4.09 29.88
CA VAL D 262 9.45 3.87 31.23
C VAL D 262 9.00 2.42 31.38
N PRO D 263 9.12 1.86 32.58
CA PRO D 263 8.72 0.47 32.81
C PRO D 263 7.22 0.27 32.54
N ILE D 264 6.88 -0.95 32.15
CA ILE D 264 5.47 -1.31 31.99
C ILE D 264 5.06 -2.21 33.15
N LEU D 265 4.03 -1.79 33.88
CA LEU D 265 3.43 -2.56 34.96
C LEU D 265 2.17 -3.24 34.42
N ALA D 266 2.22 -4.55 34.19
CA ALA D 266 1.10 -5.26 33.58
C ALA D 266 0.06 -5.66 34.61
N HIS D 267 -1.18 -5.27 34.35
CA HIS D 267 -2.27 -5.65 35.23
C HIS D 267 -3.07 -6.81 34.62
N PRO D 268 -3.46 -7.77 35.46
CA PRO D 268 -4.11 -8.96 34.89
C PRO D 268 -5.62 -8.82 34.68
N ALA D 269 -6.18 -7.62 34.80
CA ALA D 269 -7.63 -7.44 34.68
C ALA D 269 -8.14 -8.10 33.40
N VAL D 270 -9.24 -8.84 33.51
CA VAL D 270 -9.89 -9.57 32.39
C VAL D 270 -9.32 -10.98 32.14
N SER D 271 -8.08 -11.24 32.57
CA SER D 271 -7.47 -12.54 32.27
C SER D 271 -8.26 -13.75 32.79
N GLY D 272 -8.90 -13.59 33.94
CA GLY D 272 -9.70 -14.66 34.53
C GLY D 272 -10.76 -15.18 33.57
N ALA D 273 -11.16 -14.34 32.62
CA ALA D 273 -12.16 -14.76 31.64
C ALA D 273 -11.57 -15.84 30.74
N LEU D 274 -10.23 -15.90 30.71
CA LEU D 274 -9.49 -16.83 29.87
C LEU D 274 -9.08 -18.09 30.62
N TYR D 275 -8.60 -17.95 31.86
CA TYR D 275 -8.06 -19.09 32.60
C TYR D 275 -8.96 -19.66 33.69
N GLY D 276 -10.11 -19.03 33.92
CA GLY D 276 -10.90 -19.32 35.09
C GLY D 276 -11.34 -20.76 35.22
N SER D 277 -11.86 -21.31 34.14
CA SER D 277 -12.31 -22.68 34.13
C SER D 277 -11.14 -23.67 34.12
N PRO D 278 -11.30 -24.83 34.77
CA PRO D 278 -10.25 -25.85 34.67
C PRO D 278 -10.37 -26.70 33.39
N ASN D 279 -11.45 -26.53 32.64
CA ASN D 279 -11.75 -27.37 31.48
C ASN D 279 -11.75 -26.62 30.14
N TYR D 280 -11.75 -25.29 30.19
CA TYR D 280 -11.78 -24.47 28.98
C TYR D 280 -10.71 -23.38 29.01
N GLY D 281 -10.50 -22.73 27.87
CA GLY D 281 -9.67 -21.54 27.80
C GLY D 281 -8.17 -21.77 27.73
N ILE D 282 -7.41 -20.90 28.38
CA ILE D 282 -5.95 -20.94 28.29
C ILE D 282 -5.37 -20.87 29.69
N ALA D 283 -4.38 -21.72 29.97
CA ALA D 283 -3.81 -21.81 31.31
C ALA D 283 -3.25 -20.47 31.86
N ALA D 284 -3.42 -20.26 33.15
CA ALA D 284 -3.04 -19.00 33.80
C ALA D 284 -1.57 -18.66 33.66
N ASP D 285 -0.70 -19.67 33.64
CA ASP D 285 0.72 -19.44 33.44
C ASP D 285 1.04 -18.88 32.04
N ILE D 286 0.37 -19.37 31.01
CA ILE D 286 0.50 -18.83 29.65
C ILE D 286 0.03 -17.36 29.58
N VAL D 287 -1.22 -17.14 29.97
CA VAL D 287 -1.84 -15.82 29.90
C VAL D 287 -1.12 -14.72 30.71
N LEU D 288 -0.68 -15.06 31.93
CA LEU D 288 -0.06 -14.08 32.83
C LEU D 288 1.46 -14.20 32.98
N GLY D 289 2.04 -15.27 32.44
CA GLY D 289 3.47 -15.46 32.52
C GLY D 289 4.15 -15.40 31.16
N GLN D 290 3.97 -16.45 30.35
CA GLN D 290 4.66 -16.59 29.08
C GLN D 290 4.38 -15.42 28.13
N LEU D 291 3.09 -15.17 27.90
CA LEU D 291 2.69 -14.11 26.98
C LEU D 291 3.06 -12.72 27.49
N ARG D 293 5.68 -11.88 29.28
CA ARG D 293 7.09 -11.69 29.03
C ARG D 293 7.35 -11.29 27.59
N LEU D 294 6.77 -12.04 26.65
CA LEU D 294 6.90 -11.75 25.23
C LEU D 294 6.45 -10.34 24.93
N ALA D 295 5.37 -9.91 25.59
CA ALA D 295 4.79 -8.60 25.35
C ALA D 295 5.57 -7.43 25.98
N GLY D 296 6.45 -7.71 26.94
CA GLY D 296 7.33 -6.67 27.45
C GLY D 296 7.01 -6.14 28.84
N ALA D 297 6.25 -6.92 29.61
CA ALA D 297 6.02 -6.58 31.01
C ALA D 297 7.34 -6.54 31.78
N ASP D 298 7.57 -5.45 32.50
CA ASP D 298 8.73 -5.36 33.37
C ASP D 298 8.38 -5.83 34.77
N ILE D 299 7.14 -5.56 35.19
CA ILE D 299 6.59 -6.12 36.41
C ILE D 299 5.21 -6.74 36.13
N GLY D 300 5.04 -7.99 36.55
CA GLY D 300 3.81 -8.74 36.29
C GLY D 300 2.95 -8.99 37.52
N ILE D 301 1.71 -8.51 37.47
CA ILE D 301 0.79 -8.68 38.58
C ILE D 301 -0.06 -9.92 38.35
N PHE D 302 -0.20 -10.74 39.39
CA PHE D 302 -1.00 -11.95 39.31
C PHE D 302 -1.43 -12.34 40.73
N PRO D 303 -2.52 -13.11 40.86
CA PRO D 303 -2.92 -13.49 42.22
C PRO D 303 -1.94 -14.44 42.90
N SER D 304 -1.64 -14.17 44.15
CA SER D 304 -0.70 -15.01 44.90
C SER D 304 -1.35 -16.30 45.38
N TYR D 306 -1.75 -16.75 48.42
CA TYR D 306 -2.13 -16.35 49.77
C TYR D 306 -3.50 -15.67 49.85
N GLY D 307 -4.14 -15.48 48.70
CA GLY D 307 -5.47 -14.88 48.64
C GLY D 307 -6.59 -15.91 48.70
N SER D 308 -7.84 -15.45 48.64
CA SER D 308 -9.01 -16.32 48.68
C SER D 308 -9.03 -17.29 47.51
N VAL D 309 -8.61 -16.79 46.35
CA VAL D 309 -8.64 -17.53 45.11
C VAL D 309 -7.26 -17.46 44.47
N THR D 310 -6.61 -18.60 44.33
CA THR D 310 -5.25 -18.63 43.79
C THR D 310 -5.27 -19.19 42.37
N LEU D 311 -4.09 -19.36 41.78
CA LEU D 311 -3.99 -19.94 40.46
C LEU D 311 -3.78 -21.45 40.54
N GLY D 312 -3.56 -21.92 41.77
CA GLY D 312 -3.12 -23.29 42.01
C GLY D 312 -1.59 -23.40 42.05
N ARG D 313 -1.07 -24.44 42.71
CA ARG D 313 0.37 -24.64 42.82
C ARG D 313 1.06 -24.86 41.47
N GLU D 314 0.47 -25.69 40.60
CA GLU D 314 1.08 -26.02 39.32
C GLU D 314 1.19 -24.80 38.43
N ALA D 315 0.06 -24.13 38.20
CA ALA D 315 0.00 -22.95 37.37
C ALA D 315 0.97 -21.89 37.92
N THR D 316 0.88 -21.62 39.22
CA THR D 316 1.72 -20.60 39.83
C THR D 316 3.21 -20.89 39.66
N ASP D 317 3.60 -22.14 39.84
CA ASP D 317 5.01 -22.49 39.64
C ASP D 317 5.41 -22.27 38.19
N ARG D 318 4.64 -22.83 37.26
CA ARG D 318 4.86 -22.65 35.82
C ARG D 318 4.97 -21.18 35.42
N LEU D 319 4.11 -20.34 35.99
CA LEU D 319 4.10 -18.91 35.74
C LEU D 319 5.40 -18.22 36.17
N LEU D 320 5.88 -18.55 37.36
CA LEU D 320 7.10 -17.91 37.87
C LEU D 320 8.29 -18.32 37.02
N GLN D 321 8.26 -19.56 36.53
CA GLN D 321 9.30 -20.08 35.65
C GLN D 321 9.33 -19.31 34.33
N HIS D 322 8.16 -18.97 33.79
CA HIS D 322 8.08 -18.15 32.59
C HIS D 322 8.68 -16.78 32.78
N LEU D 323 8.38 -16.15 33.90
CA LEU D 323 8.90 -14.83 34.20
C LEU D 323 10.41 -14.84 34.30
N ARG D 324 10.97 -16.02 34.58
CA ARG D 324 12.35 -16.08 35.05
C ARG D 324 13.33 -16.97 34.27
N ALA D 325 12.83 -17.99 33.56
CA ALA D 325 13.71 -18.91 32.84
C ALA D 325 14.67 -18.14 31.93
N GLU D 326 15.85 -18.70 31.72
CA GLU D 326 16.87 -17.99 30.97
C GLU D 326 16.53 -18.12 29.50
N GLY D 327 16.70 -17.02 28.77
CA GLY D 327 16.23 -16.97 27.41
C GLY D 327 16.56 -15.63 26.78
N PRO D 328 16.10 -15.44 25.55
CA PRO D 328 16.45 -14.25 24.77
C PRO D 328 15.97 -12.93 25.38
N HIS D 329 15.01 -13.00 26.29
CA HIS D 329 14.47 -11.79 26.92
C HIS D 329 14.93 -11.62 28.36
N LYS D 330 14.82 -10.40 28.87
CA LYS D 330 15.05 -10.13 30.29
C LYS D 330 13.94 -10.75 31.13
N PRO D 331 14.26 -11.11 32.39
CA PRO D 331 13.29 -11.64 33.35
C PRO D 331 12.38 -10.55 33.93
N VAL D 332 11.26 -10.98 34.50
CA VAL D 332 10.24 -10.08 34.98
C VAL D 332 10.14 -10.11 36.51
N LEU D 333 9.97 -8.94 37.11
CA LEU D 333 9.67 -8.84 38.52
C LEU D 333 8.25 -9.37 38.78
N PRO D 334 8.14 -10.38 39.65
CA PRO D 334 6.80 -10.88 40.00
C PRO D 334 6.15 -10.00 41.04
N ALA D 335 4.86 -9.71 40.88
CA ALA D 335 4.14 -8.92 41.87
C ALA D 335 2.83 -9.59 42.33
N PRO D 336 2.96 -10.66 43.13
CA PRO D 336 1.83 -11.45 43.63
C PRO D 336 0.88 -10.57 44.42
N SER D 337 -0.42 -10.70 44.18
CA SER D 337 -1.35 -9.85 44.87
C SER D 337 -2.30 -10.64 45.77
N ALA D 338 -2.92 -9.91 46.72
CA ALA D 338 -3.81 -10.45 47.75
C ALA D 338 -3.09 -11.15 48.92
N GLY D 339 -3.45 -10.77 50.14
CA GLY D 339 -2.87 -11.39 51.32
C GLY D 339 -1.43 -10.99 51.60
N ILE D 340 -0.97 -9.94 50.94
CA ILE D 340 0.38 -9.43 51.13
C ILE D 340 0.45 -8.54 52.38
N TYR D 341 1.02 -9.08 53.46
CA TYR D 341 1.14 -8.38 54.74
C TYR D 341 2.53 -8.57 55.33
N PRO D 342 3.02 -7.60 56.13
CA PRO D 342 4.38 -7.64 56.70
C PRO D 342 4.72 -8.97 57.41
N GLY D 343 3.73 -9.63 57.99
CA GLY D 343 3.96 -10.91 58.64
C GLY D 343 4.24 -12.03 57.65
N LEU D 344 3.94 -11.79 56.38
CA LEU D 344 4.15 -12.78 55.34
C LEU D 344 5.52 -12.66 54.68
N VAL D 345 6.18 -11.52 54.90
CA VAL D 345 7.46 -11.20 54.25
C VAL D 345 8.51 -12.34 54.17
N PRO D 346 8.85 -12.98 55.31
CA PRO D 346 9.86 -14.04 55.24
C PRO D 346 9.40 -15.23 54.40
N ARG D 347 8.10 -15.52 54.42
CA ARG D 347 7.55 -16.61 53.62
C ARG D 347 7.78 -16.28 52.15
N LEU D 348 7.54 -15.02 51.79
CA LEU D 348 7.70 -14.56 50.40
C LEU D 348 9.14 -14.67 49.92
N TYR D 349 10.09 -14.33 50.79
CA TYR D 349 11.51 -14.49 50.52
C TYR D 349 11.80 -15.93 50.08
N GLN D 350 11.26 -16.89 50.83
CA GLN D 350 11.44 -18.31 50.54
C GLN D 350 10.91 -18.69 49.15
N ASP D 351 9.72 -18.23 48.84
CA ASP D 351 9.04 -18.62 47.61
C ASP D 351 9.56 -17.94 46.34
N PHE D 352 9.97 -16.67 46.46
CA PHE D 352 10.37 -15.89 45.29
C PHE D 352 11.84 -15.46 45.31
N GLY D 353 12.43 -15.37 46.50
CA GLY D 353 13.75 -14.79 46.63
C GLY D 353 13.63 -13.28 46.65
N VAL D 354 14.78 -12.61 46.52
CA VAL D 354 14.84 -11.15 46.60
C VAL D 354 14.12 -10.45 45.44
N ASP D 355 14.31 -10.97 44.23
CA ASP D 355 13.69 -10.35 43.05
C ASP D 355 12.17 -10.50 43.07
N LEU D 356 11.50 -9.55 43.71
CA LEU D 356 10.08 -9.63 43.99
C LEU D 356 9.54 -8.24 44.34
N VAL D 357 8.31 -7.96 43.91
CA VAL D 357 7.61 -6.74 44.29
C VAL D 357 6.50 -7.02 45.32
N LEU D 358 6.62 -6.42 46.50
CA LEU D 358 5.59 -6.54 47.53
C LEU D 358 4.37 -5.69 47.17
N ASN D 359 3.42 -6.30 46.50
CA ASN D 359 2.20 -5.63 46.06
C ASN D 359 1.21 -5.51 47.22
N ALA D 360 1.11 -4.32 47.82
CA ALA D 360 0.24 -4.13 48.98
C ALA D 360 -0.88 -3.13 48.73
N GLY D 361 -2.12 -3.56 48.97
CA GLY D 361 -3.26 -2.65 48.92
C GLY D 361 -3.78 -2.36 50.32
N GLY D 362 -4.35 -3.39 50.95
CA GLY D 362 -4.88 -3.25 52.29
C GLY D 362 -3.81 -3.36 53.35
N GLY D 363 -2.65 -3.90 52.99
CA GLY D 363 -1.50 -3.91 53.88
C GLY D 363 -1.10 -2.50 54.28
N ILE D 364 -1.21 -1.58 53.32
CA ILE D 364 -0.89 -0.18 53.54
C ILE D 364 -2.08 0.58 54.15
N HIS D 365 -3.16 0.68 53.39
CA HIS D 365 -4.34 1.43 53.82
C HIS D 365 -5.10 0.81 54.99
N GLY D 366 -4.80 -0.45 55.30
CA GLY D 366 -5.51 -1.14 56.36
C GLY D 366 -4.83 -0.99 57.69
N HIS D 367 -3.58 -0.53 57.67
CA HIS D 367 -2.82 -0.35 58.91
C HIS D 367 -3.58 0.56 59.87
N PRO D 368 -3.48 0.28 61.18
CA PRO D 368 -4.09 1.15 62.18
C PRO D 368 -3.60 2.59 62.05
N GLY D 369 -2.29 2.79 62.14
CA GLY D 369 -1.71 4.13 62.11
C GLY D 369 -1.61 4.78 60.74
N GLY D 370 -2.58 4.50 59.88
CA GLY D 370 -2.66 5.16 58.58
C GLY D 370 -1.67 4.70 57.53
N ALA D 371 -1.89 5.13 56.30
CA ALA D 371 -1.12 4.63 55.17
C ALA D 371 0.39 4.80 55.29
N ARG D 372 0.83 5.79 56.06
CA ARG D 372 2.26 6.06 56.25
C ARG D 372 2.93 4.98 57.10
N GLY D 374 1.75 2.19 57.32
CA GLY D 374 1.56 1.00 56.50
C GLY D 374 2.86 0.54 55.86
N GLY D 375 3.48 1.42 55.08
CA GLY D 375 4.70 1.09 54.37
C GLY D 375 5.91 0.83 55.25
N ARG D 376 5.98 1.49 56.41
CA ARG D 376 7.13 1.37 57.28
C ARG D 376 7.25 -0.06 57.79
N ALA D 377 6.09 -0.64 58.13
CA ALA D 377 6.01 -2.02 58.58
C ALA D 377 6.67 -2.98 57.61
N PHE D 378 6.56 -2.70 56.32
CA PHE D 378 7.11 -3.60 55.31
C PHE D 378 8.64 -3.52 55.26
N PHE D 379 9.18 -2.34 55.53
CA PHE D 379 10.61 -2.18 55.54
C PHE D 379 11.20 -2.74 56.83
N ASP D 380 10.42 -2.68 57.91
CA ASP D 380 10.84 -3.24 59.19
C ASP D 380 11.04 -4.75 59.09
N ALA D 381 10.09 -5.41 58.41
CA ALA D 381 10.15 -6.85 58.20
C ALA D 381 11.25 -7.25 57.21
N ILE D 382 11.47 -6.42 56.19
CA ILE D 382 12.58 -6.66 55.27
C ILE D 382 13.89 -6.60 56.05
N TRP D 383 14.04 -5.57 56.86
CA TRP D 383 15.20 -5.46 57.75
C TRP D 383 15.30 -6.68 58.64
N ALA D 384 14.15 -7.17 59.14
CA ALA D 384 14.11 -8.35 59.98
C ALA D 384 14.72 -9.58 59.30
N VAL D 385 14.29 -9.86 58.07
CA VAL D 385 14.83 -10.96 57.30
C VAL D 385 16.32 -10.75 56.99
N GLU D 386 16.70 -9.48 56.82
CA GLU D 386 18.09 -9.12 56.57
C GLU D 386 19.01 -9.51 57.72
N HIS D 387 18.75 -8.94 58.90
CA HIS D 387 19.61 -9.17 60.07
C HIS D 387 19.17 -10.37 60.89
N GLY D 388 18.61 -11.37 60.22
CA GLY D 388 18.25 -12.63 60.87
C GLY D 388 17.35 -12.55 62.10
N VAL D 389 16.87 -11.35 62.41
CA VAL D 389 16.08 -11.14 63.62
C VAL D 389 14.62 -11.58 63.44
N PRO D 390 14.09 -12.34 64.41
CA PRO D 390 12.71 -12.83 64.36
C PRO D 390 11.71 -11.69 64.26
N LEU D 391 10.62 -11.91 63.52
CA LEU D 391 9.60 -10.89 63.28
C LEU D 391 9.07 -10.30 64.59
N GLU D 392 8.55 -11.16 65.45
CA GLU D 392 8.02 -10.74 66.75
C GLU D 392 9.11 -10.13 67.63
N GLU D 393 10.35 -10.60 67.45
CA GLU D 393 11.49 -10.05 68.19
C GLU D 393 11.83 -8.65 67.72
N ALA D 394 11.95 -8.49 66.39
CA ALA D 394 12.32 -7.21 65.80
C ALA D 394 11.23 -6.16 65.96
N ALA D 395 9.99 -6.62 66.15
CA ALA D 395 8.85 -5.73 66.32
C ALA D 395 8.86 -5.02 67.68
N LYS D 396 9.68 -5.51 68.60
CA LYS D 396 9.79 -4.90 69.92
C LYS D 396 10.15 -3.42 69.81
N ASP D 397 11.24 -3.11 69.11
CA ASP D 397 11.73 -1.74 69.03
C ASP D 397 11.27 -1.03 67.76
N ARG D 398 10.24 -1.58 67.12
CA ARG D 398 9.66 -0.98 65.91
C ARG D 398 8.13 -1.10 65.95
N PRO D 399 7.45 -0.03 66.41
CA PRO D 399 5.99 -0.05 66.61
C PRO D 399 5.23 -0.25 65.31
N ALA D 400 5.82 0.15 64.18
CA ALA D 400 5.19 -0.05 62.88
C ALA D 400 4.93 -1.53 62.62
N LEU D 401 5.99 -2.34 62.64
CA LEU D 401 5.85 -3.78 62.43
C LEU D 401 4.98 -4.43 63.49
N ARG D 402 5.19 -4.03 64.75
CA ARG D 402 4.45 -4.59 65.87
C ARG D 402 2.94 -4.45 65.66
N GLN D 403 2.49 -3.25 65.32
CA GLN D 403 1.08 -3.00 65.03
C GLN D 403 0.57 -3.95 63.94
N ALA D 404 1.41 -4.17 62.93
CA ALA D 404 1.03 -5.03 61.81
C ALA D 404 0.89 -6.48 62.26
N LEU D 405 1.65 -6.84 63.29
CA LEU D 405 1.58 -8.20 63.82
C LEU D 405 0.27 -8.41 64.56
N GLU D 406 -0.31 -7.32 65.06
CA GLU D 406 -1.52 -7.40 65.87
C GLU D 406 -2.80 -7.54 65.03
N LYS D 407 -2.81 -6.89 63.86
CA LYS D 407 -4.00 -6.87 63.02
C LYS D 407 -4.00 -8.01 61.99
N TRP D 408 -2.81 -8.47 61.62
CA TRP D 408 -2.68 -9.57 60.67
C TRP D 408 -1.68 -10.59 61.20
#